data_1EF5
# 
_entry.id   1EF5 
# 
_audit_conform.dict_name       mmcif_pdbx.dic 
_audit_conform.dict_version    5.392 
_audit_conform.dict_location   http://mmcif.pdb.org/dictionaries/ascii/mmcif_pdbx.dic 
# 
loop_
_database_2.database_id 
_database_2.database_code 
_database_2.pdbx_database_accession 
_database_2.pdbx_DOI 
PDB   1EF5         pdb_00001ef5 10.2210/pdb1ef5/pdb 
RCSB  RCSB010517   ?            ?                   
WWPDB D_1000010517 ?            ?                   
# 
loop_
_pdbx_audit_revision_history.ordinal 
_pdbx_audit_revision_history.data_content_type 
_pdbx_audit_revision_history.major_revision 
_pdbx_audit_revision_history.minor_revision 
_pdbx_audit_revision_history.revision_date 
1 'Structure model' 1 0 2000-02-23 
2 'Structure model' 1 1 2008-04-27 
3 'Structure model' 1 2 2011-07-13 
4 'Structure model' 1 3 2022-02-16 
5 'Structure model' 1 4 2024-05-22 
# 
_pdbx_audit_revision_details.ordinal             1 
_pdbx_audit_revision_details.revision_ordinal    1 
_pdbx_audit_revision_details.data_content_type   'Structure model' 
_pdbx_audit_revision_details.provider            repository 
_pdbx_audit_revision_details.type                'Initial release' 
_pdbx_audit_revision_details.description         ? 
_pdbx_audit_revision_details.details             ? 
# 
loop_
_pdbx_audit_revision_group.ordinal 
_pdbx_audit_revision_group.revision_ordinal 
_pdbx_audit_revision_group.data_content_type 
_pdbx_audit_revision_group.group 
1 2 'Structure model' 'Version format compliance' 
2 3 'Structure model' 'Version format compliance' 
3 4 'Structure model' 'Data collection'           
4 4 'Structure model' 'Database references'       
5 4 'Structure model' 'Derived calculations'      
6 5 'Structure model' 'Data collection'           
# 
loop_
_pdbx_audit_revision_category.ordinal 
_pdbx_audit_revision_category.revision_ordinal 
_pdbx_audit_revision_category.data_content_type 
_pdbx_audit_revision_category.category 
1 4 'Structure model' database_2            
2 4 'Structure model' pdbx_nmr_software     
3 4 'Structure model' pdbx_struct_assembly  
4 4 'Structure model' pdbx_struct_oper_list 
5 5 'Structure model' chem_comp_atom        
6 5 'Structure model' chem_comp_bond        
# 
loop_
_pdbx_audit_revision_item.ordinal 
_pdbx_audit_revision_item.revision_ordinal 
_pdbx_audit_revision_item.data_content_type 
_pdbx_audit_revision_item.item 
1 4 'Structure model' '_database_2.pdbx_DOI'                
2 4 'Structure model' '_database_2.pdbx_database_accession' 
3 4 'Structure model' '_pdbx_nmr_software.name'             
# 
_pdbx_database_status.status_code                     REL 
_pdbx_database_status.entry_id                        1EF5 
_pdbx_database_status.recvd_initial_deposition_date   2000-02-07 
_pdbx_database_status.deposit_site                    RCSB 
_pdbx_database_status.process_site                    RCSB 
_pdbx_database_status.status_code_mr                  REL 
_pdbx_database_status.SG_entry                        Y 
_pdbx_database_status.pdb_format_compatible           Y 
_pdbx_database_status.status_code_sf                  ? 
_pdbx_database_status.status_code_cs                  ? 
_pdbx_database_status.status_code_nmr_data            ? 
_pdbx_database_status.methods_development_category    ? 
# 
_pdbx_database_related.db_name        TargetDB 
_pdbx_database_related.db_id          trt001000187.1 
_pdbx_database_related.details        . 
_pdbx_database_related.content_type   unspecified 
# 
loop_
_audit_author.name 
_audit_author.pdbx_ordinal 
'Kigawa, T.'                                             1 
'Endo, M.'                                               2 
'Ito, Y.'                                                3 
'Shirouzu, M.'                                           4 
'Kikuchi, A.'                                            5 
'Yokoyama, S.'                                           6 
'RIKEN Structural Genomics/Proteomics Initiative (RSGI)' 7 
# 
_citation.id                        primary 
_citation.title                     'Solution structure of the Ras-binding domain of RGL.' 
_citation.journal_abbrev            'FEBS Lett.' 
_citation.journal_volume            441 
_citation.page_first                413 
_citation.page_last                 418 
_citation.year                      1998 
_citation.journal_id_ASTM           FEBLAL 
_citation.country                   NE 
_citation.journal_id_ISSN           0014-5793 
_citation.journal_id_CSD            0165 
_citation.book_publisher            ? 
_citation.pdbx_database_id_PubMed   9891982 
_citation.pdbx_database_id_DOI      '10.1016/S0014-5793(98)01596-8' 
# 
loop_
_citation_author.citation_id 
_citation_author.name 
_citation_author.ordinal 
_citation_author.identifier_ORCID 
primary 'Kigawa, T.'   1 ? 
primary 'Endo, M.'     2 ? 
primary 'Ito, Y.'      3 ? 
primary 'Shirouzu, M.' 4 ? 
primary 'Kikuchi, A.'  5 ? 
primary 'Yokoyama, S.' 6 ? 
# 
_entity.id                         1 
_entity.type                       polymer 
_entity.src_method                 man 
_entity.pdbx_description           RGL 
_entity.formula_weight             11737.146 
_entity.pdbx_number_of_molecules   1 
_entity.pdbx_ec                    ? 
_entity.pdbx_mutation              ? 
_entity.pdbx_fragment              'RAS-BINDING DOMAIN' 
_entity.details                    ? 
# 
_entity_poly.entity_id                      1 
_entity_poly.type                           'polypeptide(L)' 
_entity_poly.nstd_linkage                   no 
_entity_poly.nstd_monomer                   no 
_entity_poly.pdbx_seq_one_letter_code       
;SITSTVLPPVYNQQNEDTCIIRISVEDNNGNMYKSIMLTSQDKTPAVIQRAMSKHNLESDPAEEYELVQVISEDKELVIP
DSANVFYAMNSQVNFDFILRKKN
;
_entity_poly.pdbx_seq_one_letter_code_can   
;SITSTVLPPVYNQQNEDTCIIRISVEDNNGNMYKSIMLTSQDKTPAVIQRAMSKHNLESDPAEEYELVQVISEDKELVIP
DSANVFYAMNSQVNFDFILRKKN
;
_entity_poly.pdbx_strand_id                 A 
_entity_poly.pdbx_target_identifier         trt001000187.1 
# 
loop_
_entity_poly_seq.entity_id 
_entity_poly_seq.num 
_entity_poly_seq.mon_id 
_entity_poly_seq.hetero 
1 1   SER n 
1 2   ILE n 
1 3   THR n 
1 4   SER n 
1 5   THR n 
1 6   VAL n 
1 7   LEU n 
1 8   PRO n 
1 9   PRO n 
1 10  VAL n 
1 11  TYR n 
1 12  ASN n 
1 13  GLN n 
1 14  GLN n 
1 15  ASN n 
1 16  GLU n 
1 17  ASP n 
1 18  THR n 
1 19  CYS n 
1 20  ILE n 
1 21  ILE n 
1 22  ARG n 
1 23  ILE n 
1 24  SER n 
1 25  VAL n 
1 26  GLU n 
1 27  ASP n 
1 28  ASN n 
1 29  ASN n 
1 30  GLY n 
1 31  ASN n 
1 32  MET n 
1 33  TYR n 
1 34  LYS n 
1 35  SER n 
1 36  ILE n 
1 37  MET n 
1 38  LEU n 
1 39  THR n 
1 40  SER n 
1 41  GLN n 
1 42  ASP n 
1 43  LYS n 
1 44  THR n 
1 45  PRO n 
1 46  ALA n 
1 47  VAL n 
1 48  ILE n 
1 49  GLN n 
1 50  ARG n 
1 51  ALA n 
1 52  MET n 
1 53  SER n 
1 54  LYS n 
1 55  HIS n 
1 56  ASN n 
1 57  LEU n 
1 58  GLU n 
1 59  SER n 
1 60  ASP n 
1 61  PRO n 
1 62  ALA n 
1 63  GLU n 
1 64  GLU n 
1 65  TYR n 
1 66  GLU n 
1 67  LEU n 
1 68  VAL n 
1 69  GLN n 
1 70  VAL n 
1 71  ILE n 
1 72  SER n 
1 73  GLU n 
1 74  ASP n 
1 75  LYS n 
1 76  GLU n 
1 77  LEU n 
1 78  VAL n 
1 79  ILE n 
1 80  PRO n 
1 81  ASP n 
1 82  SER n 
1 83  ALA n 
1 84  ASN n 
1 85  VAL n 
1 86  PHE n 
1 87  TYR n 
1 88  ALA n 
1 89  MET n 
1 90  ASN n 
1 91  SER n 
1 92  GLN n 
1 93  VAL n 
1 94  ASN n 
1 95  PHE n 
1 96  ASP n 
1 97  PHE n 
1 98  ILE n 
1 99  LEU n 
1 100 ARG n 
1 101 LYS n 
1 102 LYS n 
1 103 ASN n 
# 
_entity_src_gen.entity_id                          1 
_entity_src_gen.pdbx_src_id                        1 
_entity_src_gen.pdbx_alt_source_flag               sample 
_entity_src_gen.pdbx_seq_type                      ? 
_entity_src_gen.pdbx_beg_seq_num                   ? 
_entity_src_gen.pdbx_end_seq_num                   ? 
_entity_src_gen.gene_src_common_name               'house mouse' 
_entity_src_gen.gene_src_genus                     Mus 
_entity_src_gen.pdbx_gene_src_gene                 ? 
_entity_src_gen.gene_src_species                   ? 
_entity_src_gen.gene_src_strain                    ? 
_entity_src_gen.gene_src_tissue                    ? 
_entity_src_gen.gene_src_tissue_fraction           ? 
_entity_src_gen.gene_src_details                   ? 
_entity_src_gen.pdbx_gene_src_fragment             ? 
_entity_src_gen.pdbx_gene_src_scientific_name      'Mus musculus' 
_entity_src_gen.pdbx_gene_src_ncbi_taxonomy_id     10090 
_entity_src_gen.pdbx_gene_src_variant              ? 
_entity_src_gen.pdbx_gene_src_cell_line            ? 
_entity_src_gen.pdbx_gene_src_atcc                 ? 
_entity_src_gen.pdbx_gene_src_organ                ? 
_entity_src_gen.pdbx_gene_src_organelle            ? 
_entity_src_gen.pdbx_gene_src_cell                 ? 
_entity_src_gen.pdbx_gene_src_cellular_location    ? 
_entity_src_gen.host_org_common_name               ? 
_entity_src_gen.pdbx_host_org_scientific_name      'Escherichia coli' 
_entity_src_gen.pdbx_host_org_ncbi_taxonomy_id     562 
_entity_src_gen.host_org_genus                     Escherichia 
_entity_src_gen.pdbx_host_org_gene                 ? 
_entity_src_gen.pdbx_host_org_organ                ? 
_entity_src_gen.host_org_species                   ? 
_entity_src_gen.pdbx_host_org_tissue               ? 
_entity_src_gen.pdbx_host_org_tissue_fraction      ? 
_entity_src_gen.pdbx_host_org_strain               DH5ALPHA 
_entity_src_gen.pdbx_host_org_variant              ? 
_entity_src_gen.pdbx_host_org_cell_line            ? 
_entity_src_gen.pdbx_host_org_atcc                 ? 
_entity_src_gen.pdbx_host_org_culture_collection   ? 
_entity_src_gen.pdbx_host_org_cell                 ? 
_entity_src_gen.pdbx_host_org_organelle            ? 
_entity_src_gen.pdbx_host_org_cellular_location    ? 
_entity_src_gen.pdbx_host_org_vector_type          ? 
_entity_src_gen.pdbx_host_org_vector               ? 
_entity_src_gen.host_org_details                   ? 
_entity_src_gen.expression_system_id               ? 
_entity_src_gen.plasmid_name                       PGEX2T 
_entity_src_gen.plasmid_details                    ? 
_entity_src_gen.pdbx_description                   ? 
# 
loop_
_chem_comp.id 
_chem_comp.type 
_chem_comp.mon_nstd_flag 
_chem_comp.name 
_chem_comp.pdbx_synonyms 
_chem_comp.formula 
_chem_comp.formula_weight 
ALA 'L-peptide linking' y ALANINE         ? 'C3 H7 N O2'     89.093  
ARG 'L-peptide linking' y ARGININE        ? 'C6 H15 N4 O2 1' 175.209 
ASN 'L-peptide linking' y ASPARAGINE      ? 'C4 H8 N2 O3'    132.118 
ASP 'L-peptide linking' y 'ASPARTIC ACID' ? 'C4 H7 N O4'     133.103 
CYS 'L-peptide linking' y CYSTEINE        ? 'C3 H7 N O2 S'   121.158 
GLN 'L-peptide linking' y GLUTAMINE       ? 'C5 H10 N2 O3'   146.144 
GLU 'L-peptide linking' y 'GLUTAMIC ACID' ? 'C5 H9 N O4'     147.129 
GLY 'peptide linking'   y GLYCINE         ? 'C2 H5 N O2'     75.067  
HIS 'L-peptide linking' y HISTIDINE       ? 'C6 H10 N3 O2 1' 156.162 
ILE 'L-peptide linking' y ISOLEUCINE      ? 'C6 H13 N O2'    131.173 
LEU 'L-peptide linking' y LEUCINE         ? 'C6 H13 N O2'    131.173 
LYS 'L-peptide linking' y LYSINE          ? 'C6 H15 N2 O2 1' 147.195 
MET 'L-peptide linking' y METHIONINE      ? 'C5 H11 N O2 S'  149.211 
PHE 'L-peptide linking' y PHENYLALANINE   ? 'C9 H11 N O2'    165.189 
PRO 'L-peptide linking' y PROLINE         ? 'C5 H9 N O2'     115.130 
SER 'L-peptide linking' y SERINE          ? 'C3 H7 N O3'     105.093 
THR 'L-peptide linking' y THREONINE       ? 'C4 H9 N O3'     119.119 
TYR 'L-peptide linking' y TYROSINE        ? 'C9 H11 N O3'    181.189 
VAL 'L-peptide linking' y VALINE          ? 'C5 H11 N O2'    117.146 
# 
loop_
_pdbx_poly_seq_scheme.asym_id 
_pdbx_poly_seq_scheme.entity_id 
_pdbx_poly_seq_scheme.seq_id 
_pdbx_poly_seq_scheme.mon_id 
_pdbx_poly_seq_scheme.ndb_seq_num 
_pdbx_poly_seq_scheme.pdb_seq_num 
_pdbx_poly_seq_scheme.auth_seq_num 
_pdbx_poly_seq_scheme.pdb_mon_id 
_pdbx_poly_seq_scheme.auth_mon_id 
_pdbx_poly_seq_scheme.pdb_strand_id 
_pdbx_poly_seq_scheme.pdb_ins_code 
_pdbx_poly_seq_scheme.hetero 
A 1 1   SER 1   632 ?   ?   ?   A . n 
A 1 2   ILE 2   633 ?   ?   ?   A . n 
A 1 3   THR 3   634 ?   ?   ?   A . n 
A 1 4   SER 4   635 ?   ?   ?   A . n 
A 1 5   THR 5   636 ?   ?   ?   A . n 
A 1 6   VAL 6   637 ?   ?   ?   A . n 
A 1 7   LEU 7   638 ?   ?   ?   A . n 
A 1 8   PRO 8   639 ?   ?   ?   A . n 
A 1 9   PRO 9   640 ?   ?   ?   A . n 
A 1 10  VAL 10  641 ?   ?   ?   A . n 
A 1 11  TYR 11  642 ?   ?   ?   A . n 
A 1 12  ASN 12  643 ?   ?   ?   A . n 
A 1 13  GLN 13  644 ?   ?   ?   A . n 
A 1 14  GLN 14  645 ?   ?   ?   A . n 
A 1 15  ASN 15  646 ?   ?   ?   A . n 
A 1 16  GLU 16  647 647 GLU GLU A . n 
A 1 17  ASP 17  648 648 ASP ASP A . n 
A 1 18  THR 18  649 649 THR THR A . n 
A 1 19  CYS 19  650 650 CYS CYS A . n 
A 1 20  ILE 20  651 651 ILE ILE A . n 
A 1 21  ILE 21  652 652 ILE ILE A . n 
A 1 22  ARG 22  653 653 ARG ARG A . n 
A 1 23  ILE 23  654 654 ILE ILE A . n 
A 1 24  SER 24  655 655 SER SER A . n 
A 1 25  VAL 25  656 656 VAL VAL A . n 
A 1 26  GLU 26  657 657 GLU GLU A . n 
A 1 27  ASP 27  658 658 ASP ASP A . n 
A 1 28  ASN 28  659 659 ASN ASN A . n 
A 1 29  ASN 29  660 660 ASN ASN A . n 
A 1 30  GLY 30  661 661 GLY GLY A . n 
A 1 31  ASN 31  662 662 ASN ASN A . n 
A 1 32  MET 32  663 663 MET MET A . n 
A 1 33  TYR 33  664 664 TYR TYR A . n 
A 1 34  LYS 34  665 665 LYS LYS A . n 
A 1 35  SER 35  666 666 SER SER A . n 
A 1 36  ILE 36  667 667 ILE ILE A . n 
A 1 37  MET 37  668 668 MET MET A . n 
A 1 38  LEU 38  669 669 LEU LEU A . n 
A 1 39  THR 39  670 670 THR THR A . n 
A 1 40  SER 40  671 671 SER SER A . n 
A 1 41  GLN 41  672 672 GLN GLN A . n 
A 1 42  ASP 42  673 673 ASP ASP A . n 
A 1 43  LYS 43  674 674 LYS LYS A . n 
A 1 44  THR 44  675 675 THR THR A . n 
A 1 45  PRO 45  676 676 PRO PRO A . n 
A 1 46  ALA 46  677 677 ALA ALA A . n 
A 1 47  VAL 47  678 678 VAL VAL A . n 
A 1 48  ILE 48  679 679 ILE ILE A . n 
A 1 49  GLN 49  680 680 GLN GLN A . n 
A 1 50  ARG 50  681 681 ARG ARG A . n 
A 1 51  ALA 51  682 682 ALA ALA A . n 
A 1 52  MET 52  683 683 MET MET A . n 
A 1 53  SER 53  684 684 SER SER A . n 
A 1 54  LYS 54  685 685 LYS LYS A . n 
A 1 55  HIS 55  686 686 HIS HIS A . n 
A 1 56  ASN 56  687 687 ASN ASN A . n 
A 1 57  LEU 57  688 688 LEU LEU A . n 
A 1 58  GLU 58  689 689 GLU GLU A . n 
A 1 59  SER 59  690 690 SER SER A . n 
A 1 60  ASP 60  691 691 ASP ASP A . n 
A 1 61  PRO 61  692 692 PRO PRO A . n 
A 1 62  ALA 62  693 693 ALA ALA A . n 
A 1 63  GLU 63  694 694 GLU GLU A . n 
A 1 64  GLU 64  695 695 GLU GLU A . n 
A 1 65  TYR 65  696 696 TYR TYR A . n 
A 1 66  GLU 66  697 697 GLU GLU A . n 
A 1 67  LEU 67  698 698 LEU LEU A . n 
A 1 68  VAL 68  699 699 VAL VAL A . n 
A 1 69  GLN 69  700 700 GLN GLN A . n 
A 1 70  VAL 70  701 701 VAL VAL A . n 
A 1 71  ILE 71  702 702 ILE ILE A . n 
A 1 72  SER 72  703 703 SER SER A . n 
A 1 73  GLU 73  704 704 GLU GLU A . n 
A 1 74  ASP 74  705 705 ASP ASP A . n 
A 1 75  LYS 75  706 706 LYS LYS A . n 
A 1 76  GLU 76  707 707 GLU GLU A . n 
A 1 77  LEU 77  708 708 LEU LEU A . n 
A 1 78  VAL 78  709 709 VAL VAL A . n 
A 1 79  ILE 79  710 710 ILE ILE A . n 
A 1 80  PRO 80  711 711 PRO PRO A . n 
A 1 81  ASP 81  712 712 ASP ASP A . n 
A 1 82  SER 82  713 713 SER SER A . n 
A 1 83  ALA 83  714 714 ALA ALA A . n 
A 1 84  ASN 84  715 715 ASN ASN A . n 
A 1 85  VAL 85  716 716 VAL VAL A . n 
A 1 86  PHE 86  717 717 PHE PHE A . n 
A 1 87  TYR 87  718 718 TYR TYR A . n 
A 1 88  ALA 88  719 719 ALA ALA A . n 
A 1 89  MET 89  720 720 MET MET A . n 
A 1 90  ASN 90  721 721 ASN ASN A . n 
A 1 91  SER 91  722 722 SER SER A . n 
A 1 92  GLN 92  723 723 GLN GLN A . n 
A 1 93  VAL 93  724 724 VAL VAL A . n 
A 1 94  ASN 94  725 725 ASN ASN A . n 
A 1 95  PHE 95  726 726 PHE PHE A . n 
A 1 96  ASP 96  727 727 ASP ASP A . n 
A 1 97  PHE 97  728 728 PHE PHE A . n 
A 1 98  ILE 98  729 729 ILE ILE A . n 
A 1 99  LEU 99  730 730 LEU LEU A . n 
A 1 100 ARG 100 731 731 ARG ARG A . n 
A 1 101 LYS 101 732 732 LYS LYS A . n 
A 1 102 LYS 102 733 733 LYS LYS A . n 
A 1 103 ASN 103 734 734 ASN ASN A . n 
# 
_cell.entry_id           1EF5 
_cell.length_a           1.000 
_cell.length_b           1.000 
_cell.length_c           1.000 
_cell.angle_alpha        90.00 
_cell.angle_beta         90.00 
_cell.angle_gamma        90.00 
_cell.Z_PDB              1 
_cell.pdbx_unique_axis   ? 
# 
_symmetry.entry_id                         1EF5 
_symmetry.space_group_name_H-M             'P 1' 
_symmetry.pdbx_full_space_group_name_H-M   ? 
_symmetry.cell_setting                     ? 
_symmetry.Int_Tables_number                1 
# 
_exptl.entry_id          1EF5 
_exptl.method            'SOLUTION NMR' 
_exptl.crystals_number   ? 
# 
_struct.entry_id                  1EF5 
_struct.title                     'SOLUTION STRUCTURE OF THE RAS-BINDING DOMAIN OF RGL' 
_struct.pdbx_model_details        ? 
_struct.pdbx_CASP_flag            ? 
_struct.pdbx_model_type_details   'minimized average' 
# 
_struct_keywords.entry_id        1EF5 
_struct_keywords.pdbx_keywords   'SIGNALING PROTEIN' 
_struct_keywords.text            
;RAS-BINDING DOMAIN, RGL, RAS, RBD, RA, RIKEN Structural Genomics/Proteomics Initiative, RSGI, Structural Genomics, SIGNALING PROTEIN
;
# 
_struct_asym.id                            A 
_struct_asym.pdbx_blank_PDB_chainid_flag   N 
_struct_asym.pdbx_modified                 N 
_struct_asym.entity_id                     1 
_struct_asym.details                       ? 
# 
_struct_ref.id                         1 
_struct_ref.db_name                    UNP 
_struct_ref.db_code                    RGL1_MOUSE 
_struct_ref.pdbx_db_accession          Q60695 
_struct_ref.entity_id                  1 
_struct_ref.pdbx_seq_one_letter_code   
;SITSTVLPPVYNQQNEDTCIIRISVEDNNGHMYKSIMLTSQDKTPAVIQRAMSKHNLESDPAEEYELVQVISEDKELVIP
DSANVFYAMNSQVNFDFILRKKN
;
_struct_ref.pdbx_align_begin           632 
_struct_ref.pdbx_db_isoform            ? 
# 
_struct_ref_seq.align_id                      1 
_struct_ref_seq.ref_id                        1 
_struct_ref_seq.pdbx_PDB_id_code              1EF5 
_struct_ref_seq.pdbx_strand_id                A 
_struct_ref_seq.seq_align_beg                 1 
_struct_ref_seq.pdbx_seq_align_beg_ins_code   ? 
_struct_ref_seq.seq_align_end                 103 
_struct_ref_seq.pdbx_seq_align_end_ins_code   ? 
_struct_ref_seq.pdbx_db_accession             Q60695 
_struct_ref_seq.db_align_beg                  632 
_struct_ref_seq.pdbx_db_align_beg_ins_code    ? 
_struct_ref_seq.db_align_end                  734 
_struct_ref_seq.pdbx_db_align_end_ins_code    ? 
_struct_ref_seq.pdbx_auth_seq_align_beg       632 
_struct_ref_seq.pdbx_auth_seq_align_end       734 
# 
_struct_ref_seq_dif.align_id                     1 
_struct_ref_seq_dif.pdbx_pdb_id_code             1EF5 
_struct_ref_seq_dif.mon_id                       ASN 
_struct_ref_seq_dif.pdbx_pdb_strand_id           A 
_struct_ref_seq_dif.seq_num                      31 
_struct_ref_seq_dif.pdbx_pdb_ins_code            ? 
_struct_ref_seq_dif.pdbx_seq_db_name             UNP 
_struct_ref_seq_dif.pdbx_seq_db_accession_code   Q60695 
_struct_ref_seq_dif.db_mon_id                    HIS 
_struct_ref_seq_dif.pdbx_seq_db_seq_num          662 
_struct_ref_seq_dif.details                      'see remark 999' 
_struct_ref_seq_dif.pdbx_auth_seq_num            662 
_struct_ref_seq_dif.pdbx_ordinal                 1 
# 
_pdbx_struct_assembly.id                   1 
_pdbx_struct_assembly.details              author_defined_assembly 
_pdbx_struct_assembly.method_details       ? 
_pdbx_struct_assembly.oligomeric_details   monomeric 
_pdbx_struct_assembly.oligomeric_count     1 
# 
_pdbx_struct_assembly_gen.assembly_id       1 
_pdbx_struct_assembly_gen.oper_expression   1 
_pdbx_struct_assembly_gen.asym_id_list      A 
# 
_pdbx_struct_oper_list.id                   1 
_pdbx_struct_oper_list.type                 'identity operation' 
_pdbx_struct_oper_list.name                 1_555 
_pdbx_struct_oper_list.symmetry_operation   x,y,z 
_pdbx_struct_oper_list.matrix[1][1]         1.0000000000 
_pdbx_struct_oper_list.matrix[1][2]         0.0000000000 
_pdbx_struct_oper_list.matrix[1][3]         0.0000000000 
_pdbx_struct_oper_list.vector[1]            0.0000000000 
_pdbx_struct_oper_list.matrix[2][1]         0.0000000000 
_pdbx_struct_oper_list.matrix[2][2]         1.0000000000 
_pdbx_struct_oper_list.matrix[2][3]         0.0000000000 
_pdbx_struct_oper_list.vector[2]            0.0000000000 
_pdbx_struct_oper_list.matrix[3][1]         0.0000000000 
_pdbx_struct_oper_list.matrix[3][2]         0.0000000000 
_pdbx_struct_oper_list.matrix[3][3]         1.0000000000 
_pdbx_struct_oper_list.vector[3]            0.0000000000 
# 
_struct_biol.id   1 
# 
_struct_conf.conf_type_id            HELX_P 
_struct_conf.id                      HELX_P1 
_struct_conf.pdbx_PDB_helix_id       1 
_struct_conf.beg_label_comp_id       THR 
_struct_conf.beg_label_asym_id       A 
_struct_conf.beg_label_seq_id        44 
_struct_conf.pdbx_beg_PDB_ins_code   ? 
_struct_conf.end_label_comp_id       MET 
_struct_conf.end_label_asym_id       A 
_struct_conf.end_label_seq_id        52 
_struct_conf.pdbx_end_PDB_ins_code   ? 
_struct_conf.beg_auth_comp_id        THR 
_struct_conf.beg_auth_asym_id        A 
_struct_conf.beg_auth_seq_id         675 
_struct_conf.end_auth_comp_id        MET 
_struct_conf.end_auth_asym_id        A 
_struct_conf.end_auth_seq_id         683 
_struct_conf.pdbx_PDB_helix_class    1 
_struct_conf.details                 ? 
_struct_conf.pdbx_PDB_helix_length   9 
# 
_struct_conf_type.id          HELX_P 
_struct_conf_type.criteria    ? 
_struct_conf_type.reference   ? 
# 
_struct_sheet.id               A 
_struct_sheet.type             ? 
_struct_sheet.number_strands   4 
_struct_sheet.details          ? 
# 
loop_
_struct_sheet_order.sheet_id 
_struct_sheet_order.range_id_1 
_struct_sheet_order.range_id_2 
_struct_sheet_order.offset 
_struct_sheet_order.sense 
A 1 2 ? parallel      
A 2 3 ? anti-parallel 
A 3 4 ? anti-parallel 
# 
loop_
_struct_sheet_range.sheet_id 
_struct_sheet_range.id 
_struct_sheet_range.beg_label_comp_id 
_struct_sheet_range.beg_label_asym_id 
_struct_sheet_range.beg_label_seq_id 
_struct_sheet_range.pdbx_beg_PDB_ins_code 
_struct_sheet_range.end_label_comp_id 
_struct_sheet_range.end_label_asym_id 
_struct_sheet_range.end_label_seq_id 
_struct_sheet_range.pdbx_end_PDB_ins_code 
_struct_sheet_range.beg_auth_comp_id 
_struct_sheet_range.beg_auth_asym_id 
_struct_sheet_range.beg_auth_seq_id 
_struct_sheet_range.end_auth_comp_id 
_struct_sheet_range.end_auth_asym_id 
_struct_sheet_range.end_auth_seq_id 
A 1 ILE A 21 ? VAL A 25  ? ILE A 652 VAL A 656 
A 2 PHE A 95 ? LYS A 101 ? PHE A 726 LYS A 732 
A 3 TYR A 65 ? VAL A 70  ? TYR A 696 VAL A 701 
A 4 LEU A 77 ? VAL A 78  ? LEU A 708 VAL A 709 
# 
loop_
_pdbx_struct_sheet_hbond.sheet_id 
_pdbx_struct_sheet_hbond.range_id_1 
_pdbx_struct_sheet_hbond.range_id_2 
_pdbx_struct_sheet_hbond.range_1_label_atom_id 
_pdbx_struct_sheet_hbond.range_1_label_comp_id 
_pdbx_struct_sheet_hbond.range_1_label_asym_id 
_pdbx_struct_sheet_hbond.range_1_label_seq_id 
_pdbx_struct_sheet_hbond.range_1_PDB_ins_code 
_pdbx_struct_sheet_hbond.range_1_auth_atom_id 
_pdbx_struct_sheet_hbond.range_1_auth_comp_id 
_pdbx_struct_sheet_hbond.range_1_auth_asym_id 
_pdbx_struct_sheet_hbond.range_1_auth_seq_id 
_pdbx_struct_sheet_hbond.range_2_label_atom_id 
_pdbx_struct_sheet_hbond.range_2_label_comp_id 
_pdbx_struct_sheet_hbond.range_2_label_asym_id 
_pdbx_struct_sheet_hbond.range_2_label_seq_id 
_pdbx_struct_sheet_hbond.range_2_PDB_ins_code 
_pdbx_struct_sheet_hbond.range_2_auth_atom_id 
_pdbx_struct_sheet_hbond.range_2_auth_comp_id 
_pdbx_struct_sheet_hbond.range_2_auth_asym_id 
_pdbx_struct_sheet_hbond.range_2_auth_seq_id 
A 1 2 N ARG A 22  ? N ARG A 653 O PHE A 95 ? O PHE A 726 
A 2 3 N ARG A 100 ? N ARG A 731 O GLU A 66 ? O GLU A 697 
A 3 4 N GLN A 69  ? N GLN A 700 O LEU A 77 ? O LEU A 708 
# 
loop_
_pdbx_validate_torsion.id 
_pdbx_validate_torsion.PDB_model_num 
_pdbx_validate_torsion.auth_comp_id 
_pdbx_validate_torsion.auth_asym_id 
_pdbx_validate_torsion.auth_seq_id 
_pdbx_validate_torsion.PDB_ins_code 
_pdbx_validate_torsion.label_alt_id 
_pdbx_validate_torsion.phi 
_pdbx_validate_torsion.psi 
1  1 ASP A 648 ? ? 45.05   84.58   
2  1 VAL A 656 ? ? -101.72 56.50   
3  1 GLU A 657 ? ? -154.76 64.72   
4  1 ASP A 658 ? ? 42.06   -142.96 
5  1 ASN A 659 ? ? 57.64   114.19  
6  1 TYR A 664 ? ? -110.05 -78.17  
7  1 SER A 666 ? ? 173.09  48.72   
8  1 LEU A 669 ? ? -44.17  169.31  
9  1 SER A 671 ? ? 170.13  58.30   
10 1 GLN A 672 ? ? -179.50 104.71  
11 1 ASP A 673 ? ? 170.29  139.94  
12 1 LYS A 674 ? ? -174.74 -75.72  
13 1 THR A 675 ? ? -38.70  -179.55 
14 1 PRO A 676 ? ? -28.20  -27.51  
15 1 MET A 683 ? ? -90.06  -72.28  
16 1 LYS A 685 ? ? -61.92  -84.37  
17 1 HIS A 686 ? ? -48.34  -86.12  
18 1 ASN A 687 ? ? 159.31  56.59   
19 1 LEU A 688 ? ? -125.71 -163.86 
20 1 GLU A 689 ? ? -40.19  165.45  
21 1 ASP A 691 ? ? 51.86   125.54  
22 1 PRO A 692 ? ? -87.22  32.69   
23 1 ALA A 693 ? ? -55.90  -102.43 
24 1 ILE A 702 ? ? -121.13 -88.69  
25 1 GLU A 704 ? ? 56.67   -94.08  
26 1 LYS A 706 ? ? -155.23 76.62   
27 1 ILE A 710 ? ? 58.39   151.04  
28 1 PRO A 711 ? ? -64.18  -159.57 
29 1 VAL A 716 ? ? -40.67  91.74   
30 1 PHE A 717 ? ? 171.90  -62.05  
31 1 ASN A 721 ? ? -177.10 -151.50 
32 1 GLN A 723 ? ? 178.12  105.92  
33 1 VAL A 724 ? ? 38.24   -162.38 
34 1 LYS A 733 ? ? -151.93 -152.37 
# 
loop_
_pdbx_validate_planes.id 
_pdbx_validate_planes.PDB_model_num 
_pdbx_validate_planes.auth_comp_id 
_pdbx_validate_planes.auth_asym_id 
_pdbx_validate_planes.auth_seq_id 
_pdbx_validate_planes.PDB_ins_code 
_pdbx_validate_planes.label_alt_id 
_pdbx_validate_planes.rmsd 
_pdbx_validate_planes.type 
1 1 ARG A 653 ? ? 0.216 'SIDE CHAIN' 
2 1 ARG A 681 ? ? 0.185 'SIDE CHAIN' 
3 1 ARG A 731 ? ? 0.310 'SIDE CHAIN' 
# 
_pdbx_SG_project.id                    1 
_pdbx_SG_project.project_name          ? 
_pdbx_SG_project.full_name_of_center   'RIKEN Structural Genomics/Proteomics Initiative' 
_pdbx_SG_project.initial_of_center     RSGI 
# 
_pdbx_nmr_ensemble.entry_id                             1EF5 
_pdbx_nmr_ensemble.conformers_calculated_total_number   ? 
_pdbx_nmr_ensemble.conformers_submitted_total_number    1 
_pdbx_nmr_ensemble.conformer_selection_criteria         ? 
# 
_pdbx_nmr_representative.entry_id             1EF5 
_pdbx_nmr_representative.conformer_id         ? 
_pdbx_nmr_representative.selection_criteria   'minimized average structure' 
# 
_pdbx_nmr_sample_details.solution_id      1 
_pdbx_nmr_sample_details.contents         
'1.5mM RGL-RBD U-15N,13C; 50mM Tris-HCl; 5mM DTT; 10mM MgCl2; 200mM NaCl; 90% H2O, 10% D2O' 
_pdbx_nmr_sample_details.solvent_system   '90% H2O/10% D2O' 
# 
_pdbx_nmr_exptl_sample_conditions.conditions_id       1 
_pdbx_nmr_exptl_sample_conditions.temperature         298 
_pdbx_nmr_exptl_sample_conditions.pressure            1 
_pdbx_nmr_exptl_sample_conditions.pH                  7.5 
_pdbx_nmr_exptl_sample_conditions.ionic_strength      200mM 
_pdbx_nmr_exptl_sample_conditions.pressure_units      atm 
_pdbx_nmr_exptl_sample_conditions.temperature_units   K 
# 
loop_
_pdbx_nmr_exptl.experiment_id 
_pdbx_nmr_exptl.solution_id 
_pdbx_nmr_exptl.conditions_id 
_pdbx_nmr_exptl.type 
1 1 1 3D_13C-separated_NOESY 
2 1 1 3D_15N-separated_NOESY 
3 1 1 HNHB                   
# 
_pdbx_nmr_details.entry_id   1EF5 
_pdbx_nmr_details.text       'The structure was determined using triple-resonance NMR spectroscopy.' 
# 
_pdbx_nmr_refine.entry_id           1EF5 
_pdbx_nmr_refine.method             'simulated annealing' 
_pdbx_nmr_refine.details            
;the structures are based on a total of 1309 restraints, 1211 are NOE-derived distance constraints, 56 dihedral angle restraints, 42 distance restraints from hydrogen bonds. N-terminal residues 632-646 are not defined by NMR restraints and excluded from the coordinate file.
;
_pdbx_nmr_refine.software_ordinal   1 
# 
loop_
_pdbx_nmr_software.name 
_pdbx_nmr_software.version 
_pdbx_nmr_software.classification 
_pdbx_nmr_software.authors 
_pdbx_nmr_software.ordinal 
UXNMR   ?   collection           'Bruker, AG.' 1 
XwinNMR 1.3 collection           'Bruker, AG.' 2 
Azara   1.0 processing           Boucher       3 
Felix   95  'data analysis'      'MSI, Inc.'   4 
X-PLOR  3.1 'structure solution' Brunger       5 
X-PLOR  3.1 refinement           Brunger       6 
# 
loop_
_pdbx_unobs_or_zero_occ_residues.id 
_pdbx_unobs_or_zero_occ_residues.PDB_model_num 
_pdbx_unobs_or_zero_occ_residues.polymer_flag 
_pdbx_unobs_or_zero_occ_residues.occupancy_flag 
_pdbx_unobs_or_zero_occ_residues.auth_asym_id 
_pdbx_unobs_or_zero_occ_residues.auth_comp_id 
_pdbx_unobs_or_zero_occ_residues.auth_seq_id 
_pdbx_unobs_or_zero_occ_residues.PDB_ins_code 
_pdbx_unobs_or_zero_occ_residues.label_asym_id 
_pdbx_unobs_or_zero_occ_residues.label_comp_id 
_pdbx_unobs_or_zero_occ_residues.label_seq_id 
1  1 Y 1 A SER 632 ? A SER 1  
2  1 Y 1 A ILE 633 ? A ILE 2  
3  1 Y 1 A THR 634 ? A THR 3  
4  1 Y 1 A SER 635 ? A SER 4  
5  1 Y 1 A THR 636 ? A THR 5  
6  1 Y 1 A VAL 637 ? A VAL 6  
7  1 Y 1 A LEU 638 ? A LEU 7  
8  1 Y 1 A PRO 639 ? A PRO 8  
9  1 Y 1 A PRO 640 ? A PRO 9  
10 1 Y 1 A VAL 641 ? A VAL 10 
11 1 Y 1 A TYR 642 ? A TYR 11 
12 1 Y 1 A ASN 643 ? A ASN 12 
13 1 Y 1 A GLN 644 ? A GLN 13 
14 1 Y 1 A GLN 645 ? A GLN 14 
15 1 Y 1 A ASN 646 ? A ASN 15 
# 
loop_
_chem_comp_atom.comp_id 
_chem_comp_atom.atom_id 
_chem_comp_atom.type_symbol 
_chem_comp_atom.pdbx_aromatic_flag 
_chem_comp_atom.pdbx_stereo_config 
_chem_comp_atom.pdbx_ordinal 
ALA N    N N N 1   
ALA CA   C N S 2   
ALA C    C N N 3   
ALA O    O N N 4   
ALA CB   C N N 5   
ALA OXT  O N N 6   
ALA H    H N N 7   
ALA H2   H N N 8   
ALA HA   H N N 9   
ALA HB1  H N N 10  
ALA HB2  H N N 11  
ALA HB3  H N N 12  
ALA HXT  H N N 13  
ARG N    N N N 14  
ARG CA   C N S 15  
ARG C    C N N 16  
ARG O    O N N 17  
ARG CB   C N N 18  
ARG CG   C N N 19  
ARG CD   C N N 20  
ARG NE   N N N 21  
ARG CZ   C N N 22  
ARG NH1  N N N 23  
ARG NH2  N N N 24  
ARG OXT  O N N 25  
ARG H    H N N 26  
ARG H2   H N N 27  
ARG HA   H N N 28  
ARG HB2  H N N 29  
ARG HB3  H N N 30  
ARG HG2  H N N 31  
ARG HG3  H N N 32  
ARG HD2  H N N 33  
ARG HD3  H N N 34  
ARG HE   H N N 35  
ARG HH11 H N N 36  
ARG HH12 H N N 37  
ARG HH21 H N N 38  
ARG HH22 H N N 39  
ARG HXT  H N N 40  
ASN N    N N N 41  
ASN CA   C N S 42  
ASN C    C N N 43  
ASN O    O N N 44  
ASN CB   C N N 45  
ASN CG   C N N 46  
ASN OD1  O N N 47  
ASN ND2  N N N 48  
ASN OXT  O N N 49  
ASN H    H N N 50  
ASN H2   H N N 51  
ASN HA   H N N 52  
ASN HB2  H N N 53  
ASN HB3  H N N 54  
ASN HD21 H N N 55  
ASN HD22 H N N 56  
ASN HXT  H N N 57  
ASP N    N N N 58  
ASP CA   C N S 59  
ASP C    C N N 60  
ASP O    O N N 61  
ASP CB   C N N 62  
ASP CG   C N N 63  
ASP OD1  O N N 64  
ASP OD2  O N N 65  
ASP OXT  O N N 66  
ASP H    H N N 67  
ASP H2   H N N 68  
ASP HA   H N N 69  
ASP HB2  H N N 70  
ASP HB3  H N N 71  
ASP HD2  H N N 72  
ASP HXT  H N N 73  
CYS N    N N N 74  
CYS CA   C N R 75  
CYS C    C N N 76  
CYS O    O N N 77  
CYS CB   C N N 78  
CYS SG   S N N 79  
CYS OXT  O N N 80  
CYS H    H N N 81  
CYS H2   H N N 82  
CYS HA   H N N 83  
CYS HB2  H N N 84  
CYS HB3  H N N 85  
CYS HG   H N N 86  
CYS HXT  H N N 87  
GLN N    N N N 88  
GLN CA   C N S 89  
GLN C    C N N 90  
GLN O    O N N 91  
GLN CB   C N N 92  
GLN CG   C N N 93  
GLN CD   C N N 94  
GLN OE1  O N N 95  
GLN NE2  N N N 96  
GLN OXT  O N N 97  
GLN H    H N N 98  
GLN H2   H N N 99  
GLN HA   H N N 100 
GLN HB2  H N N 101 
GLN HB3  H N N 102 
GLN HG2  H N N 103 
GLN HG3  H N N 104 
GLN HE21 H N N 105 
GLN HE22 H N N 106 
GLN HXT  H N N 107 
GLU N    N N N 108 
GLU CA   C N S 109 
GLU C    C N N 110 
GLU O    O N N 111 
GLU CB   C N N 112 
GLU CG   C N N 113 
GLU CD   C N N 114 
GLU OE1  O N N 115 
GLU OE2  O N N 116 
GLU OXT  O N N 117 
GLU H    H N N 118 
GLU H2   H N N 119 
GLU HA   H N N 120 
GLU HB2  H N N 121 
GLU HB3  H N N 122 
GLU HG2  H N N 123 
GLU HG3  H N N 124 
GLU HE2  H N N 125 
GLU HXT  H N N 126 
GLY N    N N N 127 
GLY CA   C N N 128 
GLY C    C N N 129 
GLY O    O N N 130 
GLY OXT  O N N 131 
GLY H    H N N 132 
GLY H2   H N N 133 
GLY HA2  H N N 134 
GLY HA3  H N N 135 
GLY HXT  H N N 136 
HIS N    N N N 137 
HIS CA   C N S 138 
HIS C    C N N 139 
HIS O    O N N 140 
HIS CB   C N N 141 
HIS CG   C Y N 142 
HIS ND1  N Y N 143 
HIS CD2  C Y N 144 
HIS CE1  C Y N 145 
HIS NE2  N Y N 146 
HIS OXT  O N N 147 
HIS H    H N N 148 
HIS H2   H N N 149 
HIS HA   H N N 150 
HIS HB2  H N N 151 
HIS HB3  H N N 152 
HIS HD1  H N N 153 
HIS HD2  H N N 154 
HIS HE1  H N N 155 
HIS HE2  H N N 156 
HIS HXT  H N N 157 
ILE N    N N N 158 
ILE CA   C N S 159 
ILE C    C N N 160 
ILE O    O N N 161 
ILE CB   C N S 162 
ILE CG1  C N N 163 
ILE CG2  C N N 164 
ILE CD1  C N N 165 
ILE OXT  O N N 166 
ILE H    H N N 167 
ILE H2   H N N 168 
ILE HA   H N N 169 
ILE HB   H N N 170 
ILE HG12 H N N 171 
ILE HG13 H N N 172 
ILE HG21 H N N 173 
ILE HG22 H N N 174 
ILE HG23 H N N 175 
ILE HD11 H N N 176 
ILE HD12 H N N 177 
ILE HD13 H N N 178 
ILE HXT  H N N 179 
LEU N    N N N 180 
LEU CA   C N S 181 
LEU C    C N N 182 
LEU O    O N N 183 
LEU CB   C N N 184 
LEU CG   C N N 185 
LEU CD1  C N N 186 
LEU CD2  C N N 187 
LEU OXT  O N N 188 
LEU H    H N N 189 
LEU H2   H N N 190 
LEU HA   H N N 191 
LEU HB2  H N N 192 
LEU HB3  H N N 193 
LEU HG   H N N 194 
LEU HD11 H N N 195 
LEU HD12 H N N 196 
LEU HD13 H N N 197 
LEU HD21 H N N 198 
LEU HD22 H N N 199 
LEU HD23 H N N 200 
LEU HXT  H N N 201 
LYS N    N N N 202 
LYS CA   C N S 203 
LYS C    C N N 204 
LYS O    O N N 205 
LYS CB   C N N 206 
LYS CG   C N N 207 
LYS CD   C N N 208 
LYS CE   C N N 209 
LYS NZ   N N N 210 
LYS OXT  O N N 211 
LYS H    H N N 212 
LYS H2   H N N 213 
LYS HA   H N N 214 
LYS HB2  H N N 215 
LYS HB3  H N N 216 
LYS HG2  H N N 217 
LYS HG3  H N N 218 
LYS HD2  H N N 219 
LYS HD3  H N N 220 
LYS HE2  H N N 221 
LYS HE3  H N N 222 
LYS HZ1  H N N 223 
LYS HZ2  H N N 224 
LYS HZ3  H N N 225 
LYS HXT  H N N 226 
MET N    N N N 227 
MET CA   C N S 228 
MET C    C N N 229 
MET O    O N N 230 
MET CB   C N N 231 
MET CG   C N N 232 
MET SD   S N N 233 
MET CE   C N N 234 
MET OXT  O N N 235 
MET H    H N N 236 
MET H2   H N N 237 
MET HA   H N N 238 
MET HB2  H N N 239 
MET HB3  H N N 240 
MET HG2  H N N 241 
MET HG3  H N N 242 
MET HE1  H N N 243 
MET HE2  H N N 244 
MET HE3  H N N 245 
MET HXT  H N N 246 
PHE N    N N N 247 
PHE CA   C N S 248 
PHE C    C N N 249 
PHE O    O N N 250 
PHE CB   C N N 251 
PHE CG   C Y N 252 
PHE CD1  C Y N 253 
PHE CD2  C Y N 254 
PHE CE1  C Y N 255 
PHE CE2  C Y N 256 
PHE CZ   C Y N 257 
PHE OXT  O N N 258 
PHE H    H N N 259 
PHE H2   H N N 260 
PHE HA   H N N 261 
PHE HB2  H N N 262 
PHE HB3  H N N 263 
PHE HD1  H N N 264 
PHE HD2  H N N 265 
PHE HE1  H N N 266 
PHE HE2  H N N 267 
PHE HZ   H N N 268 
PHE HXT  H N N 269 
PRO N    N N N 270 
PRO CA   C N S 271 
PRO C    C N N 272 
PRO O    O N N 273 
PRO CB   C N N 274 
PRO CG   C N N 275 
PRO CD   C N N 276 
PRO OXT  O N N 277 
PRO H    H N N 278 
PRO HA   H N N 279 
PRO HB2  H N N 280 
PRO HB3  H N N 281 
PRO HG2  H N N 282 
PRO HG3  H N N 283 
PRO HD2  H N N 284 
PRO HD3  H N N 285 
PRO HXT  H N N 286 
SER N    N N N 287 
SER CA   C N S 288 
SER C    C N N 289 
SER O    O N N 290 
SER CB   C N N 291 
SER OG   O N N 292 
SER OXT  O N N 293 
SER H    H N N 294 
SER H2   H N N 295 
SER HA   H N N 296 
SER HB2  H N N 297 
SER HB3  H N N 298 
SER HG   H N N 299 
SER HXT  H N N 300 
THR N    N N N 301 
THR CA   C N S 302 
THR C    C N N 303 
THR O    O N N 304 
THR CB   C N R 305 
THR OG1  O N N 306 
THR CG2  C N N 307 
THR OXT  O N N 308 
THR H    H N N 309 
THR H2   H N N 310 
THR HA   H N N 311 
THR HB   H N N 312 
THR HG1  H N N 313 
THR HG21 H N N 314 
THR HG22 H N N 315 
THR HG23 H N N 316 
THR HXT  H N N 317 
TYR N    N N N 318 
TYR CA   C N S 319 
TYR C    C N N 320 
TYR O    O N N 321 
TYR CB   C N N 322 
TYR CG   C Y N 323 
TYR CD1  C Y N 324 
TYR CD2  C Y N 325 
TYR CE1  C Y N 326 
TYR CE2  C Y N 327 
TYR CZ   C Y N 328 
TYR OH   O N N 329 
TYR OXT  O N N 330 
TYR H    H N N 331 
TYR H2   H N N 332 
TYR HA   H N N 333 
TYR HB2  H N N 334 
TYR HB3  H N N 335 
TYR HD1  H N N 336 
TYR HD2  H N N 337 
TYR HE1  H N N 338 
TYR HE2  H N N 339 
TYR HH   H N N 340 
TYR HXT  H N N 341 
VAL N    N N N 342 
VAL CA   C N S 343 
VAL C    C N N 344 
VAL O    O N N 345 
VAL CB   C N N 346 
VAL CG1  C N N 347 
VAL CG2  C N N 348 
VAL OXT  O N N 349 
VAL H    H N N 350 
VAL H2   H N N 351 
VAL HA   H N N 352 
VAL HB   H N N 353 
VAL HG11 H N N 354 
VAL HG12 H N N 355 
VAL HG13 H N N 356 
VAL HG21 H N N 357 
VAL HG22 H N N 358 
VAL HG23 H N N 359 
VAL HXT  H N N 360 
# 
loop_
_chem_comp_bond.comp_id 
_chem_comp_bond.atom_id_1 
_chem_comp_bond.atom_id_2 
_chem_comp_bond.value_order 
_chem_comp_bond.pdbx_aromatic_flag 
_chem_comp_bond.pdbx_stereo_config 
_chem_comp_bond.pdbx_ordinal 
ALA N   CA   sing N N 1   
ALA N   H    sing N N 2   
ALA N   H2   sing N N 3   
ALA CA  C    sing N N 4   
ALA CA  CB   sing N N 5   
ALA CA  HA   sing N N 6   
ALA C   O    doub N N 7   
ALA C   OXT  sing N N 8   
ALA CB  HB1  sing N N 9   
ALA CB  HB2  sing N N 10  
ALA CB  HB3  sing N N 11  
ALA OXT HXT  sing N N 12  
ARG N   CA   sing N N 13  
ARG N   H    sing N N 14  
ARG N   H2   sing N N 15  
ARG CA  C    sing N N 16  
ARG CA  CB   sing N N 17  
ARG CA  HA   sing N N 18  
ARG C   O    doub N N 19  
ARG C   OXT  sing N N 20  
ARG CB  CG   sing N N 21  
ARG CB  HB2  sing N N 22  
ARG CB  HB3  sing N N 23  
ARG CG  CD   sing N N 24  
ARG CG  HG2  sing N N 25  
ARG CG  HG3  sing N N 26  
ARG CD  NE   sing N N 27  
ARG CD  HD2  sing N N 28  
ARG CD  HD3  sing N N 29  
ARG NE  CZ   sing N N 30  
ARG NE  HE   sing N N 31  
ARG CZ  NH1  sing N N 32  
ARG CZ  NH2  doub N N 33  
ARG NH1 HH11 sing N N 34  
ARG NH1 HH12 sing N N 35  
ARG NH2 HH21 sing N N 36  
ARG NH2 HH22 sing N N 37  
ARG OXT HXT  sing N N 38  
ASN N   CA   sing N N 39  
ASN N   H    sing N N 40  
ASN N   H2   sing N N 41  
ASN CA  C    sing N N 42  
ASN CA  CB   sing N N 43  
ASN CA  HA   sing N N 44  
ASN C   O    doub N N 45  
ASN C   OXT  sing N N 46  
ASN CB  CG   sing N N 47  
ASN CB  HB2  sing N N 48  
ASN CB  HB3  sing N N 49  
ASN CG  OD1  doub N N 50  
ASN CG  ND2  sing N N 51  
ASN ND2 HD21 sing N N 52  
ASN ND2 HD22 sing N N 53  
ASN OXT HXT  sing N N 54  
ASP N   CA   sing N N 55  
ASP N   H    sing N N 56  
ASP N   H2   sing N N 57  
ASP CA  C    sing N N 58  
ASP CA  CB   sing N N 59  
ASP CA  HA   sing N N 60  
ASP C   O    doub N N 61  
ASP C   OXT  sing N N 62  
ASP CB  CG   sing N N 63  
ASP CB  HB2  sing N N 64  
ASP CB  HB3  sing N N 65  
ASP CG  OD1  doub N N 66  
ASP CG  OD2  sing N N 67  
ASP OD2 HD2  sing N N 68  
ASP OXT HXT  sing N N 69  
CYS N   CA   sing N N 70  
CYS N   H    sing N N 71  
CYS N   H2   sing N N 72  
CYS CA  C    sing N N 73  
CYS CA  CB   sing N N 74  
CYS CA  HA   sing N N 75  
CYS C   O    doub N N 76  
CYS C   OXT  sing N N 77  
CYS CB  SG   sing N N 78  
CYS CB  HB2  sing N N 79  
CYS CB  HB3  sing N N 80  
CYS SG  HG   sing N N 81  
CYS OXT HXT  sing N N 82  
GLN N   CA   sing N N 83  
GLN N   H    sing N N 84  
GLN N   H2   sing N N 85  
GLN CA  C    sing N N 86  
GLN CA  CB   sing N N 87  
GLN CA  HA   sing N N 88  
GLN C   O    doub N N 89  
GLN C   OXT  sing N N 90  
GLN CB  CG   sing N N 91  
GLN CB  HB2  sing N N 92  
GLN CB  HB3  sing N N 93  
GLN CG  CD   sing N N 94  
GLN CG  HG2  sing N N 95  
GLN CG  HG3  sing N N 96  
GLN CD  OE1  doub N N 97  
GLN CD  NE2  sing N N 98  
GLN NE2 HE21 sing N N 99  
GLN NE2 HE22 sing N N 100 
GLN OXT HXT  sing N N 101 
GLU N   CA   sing N N 102 
GLU N   H    sing N N 103 
GLU N   H2   sing N N 104 
GLU CA  C    sing N N 105 
GLU CA  CB   sing N N 106 
GLU CA  HA   sing N N 107 
GLU C   O    doub N N 108 
GLU C   OXT  sing N N 109 
GLU CB  CG   sing N N 110 
GLU CB  HB2  sing N N 111 
GLU CB  HB3  sing N N 112 
GLU CG  CD   sing N N 113 
GLU CG  HG2  sing N N 114 
GLU CG  HG3  sing N N 115 
GLU CD  OE1  doub N N 116 
GLU CD  OE2  sing N N 117 
GLU OE2 HE2  sing N N 118 
GLU OXT HXT  sing N N 119 
GLY N   CA   sing N N 120 
GLY N   H    sing N N 121 
GLY N   H2   sing N N 122 
GLY CA  C    sing N N 123 
GLY CA  HA2  sing N N 124 
GLY CA  HA3  sing N N 125 
GLY C   O    doub N N 126 
GLY C   OXT  sing N N 127 
GLY OXT HXT  sing N N 128 
HIS N   CA   sing N N 129 
HIS N   H    sing N N 130 
HIS N   H2   sing N N 131 
HIS CA  C    sing N N 132 
HIS CA  CB   sing N N 133 
HIS CA  HA   sing N N 134 
HIS C   O    doub N N 135 
HIS C   OXT  sing N N 136 
HIS CB  CG   sing N N 137 
HIS CB  HB2  sing N N 138 
HIS CB  HB3  sing N N 139 
HIS CG  ND1  sing Y N 140 
HIS CG  CD2  doub Y N 141 
HIS ND1 CE1  doub Y N 142 
HIS ND1 HD1  sing N N 143 
HIS CD2 NE2  sing Y N 144 
HIS CD2 HD2  sing N N 145 
HIS CE1 NE2  sing Y N 146 
HIS CE1 HE1  sing N N 147 
HIS NE2 HE2  sing N N 148 
HIS OXT HXT  sing N N 149 
ILE N   CA   sing N N 150 
ILE N   H    sing N N 151 
ILE N   H2   sing N N 152 
ILE CA  C    sing N N 153 
ILE CA  CB   sing N N 154 
ILE CA  HA   sing N N 155 
ILE C   O    doub N N 156 
ILE C   OXT  sing N N 157 
ILE CB  CG1  sing N N 158 
ILE CB  CG2  sing N N 159 
ILE CB  HB   sing N N 160 
ILE CG1 CD1  sing N N 161 
ILE CG1 HG12 sing N N 162 
ILE CG1 HG13 sing N N 163 
ILE CG2 HG21 sing N N 164 
ILE CG2 HG22 sing N N 165 
ILE CG2 HG23 sing N N 166 
ILE CD1 HD11 sing N N 167 
ILE CD1 HD12 sing N N 168 
ILE CD1 HD13 sing N N 169 
ILE OXT HXT  sing N N 170 
LEU N   CA   sing N N 171 
LEU N   H    sing N N 172 
LEU N   H2   sing N N 173 
LEU CA  C    sing N N 174 
LEU CA  CB   sing N N 175 
LEU CA  HA   sing N N 176 
LEU C   O    doub N N 177 
LEU C   OXT  sing N N 178 
LEU CB  CG   sing N N 179 
LEU CB  HB2  sing N N 180 
LEU CB  HB3  sing N N 181 
LEU CG  CD1  sing N N 182 
LEU CG  CD2  sing N N 183 
LEU CG  HG   sing N N 184 
LEU CD1 HD11 sing N N 185 
LEU CD1 HD12 sing N N 186 
LEU CD1 HD13 sing N N 187 
LEU CD2 HD21 sing N N 188 
LEU CD2 HD22 sing N N 189 
LEU CD2 HD23 sing N N 190 
LEU OXT HXT  sing N N 191 
LYS N   CA   sing N N 192 
LYS N   H    sing N N 193 
LYS N   H2   sing N N 194 
LYS CA  C    sing N N 195 
LYS CA  CB   sing N N 196 
LYS CA  HA   sing N N 197 
LYS C   O    doub N N 198 
LYS C   OXT  sing N N 199 
LYS CB  CG   sing N N 200 
LYS CB  HB2  sing N N 201 
LYS CB  HB3  sing N N 202 
LYS CG  CD   sing N N 203 
LYS CG  HG2  sing N N 204 
LYS CG  HG3  sing N N 205 
LYS CD  CE   sing N N 206 
LYS CD  HD2  sing N N 207 
LYS CD  HD3  sing N N 208 
LYS CE  NZ   sing N N 209 
LYS CE  HE2  sing N N 210 
LYS CE  HE3  sing N N 211 
LYS NZ  HZ1  sing N N 212 
LYS NZ  HZ2  sing N N 213 
LYS NZ  HZ3  sing N N 214 
LYS OXT HXT  sing N N 215 
MET N   CA   sing N N 216 
MET N   H    sing N N 217 
MET N   H2   sing N N 218 
MET CA  C    sing N N 219 
MET CA  CB   sing N N 220 
MET CA  HA   sing N N 221 
MET C   O    doub N N 222 
MET C   OXT  sing N N 223 
MET CB  CG   sing N N 224 
MET CB  HB2  sing N N 225 
MET CB  HB3  sing N N 226 
MET CG  SD   sing N N 227 
MET CG  HG2  sing N N 228 
MET CG  HG3  sing N N 229 
MET SD  CE   sing N N 230 
MET CE  HE1  sing N N 231 
MET CE  HE2  sing N N 232 
MET CE  HE3  sing N N 233 
MET OXT HXT  sing N N 234 
PHE N   CA   sing N N 235 
PHE N   H    sing N N 236 
PHE N   H2   sing N N 237 
PHE CA  C    sing N N 238 
PHE CA  CB   sing N N 239 
PHE CA  HA   sing N N 240 
PHE C   O    doub N N 241 
PHE C   OXT  sing N N 242 
PHE CB  CG   sing N N 243 
PHE CB  HB2  sing N N 244 
PHE CB  HB3  sing N N 245 
PHE CG  CD1  doub Y N 246 
PHE CG  CD2  sing Y N 247 
PHE CD1 CE1  sing Y N 248 
PHE CD1 HD1  sing N N 249 
PHE CD2 CE2  doub Y N 250 
PHE CD2 HD2  sing N N 251 
PHE CE1 CZ   doub Y N 252 
PHE CE1 HE1  sing N N 253 
PHE CE2 CZ   sing Y N 254 
PHE CE2 HE2  sing N N 255 
PHE CZ  HZ   sing N N 256 
PHE OXT HXT  sing N N 257 
PRO N   CA   sing N N 258 
PRO N   CD   sing N N 259 
PRO N   H    sing N N 260 
PRO CA  C    sing N N 261 
PRO CA  CB   sing N N 262 
PRO CA  HA   sing N N 263 
PRO C   O    doub N N 264 
PRO C   OXT  sing N N 265 
PRO CB  CG   sing N N 266 
PRO CB  HB2  sing N N 267 
PRO CB  HB3  sing N N 268 
PRO CG  CD   sing N N 269 
PRO CG  HG2  sing N N 270 
PRO CG  HG3  sing N N 271 
PRO CD  HD2  sing N N 272 
PRO CD  HD3  sing N N 273 
PRO OXT HXT  sing N N 274 
SER N   CA   sing N N 275 
SER N   H    sing N N 276 
SER N   H2   sing N N 277 
SER CA  C    sing N N 278 
SER CA  CB   sing N N 279 
SER CA  HA   sing N N 280 
SER C   O    doub N N 281 
SER C   OXT  sing N N 282 
SER CB  OG   sing N N 283 
SER CB  HB2  sing N N 284 
SER CB  HB3  sing N N 285 
SER OG  HG   sing N N 286 
SER OXT HXT  sing N N 287 
THR N   CA   sing N N 288 
THR N   H    sing N N 289 
THR N   H2   sing N N 290 
THR CA  C    sing N N 291 
THR CA  CB   sing N N 292 
THR CA  HA   sing N N 293 
THR C   O    doub N N 294 
THR C   OXT  sing N N 295 
THR CB  OG1  sing N N 296 
THR CB  CG2  sing N N 297 
THR CB  HB   sing N N 298 
THR OG1 HG1  sing N N 299 
THR CG2 HG21 sing N N 300 
THR CG2 HG22 sing N N 301 
THR CG2 HG23 sing N N 302 
THR OXT HXT  sing N N 303 
TYR N   CA   sing N N 304 
TYR N   H    sing N N 305 
TYR N   H2   sing N N 306 
TYR CA  C    sing N N 307 
TYR CA  CB   sing N N 308 
TYR CA  HA   sing N N 309 
TYR C   O    doub N N 310 
TYR C   OXT  sing N N 311 
TYR CB  CG   sing N N 312 
TYR CB  HB2  sing N N 313 
TYR CB  HB3  sing N N 314 
TYR CG  CD1  doub Y N 315 
TYR CG  CD2  sing Y N 316 
TYR CD1 CE1  sing Y N 317 
TYR CD1 HD1  sing N N 318 
TYR CD2 CE2  doub Y N 319 
TYR CD2 HD2  sing N N 320 
TYR CE1 CZ   doub Y N 321 
TYR CE1 HE1  sing N N 322 
TYR CE2 CZ   sing Y N 323 
TYR CE2 HE2  sing N N 324 
TYR CZ  OH   sing N N 325 
TYR OH  HH   sing N N 326 
TYR OXT HXT  sing N N 327 
VAL N   CA   sing N N 328 
VAL N   H    sing N N 329 
VAL N   H2   sing N N 330 
VAL CA  C    sing N N 331 
VAL CA  CB   sing N N 332 
VAL CA  HA   sing N N 333 
VAL C   O    doub N N 334 
VAL C   OXT  sing N N 335 
VAL CB  CG1  sing N N 336 
VAL CB  CG2  sing N N 337 
VAL CB  HB   sing N N 338 
VAL CG1 HG11 sing N N 339 
VAL CG1 HG12 sing N N 340 
VAL CG1 HG13 sing N N 341 
VAL CG2 HG21 sing N N 342 
VAL CG2 HG22 sing N N 343 
VAL CG2 HG23 sing N N 344 
VAL OXT HXT  sing N N 345 
# 
loop_
_pdbx_nmr_spectrometer.spectrometer_id 
_pdbx_nmr_spectrometer.type 
_pdbx_nmr_spectrometer.manufacturer 
_pdbx_nmr_spectrometer.model 
_pdbx_nmr_spectrometer.field_strength 
1 ? Bruker AMX 600 
2 ? Bruker DMX 500 
# 
_atom_sites.entry_id                    1EF5 
_atom_sites.fract_transf_matrix[1][1]   1.000000 
_atom_sites.fract_transf_matrix[1][2]   0.000000 
_atom_sites.fract_transf_matrix[1][3]   0.000000 
_atom_sites.fract_transf_matrix[2][1]   0.000000 
_atom_sites.fract_transf_matrix[2][2]   1.000000 
_atom_sites.fract_transf_matrix[2][3]   0.000000 
_atom_sites.fract_transf_matrix[3][1]   0.000000 
_atom_sites.fract_transf_matrix[3][2]   0.000000 
_atom_sites.fract_transf_matrix[3][3]   1.000000 
_atom_sites.fract_transf_vector[1]      0.00000 
_atom_sites.fract_transf_vector[2]      0.00000 
_atom_sites.fract_transf_vector[3]      0.00000 
# 
loop_
_atom_type.symbol 
C 
H 
N 
O 
S 
# 
loop_
_atom_site.group_PDB 
_atom_site.id 
_atom_site.type_symbol 
_atom_site.label_atom_id 
_atom_site.label_alt_id 
_atom_site.label_comp_id 
_atom_site.label_asym_id 
_atom_site.label_entity_id 
_atom_site.label_seq_id 
_atom_site.pdbx_PDB_ins_code 
_atom_site.Cartn_x 
_atom_site.Cartn_y 
_atom_site.Cartn_z 
_atom_site.occupancy 
_atom_site.B_iso_or_equiv 
_atom_site.pdbx_formal_charge 
_atom_site.auth_seq_id 
_atom_site.auth_comp_id 
_atom_site.auth_asym_id 
_atom_site.auth_atom_id 
_atom_site.pdbx_PDB_model_num 
ATOM 1    N N    . GLU A 1 16  ? -0.735  -16.170 -13.540 1.00 2.68 ? 647 GLU A N    1 
ATOM 2    C CA   . GLU A 1 16  ? -1.724  -16.269 -12.429 1.00 1.86 ? 647 GLU A CA   1 
ATOM 3    C C    . GLU A 1 16  ? -1.218  -15.508 -11.200 1.00 1.68 ? 647 GLU A C    1 
ATOM 4    O O    . GLU A 1 16  ? -0.075  -15.099 -11.139 1.00 2.50 ? 647 GLU A O    1 
ATOM 5    C CB   . GLU A 1 16  ? -1.833  -17.764 -12.127 1.00 1.89 ? 647 GLU A CB   1 
ATOM 6    C CG   . GLU A 1 16  ? -3.243  -18.084 -11.629 1.00 2.20 ? 647 GLU A CG   1 
ATOM 7    C CD   . GLU A 1 16  ? -3.657  -19.471 -12.124 1.00 3.03 ? 647 GLU A CD   1 
ATOM 8    O OE1  . GLU A 1 16  ? -2.867  -20.390 -11.980 1.00 3.56 ? 647 GLU A OE1  1 
ATOM 9    O OE2  . GLU A 1 16  ? -4.756  -19.591 -12.641 1.00 3.55 ? 647 GLU A OE2  1 
ATOM 10   H H    . GLU A 1 16  ? -0.992  -16.838 -14.294 1.00 3.07 ? 647 GLU A H    1 
ATOM 11   H HA   . GLU A 1 16  ? -2.683  -15.886 -12.741 1.00 2.11 ? 647 GLU A HA   1 
ATOM 12   H HB2  . GLU A 1 16  ? -1.629  -18.328 -13.025 1.00 2.29 ? 647 GLU A HB2  1 
ATOM 13   H HB3  . GLU A 1 16  ? -1.116  -18.030 -11.364 1.00 2.15 ? 647 GLU A HB3  1 
ATOM 14   H HG2  . GLU A 1 16  ? -3.257  -18.067 -10.549 1.00 2.42 ? 647 GLU A HG2  1 
ATOM 15   H HG3  . GLU A 1 16  ? -3.935  -17.347 -12.010 1.00 2.34 ? 647 GLU A HG3  1 
ATOM 16   N N    . ASP A 1 17  ? -2.059  -15.313 -10.222 1.00 1.08 ? 648 ASP A N    1 
ATOM 17   C CA   . ASP A 1 17  ? -1.625  -14.579 -9.000  1.00 1.00 ? 648 ASP A CA   1 
ATOM 18   C C    . ASP A 1 17  ? -0.833  -13.327 -9.388  1.00 0.96 ? 648 ASP A C    1 
ATOM 19   O O    . ASP A 1 17  ? 0.381   -13.339 -9.436  1.00 1.16 ? 648 ASP A O    1 
ATOM 20   C CB   . ASP A 1 17  ? -0.733  -15.564 -8.242  1.00 1.16 ? 648 ASP A CB   1 
ATOM 21   C CG   . ASP A 1 17  ? -1.407  -16.936 -8.201  1.00 1.64 ? 648 ASP A CG   1 
ATOM 22   O OD1  . ASP A 1 17  ? -2.602  -16.995 -8.438  1.00 2.16 ? 648 ASP A OD1  1 
ATOM 23   O OD2  . ASP A 1 17  ? -0.716  -17.906 -7.935  1.00 2.19 ? 648 ASP A OD2  1 
ATOM 24   H H    . ASP A 1 17  ? -2.977  -15.650 -10.290 1.00 1.36 ? 648 ASP A H    1 
ATOM 25   H HA   . ASP A 1 17  ? -2.478  -14.314 -8.395  1.00 1.04 ? 648 ASP A HA   1 
ATOM 26   H HB2  . ASP A 1 17  ? 0.221   -15.644 -8.744  1.00 1.26 ? 648 ASP A HB2  1 
ATOM 27   H HB3  . ASP A 1 17  ? -0.581  -15.210 -7.233  1.00 1.36 ? 648 ASP A HB3  1 
ATOM 28   N N    . THR A 1 18  ? -1.512  -12.247 -9.666  1.00 0.94 ? 649 THR A N    1 
ATOM 29   C CA   . THR A 1 18  ? -0.798  -10.996 -10.052 1.00 0.99 ? 649 THR A CA   1 
ATOM 30   C C    . THR A 1 18  ? -1.709  -9.783  -9.848  1.00 0.87 ? 649 THR A C    1 
ATOM 31   O O    . THR A 1 18  ? -2.861  -9.788  -10.233 1.00 0.91 ? 649 THR A O    1 
ATOM 32   C CB   . THR A 1 18  ? -0.461  -11.172 -11.534 1.00 1.25 ? 649 THR A CB   1 
ATOM 33   O OG1  . THR A 1 18  ? -1.351  -12.119 -12.110 1.00 1.36 ? 649 THR A OG1  1 
ATOM 34   C CG2  . THR A 1 18  ? 0.978   -11.669 -11.677 1.00 1.36 ? 649 THR A CG2  1 
ATOM 35   H H    . THR A 1 18  ? -2.491  -12.259 -9.623  1.00 1.08 ? 649 THR A H    1 
ATOM 36   H HA   . THR A 1 18  ? 0.109   -10.889 -9.479  1.00 1.04 ? 649 THR A HA   1 
ATOM 37   H HB   . THR A 1 18  ? -0.564  -10.226 -12.041 1.00 1.41 ? 649 THR A HB   1 
ATOM 38   H HG1  . THR A 1 18  ? -1.607  -11.796 -12.977 1.00 1.51 ? 649 THR A HG1  1 
ATOM 39   H HG21 . THR A 1 18  ? 1.316   -11.503 -12.689 1.00 1.83 ? 649 THR A HG21 1 
ATOM 40   H HG22 . THR A 1 18  ? 1.020   -12.724 -11.451 1.00 1.64 ? 649 THR A HG22 1 
ATOM 41   H HG23 . THR A 1 18  ? 1.615   -11.128 -10.992 1.00 1.70 ? 649 THR A HG23 1 
ATOM 42   N N    . CYS A 1 19  ? -1.201  -8.743  -9.244  1.00 0.77 ? 650 CYS A N    1 
ATOM 43   C CA   . CYS A 1 19  ? -2.040  -7.531  -9.017  1.00 0.72 ? 650 CYS A CA   1 
ATOM 44   C C    . CYS A 1 19  ? -1.158  -6.282  -8.950  1.00 0.66 ? 650 CYS A C    1 
ATOM 45   O O    . CYS A 1 19  ? -0.064  -6.311  -8.420  1.00 1.01 ? 650 CYS A O    1 
ATOM 46   C CB   . CYS A 1 19  ? -2.731  -7.773  -7.673  1.00 0.73 ? 650 CYS A CB   1 
ATOM 47   S SG   . CYS A 1 19  ? -4.351  -8.528  -7.955  1.00 0.83 ? 650 CYS A SG   1 
ATOM 48   H H    . CYS A 1 19  ? -0.270  -8.758  -8.940  1.00 0.79 ? 650 CYS A H    1 
ATOM 49   H HA   . CYS A 1 19  ? -2.778  -7.431  -9.797  1.00 0.78 ? 650 CYS A HA   1 
ATOM 50   H HB2  . CYS A 1 19  ? -2.125  -8.435  -7.072  1.00 0.77 ? 650 CYS A HB2  1 
ATOM 51   H HB3  . CYS A 1 19  ? -2.855  -6.832  -7.159  1.00 0.82 ? 650 CYS A HB3  1 
ATOM 52   H HG   . CYS A 1 19  ? -4.869  -7.927  -8.495  1.00 1.10 ? 650 CYS A HG   1 
ATOM 53   N N    . ILE A 1 20  ? -1.624  -5.185  -9.484  1.00 0.49 ? 651 ILE A N    1 
ATOM 54   C CA   . ILE A 1 20  ? -0.810  -3.936  -9.449  1.00 0.46 ? 651 ILE A CA   1 
ATOM 55   C C    . ILE A 1 20  ? -0.928  -3.265  -8.078  1.00 0.42 ? 651 ILE A C    1 
ATOM 56   O O    . ILE A 1 20  ? -2.005  -2.917  -7.637  1.00 0.59 ? 651 ILE A O    1 
ATOM 57   C CB   . ILE A 1 20  ? -1.407  -3.043  -10.537 1.00 0.52 ? 651 ILE A CB   1 
ATOM 58   C CG1  . ILE A 1 20  ? -0.765  -1.656  -10.466 1.00 0.54 ? 651 ILE A CG1  1 
ATOM 59   C CG2  . ILE A 1 20  ? -2.917  -2.916  -10.322 1.00 0.59 ? 651 ILE A CG2  1 
ATOM 60   C CD1  . ILE A 1 20  ? -0.647  -1.076  -11.877 1.00 0.81 ? 651 ILE A CD1  1 
ATOM 61   H H    . ILE A 1 20  ? -2.508  -5.184  -9.906  1.00 0.68 ? 651 ILE A H    1 
ATOM 62   H HA   . ILE A 1 20  ? 0.222   -4.152  -9.677  1.00 0.50 ? 651 ILE A HA   1 
ATOM 63   H HB   . ILE A 1 20  ? -1.217  -3.482  -11.506 1.00 0.58 ? 651 ILE A HB   1 
ATOM 64   H HG12 . ILE A 1 20  ? -1.379  -1.006  -9.858  1.00 0.78 ? 651 ILE A HG12 1 
ATOM 65   H HG13 . ILE A 1 20  ? 0.218   -1.736  -10.029 1.00 0.74 ? 651 ILE A HG13 1 
ATOM 66   H HG21 . ILE A 1 20  ? -3.197  -3.436  -9.419  1.00 1.05 ? 651 ILE A HG21 1 
ATOM 67   H HG22 . ILE A 1 20  ? -3.438  -3.349  -11.163 1.00 1.15 ? 651 ILE A HG22 1 
ATOM 68   H HG23 . ILE A 1 20  ? -3.181  -1.873  -10.234 1.00 1.29 ? 651 ILE A HG23 1 
ATOM 69   H HD11 . ILE A 1 20  ? -1.496  -0.439  -12.076 1.00 1.29 ? 651 ILE A HD11 1 
ATOM 70   H HD12 . ILE A 1 20  ? -0.622  -1.880  -12.596 1.00 1.49 ? 651 ILE A HD12 1 
ATOM 71   H HD13 . ILE A 1 20  ? 0.263   -0.497  -11.953 1.00 1.31 ? 651 ILE A HD13 1 
ATOM 72   N N    . ILE A 1 21  ? 0.173   -3.081  -7.401  1.00 0.36 ? 652 ILE A N    1 
ATOM 73   C CA   . ILE A 1 21  ? 0.124   -2.434  -6.060  1.00 0.40 ? 652 ILE A CA   1 
ATOM 74   C C    . ILE A 1 21  ? 0.675   -1.008  -6.138  1.00 0.40 ? 652 ILE A C    1 
ATOM 75   O O    . ILE A 1 21  ? 1.820   -0.793  -6.486  1.00 0.52 ? 652 ILE A O    1 
ATOM 76   C CB   . ILE A 1 21  ? 1.010   -3.302  -5.166  1.00 0.55 ? 652 ILE A CB   1 
ATOM 77   C CG1  . ILE A 1 21  ? 2.368   -3.508  -5.843  1.00 0.69 ? 652 ILE A CG1  1 
ATOM 78   C CG2  . ILE A 1 21  ? 0.342   -4.659  -4.944  1.00 0.62 ? 652 ILE A CG2  1 
ATOM 79   C CD1  . ILE A 1 21  ? 3.485   -3.287  -4.822  1.00 1.01 ? 652 ILE A CD1  1 
ATOM 80   H H    . ILE A 1 21  ? 1.031   -3.369  -7.775  1.00 0.43 ? 652 ILE A H    1 
ATOM 81   H HA   . ILE A 1 21  ? -0.887  -2.428  -5.681  1.00 0.41 ? 652 ILE A HA   1 
ATOM 82   H HB   . ILE A 1 21  ? 1.151   -2.810  -4.214  1.00 0.63 ? 652 ILE A HB   1 
ATOM 83   H HG12 . ILE A 1 21  ? 2.427   -4.514  -6.232  1.00 1.04 ? 652 ILE A HG12 1 
ATOM 84   H HG13 . ILE A 1 21  ? 2.477   -2.802  -6.652  1.00 0.93 ? 652 ILE A HG13 1 
ATOM 85   H HG21 . ILE A 1 21  ? 0.912   -5.227  -4.224  1.00 1.19 ? 652 ILE A HG21 1 
ATOM 86   H HG22 . ILE A 1 21  ? 0.302   -5.199  -5.879  1.00 1.19 ? 652 ILE A HG22 1 
ATOM 87   H HG23 . ILE A 1 21  ? -0.661  -4.510  -4.571  1.00 1.20 ? 652 ILE A HG23 1 
ATOM 88   H HD11 . ILE A 1 21  ? 4.376   -2.949  -5.332  1.00 1.67 ? 652 ILE A HD11 1 
ATOM 89   H HD12 . ILE A 1 21  ? 3.693   -4.215  -4.309  1.00 1.39 ? 652 ILE A HD12 1 
ATOM 90   H HD13 . ILE A 1 21  ? 3.177   -2.540  -4.106  1.00 1.52 ? 652 ILE A HD13 1 
ATOM 91   N N    . ARG A 1 22  ? -0.130  -0.034  -5.814  1.00 0.45 ? 653 ARG A N    1 
ATOM 92   C CA   . ARG A 1 22  ? 0.348   1.377   -5.864  1.00 0.54 ? 653 ARG A CA   1 
ATOM 93   C C    . ARG A 1 22  ? 0.481   1.933   -4.445  1.00 0.60 ? 653 ARG A C    1 
ATOM 94   O O    . ARG A 1 22  ? -0.235  1.539   -3.547  1.00 0.84 ? 653 ARG A O    1 
ATOM 95   C CB   . ARG A 1 22  ? -0.732  2.133   -6.640  1.00 0.64 ? 653 ARG A CB   1 
ATOM 96   C CG   . ARG A 1 22  ? -0.446  3.635   -6.589  1.00 0.80 ? 653 ARG A CG   1 
ATOM 97   C CD   . ARG A 1 22  ? -1.693  4.377   -6.103  1.00 1.32 ? 653 ARG A CD   1 
ATOM 98   N NE   . ARG A 1 22  ? -2.349  4.878   -7.343  1.00 1.61 ? 653 ARG A NE   1 
ATOM 99   C CZ   . ARG A 1 22  ? -3.465  5.549   -7.265  1.00 2.10 ? 653 ARG A CZ   1 
ATOM 100  N NH1  . ARG A 1 22  ? -4.417  5.142   -6.470  1.00 2.80 ? 653 ARG A NH1  1 
ATOM 101  N NH2  . ARG A 1 22  ? -3.631  6.626   -7.982  1.00 2.55 ? 653 ARG A NH2  1 
ATOM 102  H H    . ARG A 1 22  ? -1.049  -0.230  -5.534  1.00 0.54 ? 653 ARG A H    1 
ATOM 103  H HA   . ARG A 1 22  ? 1.290   1.439   -6.385  1.00 0.55 ? 653 ARG A HA   1 
ATOM 104  H HB2  . ARG A 1 22  ? -0.734  1.801   -7.669  1.00 0.86 ? 653 ARG A HB2  1 
ATOM 105  H HB3  . ARG A 1 22  ? -1.697  1.938   -6.198  1.00 0.81 ? 653 ARG A HB3  1 
ATOM 106  H HG2  . ARG A 1 22  ? 0.373   3.823   -5.911  1.00 1.18 ? 653 ARG A HG2  1 
ATOM 107  H HG3  . ARG A 1 22  ? -0.183  3.985   -7.576  1.00 0.95 ? 653 ARG A HG3  1 
ATOM 108  H HD2  . ARG A 1 22  ? -2.349  3.699   -5.574  1.00 1.90 ? 653 ARG A HD2  1 
ATOM 109  H HD3  . ARG A 1 22  ? -1.416  5.206   -5.471  1.00 1.91 ? 653 ARG A HD3  1 
ATOM 110  H HE   . ARG A 1 22  ? -1.942  4.704   -8.217  1.00 2.04 ? 653 ARG A HE   1 
ATOM 111  H HH11 . ARG A 1 22  ? -4.291  4.316   -5.920  1.00 3.12 ? 653 ARG A HH11 1 
ATOM 112  H HH12 . ARG A 1 22  ? -5.273  5.656   -6.409  1.00 3.32 ? 653 ARG A HH12 1 
ATOM 113  H HH21 . ARG A 1 22  ? -2.902  6.938   -8.592  1.00 2.74 ? 653 ARG A HH21 1 
ATOM 114  H HH22 . ARG A 1 22  ? -4.487  7.140   -7.923  1.00 3.07 ? 653 ARG A HH22 1 
ATOM 115  N N    . ILE A 1 23  ? 1.394   2.842   -4.229  1.00 0.53 ? 654 ILE A N    1 
ATOM 116  C CA   . ILE A 1 23  ? 1.562   3.407   -2.857  1.00 0.63 ? 654 ILE A CA   1 
ATOM 117  C C    . ILE A 1 23  ? 2.055   4.856   -2.924  1.00 0.69 ? 654 ILE A C    1 
ATOM 118  O O    . ILE A 1 23  ? 3.156   5.125   -3.359  1.00 0.86 ? 654 ILE A O    1 
ATOM 119  C CB   . ILE A 1 23  ? 2.612   2.517   -2.190  1.00 0.69 ? 654 ILE A CB   1 
ATOM 120  C CG1  . ILE A 1 23  ? 2.034   1.115   -1.982  1.00 0.77 ? 654 ILE A CG1  1 
ATOM 121  C CG2  . ILE A 1 23  ? 3.002   3.110   -0.836  1.00 0.85 ? 654 ILE A CG2  1 
ATOM 122  C CD1  . ILE A 1 23  ? 2.352   0.244   -3.199  1.00 1.10 ? 654 ILE A CD1  1 
ATOM 123  H H    . ILE A 1 23  ? 1.969   3.149   -4.964  1.00 0.55 ? 654 ILE A H    1 
ATOM 124  H HA   . ILE A 1 23  ? 0.634   3.351   -2.311  1.00 0.69 ? 654 ILE A HA   1 
ATOM 125  H HB   . ILE A 1 23  ? 3.486   2.457   -2.822  1.00 0.74 ? 654 ILE A HB   1 
ATOM 126  H HG12 . ILE A 1 23  ? 2.473   0.673   -1.099  1.00 1.27 ? 654 ILE A HG12 1 
ATOM 127  H HG13 . ILE A 1 23  ? 0.963   1.181   -1.858  1.00 1.20 ? 654 ILE A HG13 1 
ATOM 128  H HG21 . ILE A 1 23  ? 2.272   2.823   -0.092  1.00 1.61 ? 654 ILE A HG21 1 
ATOM 129  H HG22 . ILE A 1 23  ? 3.034   4.187   -0.909  1.00 1.34 ? 654 ILE A HG22 1 
ATOM 130  H HG23 . ILE A 1 23  ? 3.975   2.740   -0.547  1.00 1.02 ? 654 ILE A HG23 1 
ATOM 131  H HD11 . ILE A 1 23  ? 2.934   -0.609  -2.889  1.00 1.65 ? 654 ILE A HD11 1 
ATOM 132  H HD12 . ILE A 1 23  ? 2.914   0.823   -3.918  1.00 1.76 ? 654 ILE A HD12 1 
ATOM 133  H HD13 . ILE A 1 23  ? 1.430   -0.093  -3.650  1.00 1.54 ? 654 ILE A HD13 1 
ATOM 134  N N    . SER A 1 24  ? 1.251   5.789   -2.489  1.00 0.59 ? 655 SER A N    1 
ATOM 135  C CA   . SER A 1 24  ? 1.681   7.219   -2.522  1.00 0.66 ? 655 SER A CA   1 
ATOM 136  C C    . SER A 1 24  ? 1.572   7.831   -1.123  1.00 0.67 ? 655 SER A C    1 
ATOM 137  O O    . SER A 1 24  ? 0.500   8.175   -0.668  1.00 0.71 ? 655 SER A O    1 
ATOM 138  C CB   . SER A 1 24  ? 0.712   7.903   -3.486  1.00 0.73 ? 655 SER A CB   1 
ATOM 139  O OG   . SER A 1 24  ? -0.541  8.083   -2.842  1.00 1.42 ? 655 SER A OG   1 
ATOM 140  H H    . SER A 1 24  ? 0.366   5.551   -2.136  1.00 0.50 ? 655 SER A H    1 
ATOM 141  H HA   . SER A 1 24  ? 2.692   7.301   -2.892  1.00 0.74 ? 655 SER A HA   1 
ATOM 142  H HB2  . SER A 1 24  ? 1.105   8.865   -3.772  1.00 1.24 ? 655 SER A HB2  1 
ATOM 143  H HB3  . SER A 1 24  ? 0.591   7.290   -4.369  1.00 1.33 ? 655 SER A HB3  1 
ATOM 144  H HG   . SER A 1 24  ? -1.023  8.766   -3.316  1.00 1.65 ? 655 SER A HG   1 
ATOM 145  N N    . VAL A 1 25  ? 2.673   7.960   -0.435  1.00 0.73 ? 656 VAL A N    1 
ATOM 146  C CA   . VAL A 1 25  ? 2.631   8.539   0.939   1.00 0.80 ? 656 VAL A CA   1 
ATOM 147  C C    . VAL A 1 25  ? 3.088   9.999   0.922   1.00 0.87 ? 656 VAL A C    1 
ATOM 148  O O    . VAL A 1 25  ? 4.012   10.376  1.616   1.00 1.56 ? 656 VAL A O    1 
ATOM 149  C CB   . VAL A 1 25  ? 3.608   7.691   1.755   1.00 0.90 ? 656 VAL A CB   1 
ATOM 150  C CG1  . VAL A 1 25  ? 3.298   6.204   1.558   1.00 0.89 ? 656 VAL A CG1  1 
ATOM 151  C CG2  . VAL A 1 25  ? 5.034   7.979   1.287   1.00 1.00 ? 656 VAL A CG2  1 
ATOM 152  H H    . VAL A 1 25  ? 3.527   7.670   -0.818  1.00 0.79 ? 656 VAL A H    1 
ATOM 153  H HA   . VAL A 1 25  ? 1.639   8.459   1.353   1.00 0.81 ? 656 VAL A HA   1 
ATOM 154  H HB   . VAL A 1 25  ? 3.513   7.941   2.802   1.00 0.98 ? 656 VAL A HB   1 
ATOM 155  H HG11 . VAL A 1 25  ? 4.224   5.650   1.499   1.00 1.39 ? 656 VAL A HG11 1 
ATOM 156  H HG12 . VAL A 1 25  ? 2.740   6.068   0.644   1.00 1.15 ? 656 VAL A HG12 1 
ATOM 157  H HG13 . VAL A 1 25  ? 2.716   5.844   2.392   1.00 1.46 ? 656 VAL A HG13 1 
ATOM 158  H HG21 . VAL A 1 25  ? 5.011   8.728   0.509   1.00 1.55 ? 656 VAL A HG21 1 
ATOM 159  H HG22 . VAL A 1 25  ? 5.477   7.073   0.901   1.00 1.38 ? 656 VAL A HG22 1 
ATOM 160  H HG23 . VAL A 1 25  ? 5.620   8.341   2.119   1.00 1.41 ? 656 VAL A HG23 1 
ATOM 161  N N    . GLU A 1 26  ? 2.453   10.826  0.140   1.00 0.61 ? 657 GLU A N    1 
ATOM 162  C CA   . GLU A 1 26  ? 2.859   12.259  0.090   1.00 0.63 ? 657 GLU A CA   1 
ATOM 163  C C    . GLU A 1 26  ? 1.680   13.133  -0.348  1.00 0.75 ? 657 GLU A C    1 
ATOM 164  O O    . GLU A 1 26  ? 1.708   13.752  -1.393  1.00 1.12 ? 657 GLU A O    1 
ATOM 165  C CB   . GLU A 1 26  ? 3.987   12.317  -0.942  1.00 0.67 ? 657 GLU A CB   1 
ATOM 166  C CG   . GLU A 1 26  ? 5.325   12.032  -0.257  1.00 0.72 ? 657 GLU A CG   1 
ATOM 167  C CD   . GLU A 1 26  ? 5.522   13.004  0.906   1.00 1.43 ? 657 GLU A CD   1 
ATOM 168  O OE1  . GLU A 1 26  ? 5.304   14.188  0.707   1.00 2.04 ? 657 GLU A OE1  1 
ATOM 169  O OE2  . GLU A 1 26  ? 5.887   12.549  1.978   1.00 2.06 ? 657 GLU A OE2  1 
ATOM 170  H H    . GLU A 1 26  ? 1.707   10.507  -0.412  1.00 0.97 ? 657 GLU A H    1 
ATOM 171  H HA   . GLU A 1 26  ? 3.226   12.579  1.053   1.00 0.63 ? 657 GLU A HA   1 
ATOM 172  H HB2  . GLU A 1 26  ? 3.809   11.576  -1.709  1.00 0.76 ? 657 GLU A HB2  1 
ATOM 173  H HB3  . GLU A 1 26  ? 4.016   13.299  -1.390  1.00 0.76 ? 657 GLU A HB3  1 
ATOM 174  H HG2  . GLU A 1 26  ? 5.331   11.018  0.114   1.00 0.92 ? 657 GLU A HG2  1 
ATOM 175  H HG3  . GLU A 1 26  ? 6.127   12.159  -0.970  1.00 0.95 ? 657 GLU A HG3  1 
ATOM 176  N N    . ASP A 1 27  ? 0.645   13.188  0.447   1.00 0.84 ? 658 ASP A N    1 
ATOM 177  C CA   . ASP A 1 27  ? -0.536  14.022  0.080   1.00 0.97 ? 658 ASP A CA   1 
ATOM 178  C C    . ASP A 1 27  ? -0.859  13.860  -1.408  1.00 1.33 ? 658 ASP A C    1 
ATOM 179  O O    . ASP A 1 27  ? -0.738  12.788  -1.967  1.00 1.86 ? 658 ASP A O    1 
ATOM 180  C CB   . ASP A 1 27  ? -0.114  15.460  0.384   1.00 1.57 ? 658 ASP A CB   1 
ATOM 181  C CG   . ASP A 1 27  ? -1.343  16.278  0.782   1.00 1.90 ? 658 ASP A CG   1 
ATOM 182  O OD1  . ASP A 1 27  ? -1.921  15.979  1.815   1.00 2.29 ? 658 ASP A OD1  1 
ATOM 183  O OD2  . ASP A 1 27  ? -1.685  17.191  0.050   1.00 2.57 ? 658 ASP A OD2  1 
ATOM 184  H H    . ASP A 1 27  ? 0.646   12.681  1.286   1.00 1.08 ? 658 ASP A H    1 
ATOM 185  H HA   . ASP A 1 27  ? -1.388  13.753  0.684   1.00 0.96 ? 658 ASP A HA   1 
ATOM 186  H HB2  . ASP A 1 27  ? 0.599   15.461  1.195   1.00 2.03 ? 658 ASP A HB2  1 
ATOM 187  H HB3  . ASP A 1 27  ? 0.337   15.896  -0.494  1.00 2.14 ? 658 ASP A HB3  1 
ATOM 188  N N    . ASN A 1 28  ? -1.271  14.917  -2.052  1.00 1.93 ? 659 ASN A N    1 
ATOM 189  C CA   . ASN A 1 28  ? -1.602  14.824  -3.503  1.00 2.58 ? 659 ASN A CA   1 
ATOM 190  C C    . ASN A 1 28  ? -2.686  13.768  -3.733  1.00 2.28 ? 659 ASN A C    1 
ATOM 191  O O    . ASN A 1 28  ? -2.473  12.590  -3.519  1.00 2.82 ? 659 ASN A O    1 
ATOM 192  C CB   . ASN A 1 28  ? -0.296  14.411  -4.181  1.00 3.43 ? 659 ASN A CB   1 
ATOM 193  C CG   . ASN A 1 28  ? 0.275   15.599  -4.957  1.00 4.39 ? 659 ASN A CG   1 
ATOM 194  O OD1  . ASN A 1 28  ? -0.457  16.337  -5.588  1.00 4.94 ? 659 ASN A OD1  1 
ATOM 195  N ND2  . ASN A 1 28  ? 1.561   15.817  -4.940  1.00 4.97 ? 659 ASN A ND2  1 
ATOM 196  H H    . ASN A 1 28  ? -1.363  15.773  -1.583  1.00 2.31 ? 659 ASN A H    1 
ATOM 197  H HA   . ASN A 1 28  ? -1.925  15.783  -3.878  1.00 3.12 ? 659 ASN A HA   1 
ATOM 198  H HB2  . ASN A 1 28  ? 0.414   14.095  -3.430  1.00 3.59 ? 659 ASN A HB2  1 
ATOM 199  H HB3  . ASN A 1 28  ? -0.486  13.596  -4.863  1.00 3.57 ? 659 ASN A HB3  1 
ATOM 200  H HD21 . ASN A 1 28  ? 2.152   15.222  -4.432  1.00 4.90 ? 659 ASN A HD21 1 
ATOM 201  H HD22 . ASN A 1 28  ? 1.938   16.575  -5.433  1.00 5.68 ? 659 ASN A HD22 1 
ATOM 202  N N    . ASN A 1 29  ? -3.846  14.179  -4.167  1.00 2.01 ? 660 ASN A N    1 
ATOM 203  C CA   . ASN A 1 29  ? -4.942  13.197  -4.410  1.00 2.16 ? 660 ASN A CA   1 
ATOM 204  C C    . ASN A 1 29  ? -4.875  12.675  -5.848  1.00 1.99 ? 660 ASN A C    1 
ATOM 205  O O    . ASN A 1 29  ? -5.794  12.048  -6.334  1.00 2.49 ? 660 ASN A O    1 
ATOM 206  C CB   . ASN A 1 29  ? -6.234  13.981  -4.183  1.00 2.59 ? 660 ASN A CB   1 
ATOM 207  C CG   . ASN A 1 29  ? -6.143  14.744  -2.861  1.00 3.25 ? 660 ASN A CG   1 
ATOM 208  O OD1  . ASN A 1 29  ? -6.262  14.163  -1.800  1.00 3.77 ? 660 ASN A OD1  1 
ATOM 209  N ND2  . ASN A 1 29  ? -5.936  16.033  -2.878  1.00 3.75 ? 660 ASN A ND2  1 
ATOM 210  H H    . ASN A 1 29  ? -3.997  15.132  -4.332  1.00 2.23 ? 660 ASN A H    1 
ATOM 211  H HA   . ASN A 1 29  ? -4.878  12.379  -3.709  1.00 2.55 ? 660 ASN A HA   1 
ATOM 212  H HB2  . ASN A 1 29  ? -6.378  14.680  -4.994  1.00 2.70 ? 660 ASN A HB2  1 
ATOM 213  H HB3  . ASN A 1 29  ? -7.069  13.297  -4.144  1.00 2.91 ? 660 ASN A HB3  1 
ATOM 214  H HD21 . ASN A 1 29  ? -5.841  16.502  -3.733  1.00 3.80 ? 660 ASN A HD21 1 
ATOM 215  H HD22 . ASN A 1 29  ? -5.876  16.531  -2.037  1.00 4.34 ? 660 ASN A HD22 1 
ATOM 216  N N    . GLY A 1 30  ? -3.794  12.931  -6.532  1.00 1.93 ? 661 GLY A N    1 
ATOM 217  C CA   . GLY A 1 30  ? -3.670  12.450  -7.937  1.00 2.03 ? 661 GLY A CA   1 
ATOM 218  C C    . GLY A 1 30  ? -2.240  11.967  -8.189  1.00 1.72 ? 661 GLY A C    1 
ATOM 219  O O    . GLY A 1 30  ? -2.022  10.903  -8.732  1.00 2.01 ? 661 GLY A O    1 
ATOM 220  H H    . GLY A 1 30  ? -3.063  13.440  -6.122  1.00 2.29 ? 661 GLY A H    1 
ATOM 221  H HA2  . GLY A 1 30  ? -4.361  11.636  -8.101  1.00 2.34 ? 661 GLY A HA2  1 
ATOM 222  H HA3  . GLY A 1 30  ? -3.897  13.258  -8.616  1.00 2.24 ? 661 GLY A HA3  1 
ATOM 223  N N    . ASN A 1 31  ? -1.265  12.741  -7.799  1.00 1.45 ? 662 ASN A N    1 
ATOM 224  C CA   . ASN A 1 31  ? 0.150   12.324  -8.018  1.00 1.26 ? 662 ASN A CA   1 
ATOM 225  C C    . ASN A 1 31  ? 0.323   10.843  -7.672  1.00 1.15 ? 662 ASN A C    1 
ATOM 226  O O    . ASN A 1 31  ? 0.137   10.431  -6.544  1.00 1.31 ? 662 ASN A O    1 
ATOM 227  C CB   . ASN A 1 31  ? 0.971   13.195  -7.067  1.00 1.27 ? 662 ASN A CB   1 
ATOM 228  C CG   . ASN A 1 31  ? 1.990   14.008  -7.870  1.00 1.54 ? 662 ASN A CG   1 
ATOM 229  O OD1  . ASN A 1 31  ? 1.638   14.667  -8.827  1.00 2.06 ? 662 ASN A OD1  1 
ATOM 230  N ND2  . ASN A 1 31  ? 3.245   13.988  -7.517  1.00 1.99 ? 662 ASN A ND2  1 
ATOM 231  H H    . ASN A 1 31  ? -1.462  13.596  -7.363  1.00 1.64 ? 662 ASN A H    1 
ATOM 232  H HA   . ASN A 1 31  ? 0.445   12.511  -9.037  1.00 1.37 ? 662 ASN A HA   1 
ATOM 233  H HB2  . ASN A 1 31  ? 0.314   13.867  -6.535  1.00 1.41 ? 662 ASN A HB2  1 
ATOM 234  H HB3  . ASN A 1 31  ? 1.493   12.566  -6.361  1.00 1.41 ? 662 ASN A HB3  1 
ATOM 235  H HD21 . ASN A 1 31  ? 3.530   13.455  -6.745  1.00 2.36 ? 662 ASN A HD21 1 
ATOM 236  H HD22 . ASN A 1 31  ? 3.905   14.505  -8.024  1.00 2.32 ? 662 ASN A HD22 1 
ATOM 237  N N    . MET A 1 32  ? 0.680   10.037  -8.635  1.00 1.19 ? 663 MET A N    1 
ATOM 238  C CA   . MET A 1 32  ? 0.864   8.583   -8.361  1.00 1.15 ? 663 MET A CA   1 
ATOM 239  C C    . MET A 1 32  ? 2.315   8.300   -7.966  1.00 0.97 ? 663 MET A C    1 
ATOM 240  O O    . MET A 1 32  ? 3.239   8.890   -8.490  1.00 1.48 ? 663 MET A O    1 
ATOM 241  C CB   . MET A 1 32  ? 0.521   7.885   -9.677  1.00 1.40 ? 663 MET A CB   1 
ATOM 242  C CG   . MET A 1 32  ? 1.364   8.480   -10.807 1.00 1.52 ? 663 MET A CG   1 
ATOM 243  S SD   . MET A 1 32  ? 1.705   7.203   -12.043 1.00 1.94 ? 663 MET A SD   1 
ATOM 244  C CE   . MET A 1 32  ? 2.576   8.259   -13.227 1.00 2.23 ? 663 MET A CE   1 
ATOM 245  H H    . MET A 1 32  ? 0.825   10.387  -9.539  1.00 1.42 ? 663 MET A H    1 
ATOM 246  H HA   . MET A 1 32  ? 0.191   8.256   -7.585  1.00 1.25 ? 663 MET A HA   1 
ATOM 247  H HB2  . MET A 1 32  ? 0.729   6.828   -9.589  1.00 1.41 ? 663 MET A HB2  1 
ATOM 248  H HB3  . MET A 1 32  ? -0.525  8.029   -9.900  1.00 1.64 ? 663 MET A HB3  1 
ATOM 249  H HG2  . MET A 1 32  ? 0.826   9.294   -11.269 1.00 1.95 ? 663 MET A HG2  1 
ATOM 250  H HG3  . MET A 1 32  ? 2.296   8.849   -10.404 1.00 1.72 ? 663 MET A HG3  1 
ATOM 251  H HE1  . MET A 1 32  ? 2.729   7.714   -14.149 1.00 2.44 ? 663 MET A HE1  1 
ATOM 252  H HE2  . MET A 1 32  ? 3.531   8.548   -12.820 1.00 2.69 ? 663 MET A HE2  1 
ATOM 253  H HE3  . MET A 1 32  ? 1.985   9.144   -13.419 1.00 2.54 ? 663 MET A HE3  1 
ATOM 254  N N    . TYR A 1 33  ? 2.523   7.400   -7.045  1.00 0.73 ? 664 TYR A N    1 
ATOM 255  C CA   . TYR A 1 33  ? 3.915   7.078   -6.615  1.00 0.66 ? 664 TYR A CA   1 
ATOM 256  C C    . TYR A 1 33  ? 4.306   5.678   -7.093  1.00 0.65 ? 664 TYR A C    1 
ATOM 257  O O    . TYR A 1 33  ? 5.021   5.518   -8.062  1.00 0.78 ? 664 TYR A O    1 
ATOM 258  C CB   . TYR A 1 33  ? 3.882   7.127   -5.089  1.00 0.85 ? 664 TYR A CB   1 
ATOM 259  C CG   . TYR A 1 33  ? 4.657   8.325   -4.601  1.00 0.64 ? 664 TYR A CG   1 
ATOM 260  C CD1  . TYR A 1 33  ? 6.050   8.256   -4.485  1.00 1.32 ? 664 TYR A CD1  1 
ATOM 261  C CD2  . TYR A 1 33  ? 3.984   9.504   -4.262  1.00 1.61 ? 664 TYR A CD2  1 
ATOM 262  C CE1  . TYR A 1 33  ? 6.769   9.366   -4.029  1.00 2.00 ? 664 TYR A CE1  1 
ATOM 263  C CE2  . TYR A 1 33  ? 4.703   10.615  -3.806  1.00 2.32 ? 664 TYR A CE2  1 
ATOM 264  C CZ   . TYR A 1 33  ? 6.096   10.546  -3.690  1.00 2.33 ? 664 TYR A CZ   1 
ATOM 265  O OH   . TYR A 1 33  ? 6.806   11.640  -3.240  1.00 3.26 ? 664 TYR A OH   1 
ATOM 266  H H    . TYR A 1 33  ? 1.765   6.934   -6.634  1.00 1.07 ? 664 TYR A H    1 
ATOM 267  H HA   . TYR A 1 33  ? 4.606   7.815   -6.993  1.00 0.72 ? 664 TYR A HA   1 
ATOM 268  H HB2  . TYR A 1 33  ? 2.857   7.199   -4.753  1.00 1.54 ? 664 TYR A HB2  1 
ATOM 269  H HB3  . TYR A 1 33  ? 4.328   6.227   -4.693  1.00 1.34 ? 664 TYR A HB3  1 
ATOM 270  H HD1  . TYR A 1 33  ? 6.570   7.346   -4.746  1.00 1.92 ? 664 TYR A HD1  1 
ATOM 271  H HD2  . TYR A 1 33  ? 2.909   9.557   -4.351  1.00 2.19 ? 664 TYR A HD2  1 
ATOM 272  H HE1  . TYR A 1 33  ? 7.844   9.312   -3.939  1.00 2.70 ? 664 TYR A HE1  1 
ATOM 273  H HE2  . TYR A 1 33  ? 4.183   11.524  -3.544  1.00 3.18 ? 664 TYR A HE2  1 
ATOM 274  H HH   . TYR A 1 33  ? 6.908   12.250  -3.975  1.00 3.80 ? 664 TYR A HH   1 
ATOM 275  N N    . LYS A 1 34  ? 3.846   4.662   -6.415  1.00 0.63 ? 665 LYS A N    1 
ATOM 276  C CA   . LYS A 1 34  ? 4.195   3.272   -6.826  1.00 0.65 ? 665 LYS A CA   1 
ATOM 277  C C    . LYS A 1 34  ? 3.010   2.607   -7.526  1.00 0.61 ? 665 LYS A C    1 
ATOM 278  O O    . LYS A 1 34  ? 1.900   3.100   -7.498  1.00 1.03 ? 665 LYS A O    1 
ATOM 279  C CB   . LYS A 1 34  ? 4.524   2.541   -5.524  1.00 0.75 ? 665 LYS A CB   1 
ATOM 280  C CG   . LYS A 1 34  ? 6.039   2.364   -5.403  1.00 1.00 ? 665 LYS A CG   1 
ATOM 281  C CD   . LYS A 1 34  ? 6.584   1.698   -6.667  1.00 1.04 ? 665 LYS A CD   1 
ATOM 282  C CE   . LYS A 1 34  ? 7.319   2.740   -7.513  1.00 1.44 ? 665 LYS A CE   1 
ATOM 283  N NZ   . LYS A 1 34  ? 8.582   2.071   -7.935  1.00 1.98 ? 665 LYS A NZ   1 
ATOM 284  H H    . LYS A 1 34  ? 3.275   4.813   -5.633  1.00 0.68 ? 665 LYS A H    1 
ATOM 285  H HA   . LYS A 1 34  ? 5.057   3.279   -7.473  1.00 0.71 ? 665 LYS A HA   1 
ATOM 286  H HB2  . LYS A 1 34  ? 4.160   3.119   -4.687  1.00 0.84 ? 665 LYS A HB2  1 
ATOM 287  H HB3  . LYS A 1 34  ? 4.049   1.572   -5.527  1.00 0.78 ? 665 LYS A HB3  1 
ATOM 288  H HG2  . LYS A 1 34  ? 6.503   3.331   -5.275  1.00 1.41 ? 665 LYS A HG2  1 
ATOM 289  H HG3  . LYS A 1 34  ? 6.260   1.744   -4.547  1.00 1.39 ? 665 LYS A HG3  1 
ATOM 290  H HD2  . LYS A 1 34  ? 7.269   0.908   -6.391  1.00 1.38 ? 665 LYS A HD2  1 
ATOM 291  H HD3  . LYS A 1 34  ? 5.768   1.285   -7.237  1.00 1.51 ? 665 LYS A HD3  1 
ATOM 292  H HE2  . LYS A 1 34  ? 6.725   3.008   -8.376  1.00 1.79 ? 665 LYS A HE2  1 
ATOM 293  H HE3  . LYS A 1 34  ? 7.543   3.614   -6.923  1.00 1.62 ? 665 LYS A HE3  1 
ATOM 294  H HZ1  . LYS A 1 34  ? 9.112   2.700   -8.570  1.00 2.59 ? 665 LYS A HZ1  1 
ATOM 295  H HZ2  . LYS A 1 34  ? 8.354   1.185   -8.433  1.00 2.20 ? 665 LYS A HZ2  1 
ATOM 296  H HZ3  . LYS A 1 34  ? 9.160   1.860   -7.097  1.00 2.16 ? 665 LYS A HZ3  1 
ATOM 297  N N    . SER A 1 35  ? 3.245   1.487   -8.153  1.00 0.56 ? 666 SER A N    1 
ATOM 298  C CA   . SER A 1 35  ? 2.146   0.771   -8.860  1.00 0.53 ? 666 SER A CA   1 
ATOM 299  C C    . SER A 1 35  ? 2.725   -0.407  -9.645  1.00 0.56 ? 666 SER A C    1 
ATOM 300  O O    . SER A 1 35  ? 2.442   -0.591  -10.812 1.00 0.77 ? 666 SER A O    1 
ATOM 301  C CB   . SER A 1 35  ? 1.543   1.807   -9.810  1.00 0.63 ? 666 SER A CB   1 
ATOM 302  O OG   . SER A 1 35  ? 0.143   1.895   -9.581  1.00 1.29 ? 666 SER A OG   1 
ATOM 303  H H    . SER A 1 35  ? 4.150   1.114   -8.157  1.00 0.89 ? 666 SER A H    1 
ATOM 304  H HA   . SER A 1 35  ? 1.400   0.432   -8.159  1.00 0.54 ? 666 SER A HA   1 
ATOM 305  H HB2  . SER A 1 35  ? 1.993   2.768   -9.630  1.00 1.06 ? 666 SER A HB2  1 
ATOM 306  H HB3  . SER A 1 35  ? 1.732   1.508   -10.833 1.00 1.13 ? 666 SER A HB3  1 
ATOM 307  H HG   . SER A 1 35  ? -0.221  2.529   -10.203 1.00 1.76 ? 666 SER A HG   1 
ATOM 308  N N    . ILE A 1 36  ? 3.543   -1.204  -9.010  1.00 0.52 ? 667 ILE A N    1 
ATOM 309  C CA   . ILE A 1 36  ? 4.154   -2.367  -9.714  1.00 0.63 ? 667 ILE A CA   1 
ATOM 310  C C    . ILE A 1 36  ? 3.332   -3.635  -9.467  1.00 0.60 ? 667 ILE A C    1 
ATOM 311  O O    . ILE A 1 36  ? 2.970   -3.944  -8.350  1.00 0.67 ? 667 ILE A O    1 
ATOM 312  C CB   . ILE A 1 36  ? 5.551   -2.505  -9.107  1.00 0.76 ? 667 ILE A CB   1 
ATOM 313  C CG1  . ILE A 1 36  ? 5.440   -3.102  -7.701  1.00 1.03 ? 667 ILE A CG1  1 
ATOM 314  C CG2  . ILE A 1 36  ? 6.211   -1.128  -9.019  1.00 1.33 ? 667 ILE A CG2  1 
ATOM 315  C CD1  . ILE A 1 36  ? 6.834   -3.214  -7.082  1.00 1.01 ? 667 ILE A CD1  1 
ATOM 316  H H    . ILE A 1 36  ? 3.760   -1.031  -8.070  1.00 0.54 ? 667 ILE A H    1 
ATOM 317  H HA   . ILE A 1 36  ? 4.231   -2.168  -10.772 1.00 0.77 ? 667 ILE A HA   1 
ATOM 318  H HB   . ILE A 1 36  ? 6.152   -3.153  -9.729  1.00 1.34 ? 667 ILE A HB   1 
ATOM 319  H HG12 . ILE A 1 36  ? 4.822   -2.463  -7.087  1.00 1.48 ? 667 ILE A HG12 1 
ATOM 320  H HG13 . ILE A 1 36  ? 4.995   -4.084  -7.761  1.00 1.64 ? 667 ILE A HG13 1 
ATOM 321  H HG21 . ILE A 1 36  ? 5.558   -0.448  -8.492  1.00 1.81 ? 667 ILE A HG21 1 
ATOM 322  H HG22 . ILE A 1 36  ? 6.394   -0.752  -10.015 1.00 1.99 ? 667 ILE A HG22 1 
ATOM 323  H HG23 . ILE A 1 36  ? 7.148   -1.211  -8.489  1.00 1.69 ? 667 ILE A HG23 1 
ATOM 324  H HD11 . ILE A 1 36  ? 6.811   -2.837  -6.070  1.00 1.54 ? 667 ILE A HD11 1 
ATOM 325  H HD12 . ILE A 1 36  ? 7.535   -2.635  -7.666  1.00 1.30 ? 667 ILE A HD12 1 
ATOM 326  H HD13 . ILE A 1 36  ? 7.142   -4.249  -7.073  1.00 1.45 ? 667 ILE A HD13 1 
ATOM 327  N N    . MET A 1 37  ? 3.040   -4.374  -10.502 1.00 0.64 ? 668 MET A N    1 
ATOM 328  C CA   . MET A 1 37  ? 2.246   -5.624  -10.325 1.00 0.72 ? 668 MET A CA   1 
ATOM 329  C C    . MET A 1 37  ? 3.175   -6.795  -9.992  1.00 0.67 ? 668 MET A C    1 
ATOM 330  O O    . MET A 1 37  ? 3.247   -7.769  -10.716 1.00 0.99 ? 668 MET A O    1 
ATOM 331  C CB   . MET A 1 37  ? 1.557   -5.851  -11.671 1.00 0.90 ? 668 MET A CB   1 
ATOM 332  C CG   . MET A 1 37  ? 2.597   -6.257  -12.716 1.00 1.54 ? 668 MET A CG   1 
ATOM 333  S SD   . MET A 1 37  ? 2.058   -5.701  -14.352 1.00 2.20 ? 668 MET A SD   1 
ATOM 334  C CE   . MET A 1 37  ? 3.150   -6.766  -15.325 1.00 2.62 ? 668 MET A CE   1 
ATOM 335  H H    . MET A 1 37  ? 3.344   -4.110  -11.396 1.00 0.72 ? 668 MET A H    1 
ATOM 336  H HA   . MET A 1 37  ? 1.509   -5.495  -9.550  1.00 0.83 ? 668 MET A HA   1 
ATOM 337  H HB2  . MET A 1 37  ? 0.821   -6.636  -11.570 1.00 1.24 ? 668 MET A HB2  1 
ATOM 338  H HB3  . MET A 1 37  ? 1.071   -4.939  -11.984 1.00 1.34 ? 668 MET A HB3  1 
ATOM 339  H HG2  . MET A 1 37  ? 3.546   -5.801  -12.475 1.00 2.03 ? 668 MET A HG2  1 
ATOM 340  H HG3  . MET A 1 37  ? 2.705   -7.331  -12.719 1.00 2.01 ? 668 MET A HG3  1 
ATOM 341  H HE1  . MET A 1 37  ? 3.904   -7.193  -14.679 1.00 2.93 ? 668 MET A HE1  1 
ATOM 342  H HE2  . MET A 1 37  ? 3.629   -6.184  -16.097 1.00 2.81 ? 668 MET A HE2  1 
ATOM 343  H HE3  . MET A 1 37  ? 2.568   -7.555  -15.781 1.00 3.13 ? 668 MET A HE3  1 
ATOM 344  N N    . LEU A 1 38  ? 3.887   -6.708  -8.903  1.00 0.72 ? 669 LEU A N    1 
ATOM 345  C CA   . LEU A 1 38  ? 4.811   -7.816  -8.523  1.00 0.77 ? 669 LEU A CA   1 
ATOM 346  C C    . LEU A 1 38  ? 4.120   -9.168  -8.715  1.00 0.90 ? 669 LEU A C    1 
ATOM 347  O O    . LEU A 1 38  ? 2.928   -9.240  -8.933  1.00 1.16 ? 669 LEU A O    1 
ATOM 348  C CB   . LEU A 1 38  ? 5.126   -7.582  -7.046  1.00 1.00 ? 669 LEU A CB   1 
ATOM 349  C CG   . LEU A 1 38  ? 5.873   -6.257  -6.885  1.00 1.03 ? 669 LEU A CG   1 
ATOM 350  C CD1  . LEU A 1 38  ? 5.169   -5.399  -5.831  1.00 1.45 ? 669 LEU A CD1  1 
ATOM 351  C CD2  . LEU A 1 38  ? 7.311   -6.533  -6.439  1.00 1.42 ? 669 LEU A CD2  1 
ATOM 352  H H    . LEU A 1 38  ? 3.815   -5.914  -8.332  1.00 1.00 ? 669 LEU A H    1 
ATOM 353  H HA   . LEU A 1 38  ? 5.717   -7.768  -9.106  1.00 0.87 ? 669 LEU A HA   1 
ATOM 354  H HB2  . LEU A 1 38  ? 4.204   -7.547  -6.483  1.00 1.45 ? 669 LEU A HB2  1 
ATOM 355  H HB3  . LEU A 1 38  ? 5.743   -8.387  -6.677  1.00 1.46 ? 669 LEU A HB3  1 
ATOM 356  H HG   . LEU A 1 38  ? 5.881   -5.731  -7.829  1.00 1.54 ? 669 LEU A HG   1 
ATOM 357  H HD11 . LEU A 1 38  ? 5.838   -4.621  -5.495  1.00 1.95 ? 669 LEU A HD11 1 
ATOM 358  H HD12 . LEU A 1 38  ? 4.889   -6.019  -4.992  1.00 1.80 ? 669 LEU A HD12 1 
ATOM 359  H HD13 . LEU A 1 38  ? 4.285   -4.954  -6.261  1.00 1.96 ? 669 LEU A HD13 1 
ATOM 360  H HD21 . LEU A 1 38  ? 7.457   -7.599  -6.339  1.00 1.91 ? 669 LEU A HD21 1 
ATOM 361  H HD22 . LEU A 1 38  ? 7.490   -6.056  -5.487  1.00 1.82 ? 669 LEU A HD22 1 
ATOM 362  H HD23 . LEU A 1 38  ? 7.997   -6.142  -7.174  1.00 1.89 ? 669 LEU A HD23 1 
ATOM 363  N N    . THR A 1 39  ? 4.860   -10.240 -8.632  1.00 1.06 ? 670 THR A N    1 
ATOM 364  C CA   . THR A 1 39  ? 4.242   -11.585 -8.806  1.00 1.34 ? 670 THR A CA   1 
ATOM 365  C C    . THR A 1 39  ? 2.916   -11.655 -8.047  1.00 1.13 ? 670 THR A C    1 
ATOM 366  O O    . THR A 1 39  ? 1.854   -11.713 -8.637  1.00 1.79 ? 670 THR A O    1 
ATOM 367  C CB   . THR A 1 39  ? 5.254   -12.566 -8.212  1.00 1.93 ? 670 THR A CB   1 
ATOM 368  O OG1  . THR A 1 39  ? 6.359   -12.697 -9.096  1.00 2.49 ? 670 THR A OG1  1 
ATOM 369  C CG2  . THR A 1 39  ? 4.591   -13.930 -8.016  1.00 2.35 ? 670 THR A CG2  1 
ATOM 370  H H    . THR A 1 39  ? 5.821   -10.160 -8.453  1.00 1.19 ? 670 THR A H    1 
ATOM 371  H HA   . THR A 1 39  ? 4.092   -11.798 -9.853  1.00 1.73 ? 670 THR A HA   1 
ATOM 372  H HB   . THR A 1 39  ? 5.597   -12.196 -7.258  1.00 1.95 ? 670 THR A HB   1 
ATOM 373  H HG1  . THR A 1 39  ? 6.630   -11.816 -9.365  1.00 2.60 ? 670 THR A HG1  1 
ATOM 374  H HG21 . THR A 1 39  ? 3.572   -13.889 -8.372  1.00 2.78 ? 670 THR A HG21 1 
ATOM 375  H HG22 . THR A 1 39  ? 4.594   -14.184 -6.966  1.00 2.48 ? 670 THR A HG22 1 
ATOM 376  H HG23 . THR A 1 39  ? 5.136   -14.680 -8.569  1.00 2.73 ? 670 THR A HG23 1 
ATOM 377  N N    . SER A 1 40  ? 2.966   -11.649 -6.743  1.00 0.96 ? 671 SER A N    1 
ATOM 378  C CA   . SER A 1 40  ? 1.707   -11.713 -5.944  1.00 1.16 ? 671 SER A CA   1 
ATOM 379  C C    . SER A 1 40  ? 2.029   -11.938 -4.465  1.00 1.03 ? 671 SER A C    1 
ATOM 380  O O    . SER A 1 40  ? 1.592   -12.900 -3.865  1.00 1.73 ? 671 SER A O    1 
ATOM 381  C CB   . SER A 1 40  ? 0.936   -12.906 -6.510  1.00 1.76 ? 671 SER A CB   1 
ATOM 382  O OG   . SER A 1 40  ? 1.851   -13.818 -7.102  1.00 2.53 ? 671 SER A OG   1 
ATOM 383  H H    . SER A 1 40  ? 3.832   -11.601 -6.287  1.00 1.34 ? 671 SER A H    1 
ATOM 384  H HA   . SER A 1 40  ? 1.133   -10.809 -6.073  1.00 1.74 ? 671 SER A HA   1 
ATOM 385  H HB2  . SER A 1 40  ? 0.404   -13.403 -5.716  1.00 2.16 ? 671 SER A HB2  1 
ATOM 386  H HB3  . SER A 1 40  ? 0.228   -12.558 -7.251  1.00 2.18 ? 671 SER A HB3  1 
ATOM 387  H HG   . SER A 1 40  ? 1.721   -14.677 -6.692  1.00 2.92 ? 671 SER A HG   1 
ATOM 388  N N    . GLN A 1 41  ? 2.789   -11.058 -3.870  1.00 0.92 ? 672 GLN A N    1 
ATOM 389  C CA   . GLN A 1 41  ? 3.131   -11.231 -2.429  1.00 1.21 ? 672 GLN A CA   1 
ATOM 390  C C    . GLN A 1 41  ? 4.018   -10.076 -1.948  1.00 1.35 ? 672 GLN A C    1 
ATOM 391  O O    . GLN A 1 41  ? 5.195   -10.018 -2.244  1.00 2.35 ? 672 GLN A O    1 
ATOM 392  C CB   . GLN A 1 41  ? 3.890   -12.556 -2.358  1.00 1.48 ? 672 GLN A CB   1 
ATOM 393  C CG   . GLN A 1 41  ? 3.284   -13.434 -1.262  1.00 1.76 ? 672 GLN A CG   1 
ATOM 394  C CD   . GLN A 1 41  ? 4.389   -14.250 -0.590  1.00 2.17 ? 672 GLN A CD   1 
ATOM 395  O OE1  . GLN A 1 41  ? 5.559   -13.985 -0.786  1.00 2.72 ? 672 GLN A OE1  1 
ATOM 396  N NE2  . GLN A 1 41  ? 4.068   -15.238 0.198   1.00 2.55 ? 672 GLN A NE2  1 
ATOM 397  H H    . GLN A 1 41  ? 3.131   -10.287 -4.368  1.00 1.31 ? 672 GLN A H    1 
ATOM 398  H HA   . GLN A 1 41  ? 2.232   -11.289 -1.835  1.00 1.49 ? 672 GLN A HA   1 
ATOM 399  H HB2  . GLN A 1 41  ? 3.816   -13.063 -3.309  1.00 1.49 ? 672 GLN A HB2  1 
ATOM 400  H HB3  . GLN A 1 41  ? 4.927   -12.364 -2.131  1.00 1.96 ? 672 GLN A HB3  1 
ATOM 401  H HG2  . GLN A 1 41  ? 2.798   -12.808 -0.526  1.00 2.19 ? 672 GLN A HG2  1 
ATOM 402  H HG3  . GLN A 1 41  ? 2.558   -14.105 -1.698  1.00 1.78 ? 672 GLN A HG3  1 
ATOM 403  H HE21 . GLN A 1 41  ? 3.124   -15.451 0.356   1.00 2.79 ? 672 GLN A HE21 1 
ATOM 404  H HE22 . GLN A 1 41  ? 4.769   -15.767 0.633   1.00 2.94 ? 672 GLN A HE22 1 
ATOM 405  N N    . ASP A 1 42  ? 3.459   -9.160  -1.203  1.00 0.74 ? 673 ASP A N    1 
ATOM 406  C CA   . ASP A 1 42  ? 4.260   -8.007  -0.696  1.00 0.81 ? 673 ASP A CA   1 
ATOM 407  C C    . ASP A 1 42  ? 3.328   -6.970  -0.065  1.00 0.72 ? 673 ASP A C    1 
ATOM 408  O O    . ASP A 1 42  ? 2.253   -6.707  -0.567  1.00 0.84 ? 673 ASP A O    1 
ATOM 409  C CB   . ASP A 1 42  ? 4.953   -7.426  -1.929  1.00 0.99 ? 673 ASP A CB   1 
ATOM 410  C CG   . ASP A 1 42  ? 6.469   -7.473  -1.733  1.00 1.46 ? 673 ASP A CG   1 
ATOM 411  O OD1  . ASP A 1 42  ? 6.928   -7.020  -0.697  1.00 2.04 ? 673 ASP A OD1  1 
ATOM 412  O OD2  . ASP A 1 42  ? 7.147   -7.962  -2.622  1.00 2.11 ? 673 ASP A OD2  1 
ATOM 413  H H    . ASP A 1 42  ? 2.509   -9.230  -0.976  1.00 1.10 ? 673 ASP A H    1 
ATOM 414  H HA   . ASP A 1 42  ? 4.995   -8.342  0.020   1.00 0.91 ? 673 ASP A HA   1 
ATOM 415  H HB2  . ASP A 1 42  ? 4.683   -8.005  -2.801  1.00 1.27 ? 673 ASP A HB2  1 
ATOM 416  H HB3  . ASP A 1 42  ? 4.642   -6.402  -2.068  1.00 1.39 ? 673 ASP A HB3  1 
ATOM 417  N N    . LYS A 1 43  ? 3.717   -6.379  1.035   1.00 0.61 ? 674 LYS A N    1 
ATOM 418  C CA   . LYS A 1 43  ? 2.825   -5.370  1.676   1.00 0.56 ? 674 LYS A CA   1 
ATOM 419  C C    . LYS A 1 43  ? 3.511   -4.702  2.874   1.00 0.48 ? 674 LYS A C    1 
ATOM 420  O O    . LYS A 1 43  ? 3.934   -3.567  2.793   1.00 0.44 ? 674 LYS A O    1 
ATOM 421  C CB   . LYS A 1 43  ? 1.607   -6.173  2.133   1.00 0.59 ? 674 LYS A CB   1 
ATOM 422  C CG   . LYS A 1 43  ? 0.638   -5.259  2.880   1.00 0.60 ? 674 LYS A CG   1 
ATOM 423  C CD   . LYS A 1 43  ? 0.389   -3.993  2.059   1.00 0.74 ? 674 LYS A CD   1 
ATOM 424  C CE   . LYS A 1 43  ? -0.523  -3.046  2.842   1.00 1.20 ? 674 LYS A CE   1 
ATOM 425  N NZ   . LYS A 1 43  ? 0.376   -1.962  3.329   1.00 2.00 ? 674 LYS A NZ   1 
ATOM 426  H H    . LYS A 1 43  ? 4.583   -6.600  1.436   1.00 0.65 ? 674 LYS A H    1 
ATOM 427  H HA   . LYS A 1 43  ? 2.523   -4.628  0.956   1.00 0.61 ? 674 LYS A HA   1 
ATOM 428  H HB2  . LYS A 1 43  ? 1.110   -6.596  1.273   1.00 0.67 ? 674 LYS A HB2  1 
ATOM 429  H HB3  . LYS A 1 43  ? 1.926   -6.967  2.791   1.00 0.62 ? 674 LYS A HB3  1 
ATOM 430  H HG2  . LYS A 1 43  ? -0.297  -5.779  3.036   1.00 0.70 ? 674 LYS A HG2  1 
ATOM 431  H HG3  . LYS A 1 43  ? 1.064   -4.990  3.835   1.00 0.56 ? 674 LYS A HG3  1 
ATOM 432  H HD2  . LYS A 1 43  ? 1.332   -3.502  1.859   1.00 0.89 ? 674 LYS A HD2  1 
ATOM 433  H HD3  . LYS A 1 43  ? -0.085  -4.256  1.126   1.00 0.89 ? 674 LYS A HD3  1 
ATOM 434  H HE2  . LYS A 1 43  ? -1.288  -2.641  2.193   1.00 1.50 ? 674 LYS A HE2  1 
ATOM 435  H HE3  . LYS A 1 43  ? -0.970  -3.560  3.678   1.00 1.45 ? 674 LYS A HE3  1 
ATOM 436  H HZ1  . LYS A 1 43  ? -0.185  -1.108  3.524   1.00 2.47 ? 674 LYS A HZ1  1 
ATOM 437  H HZ2  . LYS A 1 43  ? 1.089   -1.752  2.601   1.00 2.36 ? 674 LYS A HZ2  1 
ATOM 438  H HZ3  . LYS A 1 43  ? 0.849   -2.270  4.202   1.00 2.46 ? 674 LYS A HZ3  1 
ATOM 439  N N    . THR A 1 44  ? 3.599   -5.402  3.982   1.00 0.47 ? 675 THR A N    1 
ATOM 440  C CA   . THR A 1 44  ? 4.237   -4.840  5.224   1.00 0.41 ? 675 THR A CA   1 
ATOM 441  C C    . THR A 1 44  ? 5.471   -3.990  4.893   1.00 0.37 ? 675 THR A C    1 
ATOM 442  O O    . THR A 1 44  ? 5.812   -3.833  3.752   1.00 0.38 ? 675 THR A O    1 
ATOM 443  C CB   . THR A 1 44  ? 4.639   -6.082  6.025   1.00 0.47 ? 675 THR A CB   1 
ATOM 444  O OG1  . THR A 1 44  ? 4.862   -7.168  5.137   1.00 0.54 ? 675 THR A OG1  1 
ATOM 445  C CG2  . THR A 1 44  ? 3.517   -6.433  6.990   1.00 0.50 ? 675 THR A CG2  1 
ATOM 446  H H    . THR A 1 44  ? 3.231   -6.310  4.003   1.00 0.51 ? 675 THR A H    1 
ATOM 447  H HA   . THR A 1 44  ? 3.521   -4.261  5.784   1.00 0.40 ? 675 THR A HA   1 
ATOM 448  H HB   . THR A 1 44  ? 5.535   -5.884  6.587   1.00 0.47 ? 675 THR A HB   1 
ATOM 449  H HG1  . THR A 1 44  ? 5.616   -7.666  5.461   1.00 0.84 ? 675 THR A HG1  1 
ATOM 450  H HG21 . THR A 1 44  ? 2.670   -5.803  6.784   1.00 0.97 ? 675 THR A HG21 1 
ATOM 451  H HG22 . THR A 1 44  ? 3.851   -6.270  8.005   1.00 1.23 ? 675 THR A HG22 1 
ATOM 452  H HG23 . THR A 1 44  ? 3.240   -7.467  6.861   1.00 1.16 ? 675 THR A HG23 1 
ATOM 453  N N    . PRO A 1 45  ? 6.103   -3.463  5.914   1.00 0.35 ? 676 PRO A N    1 
ATOM 454  C CA   . PRO A 1 45  ? 7.308   -2.623  5.739   1.00 0.33 ? 676 PRO A CA   1 
ATOM 455  C C    . PRO A 1 45  ? 8.112   -2.976  4.469   1.00 0.34 ? 676 PRO A C    1 
ATOM 456  O O    . PRO A 1 45  ? 8.776   -2.128  3.906   1.00 0.32 ? 676 PRO A O    1 
ATOM 457  C CB   . PRO A 1 45  ? 8.112   -2.914  7.007   1.00 0.39 ? 676 PRO A CB   1 
ATOM 458  C CG   . PRO A 1 45  ? 7.134   -3.491  8.000   1.00 0.42 ? 676 PRO A CG   1 
ATOM 459  C CD   . PRO A 1 45  ? 5.780   -3.568  7.335   1.00 0.40 ? 676 PRO A CD   1 
ATOM 460  H HA   . PRO A 1 45  ? 7.030   -1.584  5.726   1.00 0.31 ? 676 PRO A HA   1 
ATOM 461  H HB2  . PRO A 1 45  ? 8.895   -3.630  6.793   1.00 0.44 ? 676 PRO A HB2  1 
ATOM 462  H HB3  . PRO A 1 45  ? 8.536   -2.002  7.396   1.00 0.42 ? 676 PRO A HB3  1 
ATOM 463  H HG2  . PRO A 1 45  ? 7.455   -4.479  8.296   1.00 0.48 ? 676 PRO A HG2  1 
ATOM 464  H HG3  . PRO A 1 45  ? 7.074   -2.851  8.867   1.00 0.43 ? 676 PRO A HG3  1 
ATOM 465  H HD2  . PRO A 1 45  ? 5.294   -4.499  7.567   1.00 0.45 ? 676 PRO A HD2  1 
ATOM 466  H HD3  . PRO A 1 45  ? 5.165   -2.735  7.635   1.00 0.39 ? 676 PRO A HD3  1 
ATOM 467  N N    . ALA A 1 46  ? 8.057   -4.195  3.996   1.00 0.40 ? 677 ALA A N    1 
ATOM 468  C CA   . ALA A 1 46  ? 8.811   -4.541  2.763   1.00 0.46 ? 677 ALA A CA   1 
ATOM 469  C C    . ALA A 1 46  ? 8.302   -3.683  1.605   1.00 0.45 ? 677 ALA A C    1 
ATOM 470  O O    . ALA A 1 46  ? 9.058   -3.007  0.936   1.00 0.45 ? 677 ALA A O    1 
ATOM 471  C CB   . ALA A 1 46  ? 8.501   -6.017  2.509   1.00 0.55 ? 677 ALA A CB   1 
ATOM 472  H H    . ALA A 1 46  ? 7.507   -4.872  4.434   1.00 0.43 ? 677 ALA A H    1 
ATOM 473  H HA   . ALA A 1 46  ? 9.869   -4.399  2.908   1.00 0.47 ? 677 ALA A HA   1 
ATOM 474  H HB1  . ALA A 1 46  ? 9.313   -6.466  1.957   1.00 1.14 ? 677 ALA A HB1  1 
ATOM 475  H HB2  . ALA A 1 46  ? 7.588   -6.101  1.939   1.00 1.16 ? 677 ALA A HB2  1 
ATOM 476  H HB3  . ALA A 1 46  ? 8.384   -6.527  3.454   1.00 1.15 ? 677 ALA A HB3  1 
ATOM 477  N N    . VAL A 1 47  ? 7.018   -3.703  1.372   1.00 0.46 ? 678 VAL A N    1 
ATOM 478  C CA   . VAL A 1 47  ? 6.443   -2.891  0.274   1.00 0.50 ? 678 VAL A CA   1 
ATOM 479  C C    . VAL A 1 47  ? 6.458   -1.407  0.663   1.00 0.45 ? 678 VAL A C    1 
ATOM 480  O O    . VAL A 1 47  ? 6.674   -0.540  -0.161  1.00 0.50 ? 678 VAL A O    1 
ATOM 481  C CB   . VAL A 1 47  ? 5.021   -3.448  0.134   1.00 0.56 ? 678 VAL A CB   1 
ATOM 482  C CG1  . VAL A 1 47  ? 3.985   -2.323  0.084   1.00 0.58 ? 678 VAL A CG1  1 
ATOM 483  C CG2  . VAL A 1 47  ? 4.942   -4.274  -1.145  1.00 0.67 ? 678 VAL A CG2  1 
ATOM 484  H H    . VAL A 1 47  ? 6.422   -4.252  1.926   1.00 0.46 ? 678 VAL A H    1 
ATOM 485  H HA   . VAL A 1 47  ? 6.994   -3.048  -0.639  1.00 0.55 ? 678 VAL A HA   1 
ATOM 486  H HB   . VAL A 1 47  ? 4.808   -4.086  0.977   1.00 0.53 ? 678 VAL A HB   1 
ATOM 487  H HG11 . VAL A 1 47  ? 3.965   -1.812  1.036   1.00 1.06 ? 678 VAL A HG11 1 
ATOM 488  H HG12 . VAL A 1 47  ? 3.011   -2.740  -0.122  1.00 1.08 ? 678 VAL A HG12 1 
ATOM 489  H HG13 . VAL A 1 47  ? 4.251   -1.624  -0.694  1.00 1.10 ? 678 VAL A HG13 1 
ATOM 490  H HG21 . VAL A 1 47  ? 4.018   -4.830  -1.157  1.00 1.23 ? 678 VAL A HG21 1 
ATOM 491  H HG22 . VAL A 1 47  ? 5.777   -4.960  -1.178  1.00 1.15 ? 678 VAL A HG22 1 
ATOM 492  H HG23 . VAL A 1 47  ? 4.982   -3.616  -1.999  1.00 1.21 ? 678 VAL A HG23 1 
ATOM 493  N N    . ILE A 1 48  ? 6.231   -1.112  1.913   1.00 0.38 ? 679 ILE A N    1 
ATOM 494  C CA   . ILE A 1 48  ? 6.232   0.312   2.355   1.00 0.39 ? 679 ILE A CA   1 
ATOM 495  C C    . ILE A 1 48  ? 7.566   0.969   1.997   1.00 0.38 ? 679 ILE A C    1 
ATOM 496  O O    . ILE A 1 48  ? 7.643   2.161   1.770   1.00 0.45 ? 679 ILE A O    1 
ATOM 497  C CB   . ILE A 1 48  ? 6.051   0.256   3.871   1.00 0.42 ? 679 ILE A CB   1 
ATOM 498  C CG1  . ILE A 1 48  ? 4.650   -0.267  4.197   1.00 0.60 ? 679 ILE A CG1  1 
ATOM 499  C CG2  . ILE A 1 48  ? 6.220   1.658   4.459   1.00 0.65 ? 679 ILE A CG2  1 
ATOM 500  C CD1  . ILE A 1 48  ? 4.556   -0.577  5.692   1.00 0.57 ? 679 ILE A CD1  1 
ATOM 501  H H    . ILE A 1 48  ? 6.060   -1.825  2.562   1.00 0.37 ? 679 ILE A H    1 
ATOM 502  H HA   . ILE A 1 48  ? 5.413   0.849   1.903   1.00 0.46 ? 679 ILE A HA   1 
ATOM 503  H HB   . ILE A 1 48  ? 6.793   -0.405  4.296   1.00 0.49 ? 679 ILE A HB   1 
ATOM 504  H HG12 . ILE A 1 48  ? 3.917   0.482   3.936   1.00 0.91 ? 679 ILE A HG12 1 
ATOM 505  H HG13 . ILE A 1 48  ? 4.461   -1.168  3.632   1.00 0.93 ? 679 ILE A HG13 1 
ATOM 506  H HG21 . ILE A 1 48  ? 6.762   2.278   3.761   1.00 1.23 ? 679 ILE A HG21 1 
ATOM 507  H HG22 . ILE A 1 48  ? 6.769   1.595   5.386   1.00 1.29 ? 679 ILE A HG22 1 
ATOM 508  H HG23 . ILE A 1 48  ? 5.248   2.090   4.644   1.00 1.23 ? 679 ILE A HG23 1 
ATOM 509  H HD11 . ILE A 1 48  ? 3.523   -0.532  6.004   1.00 1.16 ? 679 ILE A HD11 1 
ATOM 510  H HD12 . ILE A 1 48  ? 5.132   0.149   6.247   1.00 1.17 ? 679 ILE A HD12 1 
ATOM 511  H HD13 . ILE A 1 48  ? 4.946   -1.566  5.880   1.00 1.22 ? 679 ILE A HD13 1 
ATOM 512  N N    . GLN A 1 49  ? 8.619   0.201   1.944   1.00 0.37 ? 680 GLN A N    1 
ATOM 513  C CA   . GLN A 1 49  ? 9.947   0.783   1.599   1.00 0.39 ? 680 GLN A CA   1 
ATOM 514  C C    . GLN A 1 49  ? 10.098  0.889   0.079   1.00 0.41 ? 680 GLN A C    1 
ATOM 515  O O    . GLN A 1 49  ? 10.709  1.808   -0.430  1.00 0.41 ? 680 GLN A O    1 
ATOM 516  C CB   . GLN A 1 49  ? 10.969  -0.201  2.172   1.00 0.42 ? 680 GLN A CB   1 
ATOM 517  C CG   . GLN A 1 49  ? 12.378  0.375   2.014   1.00 0.55 ? 680 GLN A CG   1 
ATOM 518  C CD   . GLN A 1 49  ? 13.402  -0.621  2.562   1.00 1.00 ? 680 GLN A CD   1 
ATOM 519  O OE1  . GLN A 1 49  ? 13.688  -1.622  1.936   1.00 1.69 ? 680 GLN A OE1  1 
ATOM 520  N NE2  . GLN A 1 49  ? 13.968  -0.388  3.715   1.00 1.66 ? 680 GLN A NE2  1 
ATOM 521  H H    . GLN A 1 49  ? 8.537   -0.757  2.129   1.00 0.40 ? 680 GLN A H    1 
ATOM 522  H HA   . GLN A 1 49  ? 10.068  1.749   2.061   1.00 0.42 ? 680 GLN A HA   1 
ATOM 523  H HB2  . GLN A 1 49  ? 10.762  -0.366  3.220   1.00 0.49 ? 680 GLN A HB2  1 
ATOM 524  H HB3  . GLN A 1 49  ? 10.904  -1.139  1.641   1.00 0.49 ? 680 GLN A HB3  1 
ATOM 525  H HG2  . GLN A 1 49  ? 12.576  0.558   0.968   1.00 0.82 ? 680 GLN A HG2  1 
ATOM 526  H HG3  . GLN A 1 49  ? 12.452  1.302   2.562   1.00 0.84 ? 680 GLN A HG3  1 
ATOM 527  H HE21 . GLN A 1 49  ? 13.737  0.419   4.220   1.00 2.17 ? 680 GLN A HE21 1 
ATOM 528  H HE22 . GLN A 1 49  ? 14.625  -1.020  4.074   1.00 2.04 ? 680 GLN A HE22 1 
ATOM 529  N N    . ARG A 1 50  ? 9.547   -0.044  -0.647  1.00 0.56 ? 681 ARG A N    1 
ATOM 530  C CA   . ARG A 1 50  ? 9.659   0.000   -2.134  1.00 0.66 ? 681 ARG A CA   1 
ATOM 531  C C    . ARG A 1 50  ? 9.012   1.275   -2.683  1.00 0.67 ? 681 ARG A C    1 
ATOM 532  O O    . ARG A 1 50  ? 9.459   1.835   -3.663  1.00 0.72 ? 681 ARG A O    1 
ATOM 533  C CB   . ARG A 1 50  ? 8.906   -1.236  -2.627  1.00 0.88 ? 681 ARG A CB   1 
ATOM 534  C CG   . ARG A 1 50  ? 9.453   -2.481  -1.927  1.00 0.97 ? 681 ARG A CG   1 
ATOM 535  C CD   . ARG A 1 50  ? 9.580   -3.622  -2.937  1.00 1.16 ? 681 ARG A CD   1 
ATOM 536  N NE   . ARG A 1 50  ? 11.016  -4.015  -2.895  1.00 1.66 ? 681 ARG A NE   1 
ATOM 537  C CZ   . ARG A 1 50  ? 11.505  -4.801  -3.816  1.00 2.03 ? 681 ARG A CZ   1 
ATOM 538  N NH1  . ARG A 1 50  ? 11.094  -4.694  -5.050  1.00 2.72 ? 681 ARG A NH1  1 
ATOM 539  N NH2  . ARG A 1 50  ? 12.405  -5.692  -3.503  1.00 2.37 ? 681 ARG A NH2  1 
ATOM 540  H H    . ARG A 1 50  ? 9.060   -0.777  -0.215  1.00 0.65 ? 681 ARG A H    1 
ATOM 541  H HA   . ARG A 1 50  ? 10.694  -0.055  -2.435  1.00 0.64 ? 681 ARG A HA   1 
ATOM 542  H HB2  . ARG A 1 50  ? 7.855   -1.129  -2.406  1.00 0.96 ? 681 ARG A HB2  1 
ATOM 543  H HB3  . ARG A 1 50  ? 9.042   -1.338  -3.694  1.00 0.98 ? 681 ARG A HB3  1 
ATOM 544  H HG2  . ARG A 1 50  ? 10.425  -2.260  -1.508  1.00 1.01 ? 681 ARG A HG2  1 
ATOM 545  H HG3  . ARG A 1 50  ? 8.779   -2.775  -1.137  1.00 1.15 ? 681 ARG A HG3  1 
ATOM 546  H HD2  . ARG A 1 50  ? 8.951   -4.452  -2.645  1.00 1.58 ? 681 ARG A HD2  1 
ATOM 547  H HD3  . ARG A 1 50  ? 9.319   -3.281  -3.927  1.00 1.49 ? 681 ARG A HD3  1 
ATOM 548  H HE   . ARG A 1 50  ? 11.594  -3.684  -2.176  1.00 2.19 ? 681 ARG A HE   1 
ATOM 549  H HH11 . ARG A 1 50  ? 10.404  -4.010  -5.290  1.00 3.10 ? 681 ARG A HH11 1 
ATOM 550  H HH12 . ARG A 1 50  ? 11.469  -5.295  -5.755  1.00 3.16 ? 681 ARG A HH12 1 
ATOM 551  H HH21 . ARG A 1 50  ? 12.721  -5.773  -2.558  1.00 2.61 ? 681 ARG A HH21 1 
ATOM 552  H HH22 . ARG A 1 50  ? 12.780  -6.293  -4.208  1.00 2.79 ? 681 ARG A HH22 1 
ATOM 553  N N    . ALA A 1 51  ? 7.959   1.736   -2.066  1.00 0.71 ? 682 ALA A N    1 
ATOM 554  C CA   . ALA A 1 51  ? 7.290   2.973   -2.567  1.00 0.83 ? 682 ALA A CA   1 
ATOM 555  C C    . ALA A 1 51  ? 7.886   4.217   -1.904  1.00 0.79 ? 682 ALA A C    1 
ATOM 556  O O    . ALA A 1 51  ? 7.987   5.265   -2.512  1.00 1.03 ? 682 ALA A O    1 
ATOM 557  C CB   . ALA A 1 51  ? 5.819   2.817   -2.183  1.00 0.98 ? 682 ALA A CB   1 
ATOM 558  H H    . ALA A 1 51  ? 7.604   1.269   -1.279  1.00 0.69 ? 682 ALA A H    1 
ATOM 559  H HA   . ALA A 1 51  ? 7.384   3.040   -3.638  1.00 0.92 ? 682 ALA A HA   1 
ATOM 560  H HB1  . ALA A 1 51  ? 5.198   3.240   -2.959  1.00 1.48 ? 682 ALA A HB1  1 
ATOM 561  H HB2  . ALA A 1 51  ? 5.634   3.334   -1.252  1.00 1.42 ? 682 ALA A HB2  1 
ATOM 562  H HB3  . ALA A 1 51  ? 5.585   1.770   -2.066  1.00 1.32 ? 682 ALA A HB3  1 
ATOM 563  N N    . MET A 1 52  ? 8.273   4.119   -0.663  1.00 0.70 ? 683 MET A N    1 
ATOM 564  C CA   . MET A 1 52  ? 8.849   5.306   0.028   1.00 0.79 ? 683 MET A CA   1 
ATOM 565  C C    . MET A 1 52  ? 10.368  5.354   -0.159  1.00 0.72 ? 683 MET A C    1 
ATOM 566  O O    . MET A 1 52  ? 10.883  6.176   -0.889  1.00 0.88 ? 683 MET A O    1 
ATOM 567  C CB   . MET A 1 52  ? 8.488   5.118   1.502   1.00 0.86 ? 683 MET A CB   1 
ATOM 568  C CG   . MET A 1 52  ? 6.967   5.044   1.642   1.00 1.34 ? 683 MET A CG   1 
ATOM 569  S SD   . MET A 1 52  ? 6.442   6.044   3.055   1.00 2.17 ? 683 MET A SD   1 
ATOM 570  C CE   . MET A 1 52  ? 6.756   4.805   4.333   1.00 2.61 ? 683 MET A CE   1 
ATOM 571  H H    . MET A 1 52  ? 8.178   3.269   -0.185  1.00 0.76 ? 683 MET A H    1 
ATOM 572  H HA   . MET A 1 52  ? 8.401   6.210   -0.347  1.00 0.94 ? 683 MET A HA   1 
ATOM 573  H HB2  . MET A 1 52  ? 8.932   4.204   1.868   1.00 1.27 ? 683 MET A HB2  1 
ATOM 574  H HB3  . MET A 1 52  ? 8.861   5.955   2.074   1.00 1.10 ? 683 MET A HB3  1 
ATOM 575  H HG2  . MET A 1 52  ? 6.504   5.422   0.743   1.00 1.78 ? 683 MET A HG2  1 
ATOM 576  H HG3  . MET A 1 52  ? 6.669   4.019   1.797   1.00 1.51 ? 683 MET A HG3  1 
ATOM 577  H HE1  . MET A 1 52  ? 6.072   3.977   4.206   1.00 2.85 ? 683 MET A HE1  1 
ATOM 578  H HE2  . MET A 1 52  ? 6.607   5.244   5.306   1.00 3.26 ? 683 MET A HE2  1 
ATOM 579  H HE3  . MET A 1 52  ? 7.775   4.454   4.249   1.00 2.77 ? 683 MET A HE3  1 
ATOM 580  N N    . SER A 1 53  ? 11.089  4.481   0.491   1.00 0.63 ? 684 SER A N    1 
ATOM 581  C CA   . SER A 1 53  ? 12.572  4.491   0.337   1.00 0.68 ? 684 SER A CA   1 
ATOM 582  C C    . SER A 1 53  ? 12.938  4.654   -1.137  1.00 0.62 ? 684 SER A C    1 
ATOM 583  O O    . SER A 1 53  ? 13.946  5.242   -1.476  1.00 0.79 ? 684 SER A O    1 
ATOM 584  C CB   . SER A 1 53  ? 13.037  3.133   0.862   1.00 0.71 ? 684 SER A CB   1 
ATOM 585  O OG   . SER A 1 53  ? 13.909  3.331   1.968   1.00 0.90 ? 684 SER A OG   1 
ATOM 586  H H    . SER A 1 53  ? 10.658  3.822   1.075   1.00 0.66 ? 684 SER A H    1 
ATOM 587  H HA   . SER A 1 53  ? 13.008  5.286   0.923   1.00 0.80 ? 684 SER A HA   1 
ATOM 588  H HB2  . SER A 1 53  ? 12.185  2.556   1.182   1.00 0.72 ? 684 SER A HB2  1 
ATOM 589  H HB3  . SER A 1 53  ? 13.553  2.601   0.074   1.00 0.91 ? 684 SER A HB3  1 
ATOM 590  H HG   . SER A 1 53  ? 14.649  2.728   1.874   1.00 1.27 ? 684 SER A HG   1 
ATOM 591  N N    . LYS A 1 54  ? 12.120  4.150   -2.019  1.00 0.47 ? 685 LYS A N    1 
ATOM 592  C CA   . LYS A 1 54  ? 12.419  4.291   -3.470  1.00 0.49 ? 685 LYS A CA   1 
ATOM 593  C C    . LYS A 1 54  ? 12.443  5.763   -3.841  1.00 0.55 ? 685 LYS A C    1 
ATOM 594  O O    . LYS A 1 54  ? 13.488  6.384   -3.870  1.00 0.91 ? 685 LYS A O    1 
ATOM 595  C CB   . LYS A 1 54  ? 11.286  3.560   -4.191  1.00 0.49 ? 685 LYS A CB   1 
ATOM 596  C CG   . LYS A 1 54  ? 11.322  3.890   -5.685  1.00 0.74 ? 685 LYS A CG   1 
ATOM 597  C CD   . LYS A 1 54  ? 12.371  3.017   -6.375  1.00 0.90 ? 685 LYS A CD   1 
ATOM 598  C CE   . LYS A 1 54  ? 11.676  1.848   -7.076  1.00 1.34 ? 685 LYS A CE   1 
ATOM 599  N NZ   . LYS A 1 54  ? 12.778  1.059   -7.692  1.00 1.92 ? 685 LYS A NZ   1 
ATOM 600  H H    . LYS A 1 54  ? 11.307  3.685   -1.728  1.00 0.44 ? 685 LYS A H    1 
ATOM 601  H HA   . LYS A 1 54  ? 13.363  3.843   -3.705  1.00 0.59 ? 685 LYS A HA   1 
ATOM 602  H HB2  . LYS A 1 54  ? 11.406  2.494   -4.055  1.00 0.59 ? 685 LYS A HB2  1 
ATOM 603  H HB3  . LYS A 1 54  ? 10.339  3.871   -3.778  1.00 0.60 ? 685 LYS A HB3  1 
ATOM 604  H HG2  . LYS A 1 54  ? 10.351  3.695   -6.118  1.00 1.27 ? 685 LYS A HG2  1 
ATOM 605  H HG3  . LYS A 1 54  ? 11.575  4.929   -5.822  1.00 1.29 ? 685 LYS A HG3  1 
ATOM 606  H HD2  . LYS A 1 54  ? 12.908  3.608   -7.103  1.00 1.32 ? 685 LYS A HD2  1 
ATOM 607  H HD3  . LYS A 1 54  ? 13.062  2.634   -5.640  1.00 1.44 ? 685 LYS A HD3  1 
ATOM 608  H HE2  . LYS A 1 54  ? 11.135  1.249   -6.356  1.00 1.74 ? 685 LYS A HE2  1 
ATOM 609  H HE3  . LYS A 1 54  ? 11.008  2.214   -7.842  1.00 1.61 ? 685 LYS A HE3  1 
ATOM 610  H HZ1  . LYS A 1 54  ? 13.372  0.650   -6.944  1.00 2.19 ? 685 LYS A HZ1  1 
ATOM 611  H HZ2  . LYS A 1 54  ? 13.354  1.681   -8.294  1.00 2.47 ? 685 LYS A HZ2  1 
ATOM 612  H HZ3  . LYS A 1 54  ? 12.375  0.293   -8.269  1.00 2.27 ? 685 LYS A HZ3  1 
ATOM 613  N N    . HIS A 1 55  ? 11.311  6.341   -4.118  1.00 0.57 ? 686 HIS A N    1 
ATOM 614  C CA   . HIS A 1 55  ? 11.318  7.779   -4.469  1.00 0.60 ? 686 HIS A CA   1 
ATOM 615  C C    . HIS A 1 55  ? 12.152  8.525   -3.428  1.00 0.65 ? 686 HIS A C    1 
ATOM 616  O O    . HIS A 1 55  ? 13.338  8.709   -3.606  1.00 1.18 ? 686 HIS A O    1 
ATOM 617  C CB   . HIS A 1 55  ? 9.852   8.220   -4.442  1.00 0.65 ? 686 HIS A CB   1 
ATOM 618  C CG   . HIS A 1 55  ? 9.461   8.730   -5.800  1.00 0.66 ? 686 HIS A CG   1 
ATOM 619  N ND1  . HIS A 1 55  ? 8.436   8.161   -6.538  1.00 0.95 ? 686 HIS A ND1  1 
ATOM 620  C CD2  . HIS A 1 55  ? 9.945   9.764   -6.562  1.00 0.83 ? 686 HIS A CD2  1 
ATOM 621  C CE1  . HIS A 1 55  ? 8.335   8.849   -7.690  1.00 1.24 ? 686 HIS A CE1  1 
ATOM 622  N NE2  . HIS A 1 55  ? 9.232   9.838   -7.756  1.00 1.13 ? 686 HIS A NE2  1 
ATOM 623  H H    . HIS A 1 55  ? 10.472  5.838   -4.086  1.00 0.84 ? 686 HIS A H    1 
ATOM 624  H HA   . HIS A 1 55  ? 11.735  7.914   -5.453  1.00 0.64 ? 686 HIS A HA   1 
ATOM 625  H HB2  . HIS A 1 55  ? 9.226   7.380   -4.179  1.00 0.78 ? 686 HIS A HB2  1 
ATOM 626  H HB3  . HIS A 1 55  ? 9.721   9.007   -3.719  1.00 0.92 ? 686 HIS A HB3  1 
ATOM 627  H HD1  . HIS A 1 55  ? 7.885   7.396   -6.271  1.00 1.06 ? 686 HIS A HD1  1 
ATOM 628  H HD2  . HIS A 1 55  ? 10.753  10.422  -6.274  1.00 0.92 ? 686 HIS A HD2  1 
ATOM 629  H HE1  . HIS A 1 55  ? 7.615   8.631   -8.464  1.00 1.61 ? 686 HIS A HE1  1 
ATOM 630  N N    . ASN A 1 56  ? 11.551  8.918   -2.327  1.00 0.69 ? 687 ASN A N    1 
ATOM 631  C CA   . ASN A 1 56  ? 12.309  9.624   -1.245  1.00 0.68 ? 687 ASN A CA   1 
ATOM 632  C C    . ASN A 1 56  ? 11.354  10.415  -0.340  1.00 0.71 ? 687 ASN A C    1 
ATOM 633  O O    . ASN A 1 56  ? 11.511  11.608  -0.168  1.00 1.09 ? 687 ASN A O    1 
ATOM 634  C CB   . ASN A 1 56  ? 13.270  10.597  -1.942  1.00 0.81 ? 687 ASN A CB   1 
ATOM 635  C CG   . ASN A 1 56  ? 12.578  11.257  -3.138  1.00 1.12 ? 687 ASN A CG   1 
ATOM 636  O OD1  . ASN A 1 56  ? 12.792  10.869  -4.270  1.00 1.71 ? 687 ASN A OD1  1 
ATOM 637  N ND2  . ASN A 1 56  ? 11.754  12.249  -2.937  1.00 1.76 ? 687 ASN A ND2  1 
ATOM 638  H H    . ASN A 1 56  ? 10.604  8.724   -2.200  1.00 1.08 ? 687 ASN A H    1 
ATOM 639  H HA   . ASN A 1 56  ? 12.872  8.905   -0.667  1.00 0.71 ? 687 ASN A HA   1 
ATOM 640  H HB2  . ASN A 1 56  ? 13.572  11.360  -1.241  1.00 1.14 ? 687 ASN A HB2  1 
ATOM 641  H HB3  . ASN A 1 56  ? 14.142  10.059  -2.279  1.00 0.92 ? 687 ASN A HB3  1 
ATOM 642  H HD21 . ASN A 1 56  ? 11.583  12.566  -2.026  1.00 2.26 ? 687 ASN A HD21 1 
ATOM 643  H HD22 . ASN A 1 56  ? 11.307  12.677  -3.696  1.00 2.13 ? 687 ASN A HD22 1 
ATOM 644  N N    . LEU A 1 57  ? 10.375  9.781   0.252   1.00 0.71 ? 688 LEU A N    1 
ATOM 645  C CA   . LEU A 1 57  ? 9.453   10.538  1.140   1.00 0.78 ? 688 LEU A CA   1 
ATOM 646  C C    . LEU A 1 57  ? 9.384   9.890   2.522   1.00 0.83 ? 688 LEU A C    1 
ATOM 647  O O    . LEU A 1 57  ? 10.221  9.090   2.890   1.00 1.67 ? 688 LEU A O    1 
ATOM 648  C CB   . LEU A 1 57  ? 8.077   10.534  0.445   1.00 0.84 ? 688 LEU A CB   1 
ATOM 649  C CG   . LEU A 1 57  ? 7.677   9.136   -0.060  1.00 0.94 ? 688 LEU A CG   1 
ATOM 650  C CD1  . LEU A 1 57  ? 8.468   8.784   -1.318  1.00 0.98 ? 688 LEU A CD1  1 
ATOM 651  C CD2  . LEU A 1 57  ? 7.928   8.082   1.022   1.00 1.67 ? 688 LEU A CD2  1 
ATOM 652  H H    . LEU A 1 57  ? 10.254  8.821   0.125   1.00 0.92 ? 688 LEU A H    1 
ATOM 653  H HA   . LEU A 1 57  ? 9.796   11.554  1.240   1.00 0.87 ? 688 LEU A HA   1 
ATOM 654  H HB2  . LEU A 1 57  ? 7.334   10.875  1.143   1.00 0.91 ? 688 LEU A HB2  1 
ATOM 655  H HB3  . LEU A 1 57  ? 8.107   11.214  -0.394  1.00 0.94 ? 688 LEU A HB3  1 
ATOM 656  H HG   . LEU A 1 57  ? 6.625   9.145   -0.305  1.00 1.63 ? 688 LEU A HG   1 
ATOM 657  H HD11 . LEU A 1 57  ? 9.135   7.962   -1.106  1.00 1.53 ? 688 LEU A HD11 1 
ATOM 658  H HD12 . LEU A 1 57  ? 9.043   9.642   -1.633  1.00 1.55 ? 688 LEU A HD12 1 
ATOM 659  H HD13 . LEU A 1 57  ? 7.785   8.500   -2.105  1.00 1.54 ? 688 LEU A HD13 1 
ATOM 660  H HD21 . LEU A 1 57  ? 8.977   7.831   1.047   1.00 2.19 ? 688 LEU A HD21 1 
ATOM 661  H HD22 . LEU A 1 57  ? 7.350   7.197   0.800   1.00 2.05 ? 688 LEU A HD22 1 
ATOM 662  H HD23 . LEU A 1 57  ? 7.626   8.473   1.982   1.00 2.25 ? 688 LEU A HD23 1 
ATOM 663  N N    . GLU A 1 58  ? 8.393   10.239  3.289   1.00 1.01 ? 689 GLU A N    1 
ATOM 664  C CA   . GLU A 1 58  ? 8.252   9.661   4.655   1.00 1.05 ? 689 GLU A CA   1 
ATOM 665  C C    . GLU A 1 58  ? 8.595   8.168   4.659   1.00 0.92 ? 689 GLU A C    1 
ATOM 666  O O    . GLU A 1 58  ? 8.670   7.532   3.626   1.00 1.10 ? 689 GLU A O    1 
ATOM 667  C CB   . GLU A 1 58  ? 6.786   9.869   4.995   1.00 1.21 ? 689 GLU A CB   1 
ATOM 668  C CG   . GLU A 1 58  ? 6.667   10.733  6.252   1.00 1.49 ? 689 GLU A CG   1 
ATOM 669  C CD   . GLU A 1 58  ? 7.019   12.182  5.912   1.00 1.87 ? 689 GLU A CD   1 
ATOM 670  O OE1  . GLU A 1 58  ? 7.163   12.475  4.736   1.00 2.14 ? 689 GLU A OE1  1 
ATOM 671  O OE2  . GLU A 1 58  ? 7.141   12.974  6.832   1.00 2.50 ? 689 GLU A OE2  1 
ATOM 672  H H    . GLU A 1 58  ? 7.736   10.891  2.968   1.00 1.71 ? 689 GLU A H    1 
ATOM 673  H HA   . GLU A 1 58  ? 8.866   10.193  5.357   1.00 1.20 ? 689 GLU A HA   1 
ATOM 674  H HB2  . GLU A 1 58  ? 6.298   10.362  4.168   1.00 1.28 ? 689 GLU A HB2  1 
ATOM 675  H HB3  . GLU A 1 58  ? 6.322   8.915   5.169   1.00 1.18 ? 689 GLU A HB3  1 
ATOM 676  H HG2  . GLU A 1 58  ? 5.655   10.686  6.627   1.00 1.60 ? 689 GLU A HG2  1 
ATOM 677  H HG3  . GLU A 1 58  ? 7.347   10.367  7.006   1.00 1.71 ? 689 GLU A HG3  1 
ATOM 678  N N    . SER A 1 59  ? 8.796   7.604   5.820   1.00 0.84 ? 690 SER A N    1 
ATOM 679  C CA   . SER A 1 59  ? 9.129   6.152   5.901   1.00 0.86 ? 690 SER A CA   1 
ATOM 680  C C    . SER A 1 59  ? 8.253   5.467   6.956   1.00 0.76 ? 690 SER A C    1 
ATOM 681  O O    . SER A 1 59  ? 7.896   6.060   7.952   1.00 0.99 ? 690 SER A O    1 
ATOM 682  C CB   . SER A 1 59  ? 10.599  6.105   6.312   1.00 1.15 ? 690 SER A CB   1 
ATOM 683  O OG   . SER A 1 59  ? 10.719  6.492   7.675   1.00 1.64 ? 690 SER A OG   1 
ATOM 684  H H    . SER A 1 59  ? 8.727   8.136   6.640   1.00 0.95 ? 690 SER A H    1 
ATOM 685  H HA   . SER A 1 59  ? 9.000   5.682   4.939   1.00 0.88 ? 690 SER A HA   1 
ATOM 686  H HB2  . SER A 1 59  ? 10.976  5.103   6.194   1.00 1.34 ? 690 SER A HB2  1 
ATOM 687  H HB3  . SER A 1 59  ? 11.169  6.778   5.684   1.00 1.40 ? 690 SER A HB3  1 
ATOM 688  H HG   . SER A 1 59  ? 11.563  6.936   7.784   1.00 1.98 ? 690 SER A HG   1 
ATOM 689  N N    . ASP A 1 60  ? 7.914   4.219   6.737   1.00 0.69 ? 691 ASP A N    1 
ATOM 690  C CA   . ASP A 1 60  ? 7.055   3.456   7.707   1.00 0.59 ? 691 ASP A CA   1 
ATOM 691  C C    . ASP A 1 60  ? 5.773   4.231   8.044   1.00 0.51 ? 691 ASP A C    1 
ATOM 692  O O    . ASP A 1 60  ? 5.818   5.366   8.473   1.00 0.54 ? 691 ASP A O    1 
ATOM 693  C CB   . ASP A 1 60  ? 7.875   3.220   8.991   1.00 0.65 ? 691 ASP A CB   1 
ATOM 694  C CG   . ASP A 1 60  ? 9.286   3.813   8.888   1.00 0.81 ? 691 ASP A CG   1 
ATOM 695  O OD1  . ASP A 1 60  ? 10.158  3.132   8.374   1.00 1.23 ? 691 ASP A OD1  1 
ATOM 696  O OD2  . ASP A 1 60  ? 9.469   4.938   9.326   1.00 1.53 ? 691 ASP A OD2  1 
ATOM 697  H H    . ASP A 1 60  ? 8.228   3.774   5.922   1.00 0.88 ? 691 ASP A H    1 
ATOM 698  H HA   . ASP A 1 60  ? 6.795   2.502   7.279   1.00 0.59 ? 691 ASP A HA   1 
ATOM 699  H HB2  . ASP A 1 60  ? 7.357   3.675   9.821   1.00 0.65 ? 691 ASP A HB2  1 
ATOM 700  H HB3  . ASP A 1 60  ? 7.951   2.156   9.167   1.00 0.68 ? 691 ASP A HB3  1 
ATOM 701  N N    . PRO A 1 61  ? 4.662   3.576   7.848   1.00 0.46 ? 692 PRO A N    1 
ATOM 702  C CA   . PRO A 1 61  ? 3.349   4.185   8.135   1.00 0.43 ? 692 PRO A CA   1 
ATOM 703  C C    . PRO A 1 61  ? 2.963   3.964   9.593   1.00 0.44 ? 692 PRO A C    1 
ATOM 704  O O    . PRO A 1 61  ? 1.806   3.827   9.936   1.00 0.46 ? 692 PRO A O    1 
ATOM 705  C CB   . PRO A 1 61  ? 2.405   3.439   7.202   1.00 0.44 ? 692 PRO A CB   1 
ATOM 706  C CG   . PRO A 1 61  ? 3.083   2.135   6.894   1.00 0.44 ? 692 PRO A CG   1 
ATOM 707  C CD   . PRO A 1 61  ? 4.520   2.218   7.348   1.00 0.50 ? 692 PRO A CD   1 
ATOM 708  H HA   . PRO A 1 61  ? 3.360   5.227   7.911   1.00 0.45 ? 692 PRO A HA   1 
ATOM 709  H HB2  . PRO A 1 61  ? 1.459   3.263   7.694   1.00 0.46 ? 692 PRO A HB2  1 
ATOM 710  H HB3  . PRO A 1 61  ? 2.255   3.995   6.294   1.00 0.49 ? 692 PRO A HB3  1 
ATOM 711  H HG2  . PRO A 1 61  ? 2.582   1.339   7.412   1.00 0.41 ? 692 PRO A HG2  1 
ATOM 712  H HG3  . PRO A 1 61  ? 3.056   1.957   5.834   1.00 0.54 ? 692 PRO A HG3  1 
ATOM 713  H HD2  . PRO A 1 61  ? 4.713   1.506   8.136   1.00 0.57 ? 692 PRO A HD2  1 
ATOM 714  H HD3  . PRO A 1 61  ? 5.187   2.057   6.517   1.00 0.65 ? 692 PRO A HD3  1 
ATOM 715  N N    . ALA A 1 62  ? 3.934   3.934   10.444  1.00 0.48 ? 693 ALA A N    1 
ATOM 716  C CA   . ALA A 1 62  ? 3.671   3.729   11.887  1.00 0.54 ? 693 ALA A CA   1 
ATOM 717  C C    . ALA A 1 62  ? 2.689   4.784   12.420  1.00 0.57 ? 693 ALA A C    1 
ATOM 718  O O    . ALA A 1 62  ? 1.496   4.690   12.207  1.00 0.79 ? 693 ALA A O    1 
ATOM 719  C CB   . ALA A 1 62  ? 5.044   3.888   12.524  1.00 0.64 ? 693 ALA A CB   1 
ATOM 720  H H    . ALA A 1 62  ? 4.851   4.047   10.131  1.00 0.50 ? 693 ALA A H    1 
ATOM 721  H HA   . ALA A 1 62  ? 3.296   2.736   12.066  1.00 0.55 ? 693 ALA A HA   1 
ATOM 722  H HB1  . ALA A 1 62  ? 5.707   3.129   12.136  1.00 1.18 ? 693 ALA A HB1  1 
ATOM 723  H HB2  . ALA A 1 62  ? 4.960   3.787   13.593  1.00 1.15 ? 693 ALA A HB2  1 
ATOM 724  H HB3  . ALA A 1 62  ? 5.437   4.865   12.280  1.00 1.30 ? 693 ALA A HB3  1 
ATOM 725  N N    . GLU A 1 63  ? 3.175   5.782   13.114  1.00 0.82 ? 694 GLU A N    1 
ATOM 726  C CA   . GLU A 1 63  ? 2.258   6.828   13.656  1.00 0.90 ? 694 GLU A CA   1 
ATOM 727  C C    . GLU A 1 63  ? 2.423   8.137   12.879  1.00 0.97 ? 694 GLU A C    1 
ATOM 728  O O    . GLU A 1 63  ? 1.461   8.817   12.585  1.00 1.25 ? 694 GLU A O    1 
ATOM 729  C CB   . GLU A 1 63  ? 2.687   7.011   15.112  1.00 0.91 ? 694 GLU A CB   1 
ATOM 730  C CG   . GLU A 1 63  ? 2.258   5.791   15.929  1.00 0.98 ? 694 GLU A CG   1 
ATOM 731  C CD   . GLU A 1 63  ? 2.383   6.105   17.421  1.00 1.36 ? 694 GLU A CD   1 
ATOM 732  O OE1  . GLU A 1 63  ? 2.113   7.235   17.793  1.00 2.07 ? 694 GLU A OE1  1 
ATOM 733  O OE2  . GLU A 1 63  ? 2.748   5.210   18.165  1.00 1.66 ? 694 GLU A OE2  1 
ATOM 734  H H    . GLU A 1 63  ? 4.137   5.846   13.281  1.00 1.14 ? 694 GLU A H    1 
ATOM 735  H HA   . GLU A 1 63  ? 1.235   6.491   13.614  1.00 0.93 ? 694 GLU A HA   1 
ATOM 736  H HB2  . GLU A 1 63  ? 3.761   7.119   15.160  1.00 0.87 ? 694 GLU A HB2  1 
ATOM 737  H HB3  . GLU A 1 63  ? 2.217   7.896   15.517  1.00 1.02 ? 694 GLU A HB3  1 
ATOM 738  H HG2  . GLU A 1 63  ? 1.231   5.545   15.696  1.00 1.06 ? 694 GLU A HG2  1 
ATOM 739  H HG3  . GLU A 1 63  ? 2.893   4.953   15.684  1.00 1.01 ? 694 GLU A HG3  1 
ATOM 740  N N    . GLU A 1 64  ? 3.636   8.492   12.544  1.00 1.13 ? 695 GLU A N    1 
ATOM 741  C CA   . GLU A 1 64  ? 3.863   9.756   11.782  1.00 1.22 ? 695 GLU A CA   1 
ATOM 742  C C    . GLU A 1 64  ? 2.794   9.921   10.713  1.00 0.99 ? 695 GLU A C    1 
ATOM 743  O O    . GLU A 1 64  ? 2.244   10.987  10.520  1.00 1.80 ? 695 GLU A O    1 
ATOM 744  C CB   . GLU A 1 64  ? 5.223   9.580   11.112  1.00 1.44 ? 695 GLU A CB   1 
ATOM 745  C CG   . GLU A 1 64  ? 5.845   10.952  10.857  1.00 1.45 ? 695 GLU A CG   1 
ATOM 746  C CD   . GLU A 1 64  ? 6.913   11.236  11.914  1.00 1.58 ? 695 GLU A CD   1 
ATOM 747  O OE1  . GLU A 1 64  ? 6.724   10.819  13.046  1.00 2.25 ? 695 GLU A OE1  1 
ATOM 748  O OE2  . GLU A 1 64  ? 7.901   11.866  11.576  1.00 1.65 ? 695 GLU A OE2  1 
ATOM 749  H H    . GLU A 1 64  ? 4.397   7.927   12.792  1.00 1.41 ? 695 GLU A H    1 
ATOM 750  H HA   . GLU A 1 64  ? 3.879   10.608  12.441  1.00 1.52 ? 695 GLU A HA   1 
ATOM 751  H HB2  . GLU A 1 64  ? 5.869   9.001   11.753  1.00 1.85 ? 695 GLU A HB2  1 
ATOM 752  H HB3  . GLU A 1 64  ? 5.093   9.067   10.169  1.00 1.51 ? 695 GLU A HB3  1 
ATOM 753  H HG2  . GLU A 1 64  ? 6.296   10.962  9.875   1.00 1.48 ? 695 GLU A HG2  1 
ATOM 754  H HG3  . GLU A 1 64  ? 5.077   11.708  10.909  1.00 1.50 ? 695 GLU A HG3  1 
ATOM 755  N N    . TYR A 1 65  ? 2.509   8.869   10.007  1.00 0.90 ? 696 TYR A N    1 
ATOM 756  C CA   . TYR A 1 65  ? 1.489   8.951   8.937   1.00 0.57 ? 696 TYR A CA   1 
ATOM 757  C C    . TYR A 1 65  ? 0.786   7.598   8.787   1.00 0.47 ? 696 TYR A C    1 
ATOM 758  O O    . TYR A 1 65  ? 1.329   6.566   9.134   1.00 0.55 ? 696 TYR A O    1 
ATOM 759  C CB   . TYR A 1 65  ? 2.295   9.333   7.690   1.00 0.68 ? 696 TYR A CB   1 
ATOM 760  C CG   . TYR A 1 65  ? 2.827   8.100   7.001   1.00 0.47 ? 696 TYR A CG   1 
ATOM 761  C CD1  . TYR A 1 65  ? 1.976   7.321   6.212   1.00 1.26 ? 696 TYR A CD1  1 
ATOM 762  C CD2  . TYR A 1 65  ? 4.172   7.743   7.144   1.00 1.22 ? 696 TYR A CD2  1 
ATOM 763  C CE1  . TYR A 1 65  ? 2.469   6.184   5.567   1.00 1.32 ? 696 TYR A CE1  1 
ATOM 764  C CE2  . TYR A 1 65  ? 4.667   6.606   6.498   1.00 1.25 ? 696 TYR A CE2  1 
ATOM 765  C CZ   . TYR A 1 65  ? 3.814   5.826   5.708   1.00 0.69 ? 696 TYR A CZ   1 
ATOM 766  O OH   . TYR A 1 65  ? 4.299   4.702   5.069   1.00 0.97 ? 696 TYR A OH   1 
ATOM 767  H H    . TYR A 1 65  ? 2.975   8.024   10.175  1.00 1.66 ? 696 TYR A H    1 
ATOM 768  H HA   . TYR A 1 65  ? 0.774   9.724   9.161   1.00 0.73 ? 696 TYR A HA   1 
ATOM 769  H HB2  . TYR A 1 65  ? 1.664   9.878   7.009   1.00 1.02 ? 696 TYR A HB2  1 
ATOM 770  H HB3  . TYR A 1 65  ? 3.126   9.959   7.987   1.00 0.98 ? 696 TYR A HB3  1 
ATOM 771  H HD1  . TYR A 1 65  ? 0.937   7.595   6.104   1.00 2.11 ? 696 TYR A HD1  1 
ATOM 772  H HD2  . TYR A 1 65  ? 4.829   8.344   7.756   1.00 2.08 ? 696 TYR A HD2  1 
ATOM 773  H HE1  . TYR A 1 65  ? 1.811   5.583   4.960   1.00 2.19 ? 696 TYR A HE1  1 
ATOM 774  H HE2  . TYR A 1 65  ? 5.705   6.331   6.608   1.00 2.11 ? 696 TYR A HE2  1 
ATOM 775  H HH   . TYR A 1 65  ? 3.732   4.522   4.316   1.00 1.22 ? 696 TYR A HH   1 
ATOM 776  N N    . GLU A 1 66  ? -0.420  7.589   8.291   1.00 0.44 ? 697 GLU A N    1 
ATOM 777  C CA   . GLU A 1 66  ? -1.147  6.295   8.145   1.00 0.45 ? 697 GLU A CA   1 
ATOM 778  C C    . GLU A 1 66  ? -1.552  6.059   6.689   1.00 0.46 ? 697 GLU A C    1 
ATOM 779  O O    . GLU A 1 66  ? -1.607  6.973   5.891   1.00 0.52 ? 697 GLU A O    1 
ATOM 780  C CB   . GLU A 1 66  ? -2.388  6.441   9.026   1.00 0.58 ? 697 GLU A CB   1 
ATOM 781  C CG   . GLU A 1 66  ? -2.023  6.129   10.479  1.00 1.35 ? 697 GLU A CG   1 
ATOM 782  C CD   . GLU A 1 66  ? -3.181  6.531   11.395  1.00 1.51 ? 697 GLU A CD   1 
ATOM 783  O OE1  . GLU A 1 66  ? -4.293  6.623   10.903  1.00 1.55 ? 697 GLU A OE1  1 
ATOM 784  O OE2  . GLU A 1 66  ? -2.934  6.739   12.571  1.00 2.23 ? 697 GLU A OE2  1 
ATOM 785  H H    . GLU A 1 66  ? -0.849  8.429   8.024   1.00 0.52 ? 697 GLU A H    1 
ATOM 786  H HA   . GLU A 1 66  ? -0.540  5.479   8.503   1.00 0.45 ? 697 GLU A HA   1 
ATOM 787  H HB2  . GLU A 1 66  ? -2.762  7.452   8.957   1.00 1.36 ? 697 GLU A HB2  1 
ATOM 788  H HB3  . GLU A 1 66  ? -3.149  5.751   8.693   1.00 0.96 ? 697 GLU A HB3  1 
ATOM 789  H HG2  . GLU A 1 66  ? -1.830  5.071   10.583  1.00 1.86 ? 697 GLU A HG2  1 
ATOM 790  H HG3  . GLU A 1 66  ? -1.139  6.685   10.755  1.00 2.08 ? 697 GLU A HG3  1 
ATOM 791  N N    . LEU A 1 67  ? -1.841  4.835   6.344   1.00 0.56 ? 698 LEU A N    1 
ATOM 792  C CA   . LEU A 1 67  ? -2.252  4.528   4.946   1.00 0.61 ? 698 LEU A CA   1 
ATOM 793  C C    . LEU A 1 67  ? -3.617  3.844   4.944   1.00 0.49 ? 698 LEU A C    1 
ATOM 794  O O    . LEU A 1 67  ? -4.200  3.598   5.983   1.00 0.71 ? 698 LEU A O    1 
ATOM 795  C CB   . LEU A 1 67  ? -1.179  3.577   4.412   1.00 0.70 ? 698 LEU A CB   1 
ATOM 796  C CG   . LEU A 1 67  ? -1.212  2.268   5.203   1.00 0.71 ? 698 LEU A CG   1 
ATOM 797  C CD1  . LEU A 1 67  ? -0.867  1.102   4.275   1.00 0.98 ? 698 LEU A CD1  1 
ATOM 798  C CD2  . LEU A 1 67  ? -0.187  2.335   6.336   1.00 0.89 ? 698 LEU A CD2  1 
ATOM 799  H H    . LEU A 1 67  ? -1.794  4.116   7.008   1.00 0.68 ? 698 LEU A H    1 
ATOM 800  H HA   . LEU A 1 67  ? -2.278  5.428   4.353   1.00 0.71 ? 698 LEU A HA   1 
ATOM 801  H HB2  . LEU A 1 67  ? -1.369  3.371   3.369   1.00 1.04 ? 698 LEU A HB2  1 
ATOM 802  H HB3  . LEU A 1 67  ? -0.207  4.035   4.518   1.00 0.91 ? 698 LEU A HB3  1 
ATOM 803  H HG   . LEU A 1 67  ? -2.199  2.120   5.616   1.00 0.95 ? 698 LEU A HG   1 
ATOM 804  H HD11 . LEU A 1 67  ? -1.344  0.202   4.635   1.00 1.56 ? 698 LEU A HD11 1 
ATOM 805  H HD12 . LEU A 1 67  ? 0.203   0.960   4.256   1.00 1.48 ? 698 LEU A HD12 1 
ATOM 806  H HD13 . LEU A 1 67  ? -1.219  1.320   3.278   1.00 1.31 ? 698 LEU A HD13 1 
ATOM 807  H HD21 . LEU A 1 67  ? -0.499  1.687   7.142   1.00 1.45 ? 698 LEU A HD21 1 
ATOM 808  H HD22 . LEU A 1 67  ? -0.116  3.350   6.697   1.00 1.39 ? 698 LEU A HD22 1 
ATOM 809  H HD23 . LEU A 1 67  ? 0.777   2.015   5.969   1.00 1.45 ? 698 LEU A HD23 1 
ATOM 810  N N    . VAL A 1 68  ? -4.132  3.527   3.791   1.00 0.32 ? 699 VAL A N    1 
ATOM 811  C CA   . VAL A 1 68  ? -5.458  2.854   3.732   1.00 0.31 ? 699 VAL A CA   1 
ATOM 812  C C    . VAL A 1 68  ? -5.615  2.115   2.401   1.00 0.28 ? 699 VAL A C    1 
ATOM 813  O O    . VAL A 1 68  ? -5.728  2.722   1.353   1.00 0.30 ? 699 VAL A O    1 
ATOM 814  C CB   . VAL A 1 68  ? -6.482  3.982   3.844   1.00 0.43 ? 699 VAL A CB   1 
ATOM 815  C CG1  . VAL A 1 68  ? -7.873  3.444   3.501   1.00 0.51 ? 699 VAL A CG1  1 
ATOM 816  C CG2  . VAL A 1 68  ? -6.488  4.529   5.272   1.00 0.65 ? 699 VAL A CG2  1 
ATOM 817  H H    . VAL A 1 68  ? -3.646  3.729   2.964   1.00 0.44 ? 699 VAL A H    1 
ATOM 818  H HA   . VAL A 1 68  ? -5.567  2.171   4.562   1.00 0.34 ? 699 VAL A HA   1 
ATOM 819  H HB   . VAL A 1 68  ? -6.223  4.772   3.154   1.00 0.48 ? 699 VAL A HB   1 
ATOM 820  H HG11 . VAL A 1 68  ? -7.990  2.456   3.921   1.00 1.10 ? 699 VAL A HG11 1 
ATOM 821  H HG12 . VAL A 1 68  ? -7.986  3.395   2.428   1.00 1.11 ? 699 VAL A HG12 1 
ATOM 822  H HG13 . VAL A 1 68  ? -8.625  4.101   3.912   1.00 1.21 ? 699 VAL A HG13 1 
ATOM 823  H HG21 . VAL A 1 68  ? -6.438  3.708   5.973   1.00 1.17 ? 699 VAL A HG21 1 
ATOM 824  H HG22 . VAL A 1 68  ? -7.394  5.091   5.440   1.00 1.02 ? 699 VAL A HG22 1 
ATOM 825  H HG23 . VAL A 1 68  ? -5.633  5.174   5.414   1.00 1.38 ? 699 VAL A HG23 1 
ATOM 826  N N    . GLN A 1 69  ? -5.623  0.811   2.431   1.00 0.33 ? 700 GLN A N    1 
ATOM 827  C CA   . GLN A 1 69  ? -5.775  0.038   1.166   1.00 0.35 ? 700 GLN A CA   1 
ATOM 828  C C    . GLN A 1 69  ? -7.254  -0.047  0.779   1.00 0.32 ? 700 GLN A C    1 
ATOM 829  O O    . GLN A 1 69  ? -8.038  -0.709  1.433   1.00 0.41 ? 700 GLN A O    1 
ATOM 830  C CB   . GLN A 1 69  ? -5.220  -1.351  1.479   1.00 0.45 ? 700 GLN A CB   1 
ATOM 831  C CG   . GLN A 1 69  ? -3.704  -1.265  1.667   1.00 0.69 ? 700 GLN A CG   1 
ATOM 832  C CD   . GLN A 1 69  ? -3.377  -1.169  3.158   1.00 1.06 ? 700 GLN A CD   1 
ATOM 833  O OE1  . GLN A 1 69  ? -3.524  -0.123  3.757   1.00 1.63 ? 700 GLN A OE1  1 
ATOM 834  N NE2  . GLN A 1 69  ? -2.939  -2.225  3.787   1.00 1.93 ? 700 GLN A NE2  1 
ATOM 835  H H    . GLN A 1 69  ? -5.530  0.339   3.285   1.00 0.40 ? 700 GLN A H    1 
ATOM 836  H HA   . GLN A 1 69  ? -5.203  0.494   0.373   1.00 0.39 ? 700 GLN A HA   1 
ATOM 837  H HB2  . GLN A 1 69  ? -5.676  -1.725  2.384   1.00 0.58 ? 700 GLN A HB2  1 
ATOM 838  H HB3  . GLN A 1 69  ? -5.442  -2.021  0.662   1.00 0.68 ? 700 GLN A HB3  1 
ATOM 839  H HG2  . GLN A 1 69  ? -3.240  -2.149  1.251   1.00 1.16 ? 700 GLN A HG2  1 
ATOM 840  H HG3  . GLN A 1 69  ? -3.328  -0.389  1.160   1.00 1.30 ? 700 GLN A HG3  1 
ATOM 841  H HE21 . GLN A 1 69  ? -2.820  -3.070  3.304   1.00 2.41 ? 700 GLN A HE21 1 
ATOM 842  H HE22 . GLN A 1 69  ? -2.726  -2.173  4.742   1.00 2.44 ? 700 GLN A HE22 1 
ATOM 843  N N    . VAL A 1 70  ? -7.640  0.618   -0.274  1.00 0.31 ? 701 VAL A N    1 
ATOM 844  C CA   . VAL A 1 70  ? -9.068  0.579   -0.702  1.00 0.35 ? 701 VAL A CA   1 
ATOM 845  C C    . VAL A 1 70  ? -9.329  -0.653  -1.573  1.00 0.37 ? 701 VAL A C    1 
ATOM 846  O O    . VAL A 1 70  ? -8.626  -0.907  -2.531  1.00 0.42 ? 701 VAL A O    1 
ATOM 847  C CB   . VAL A 1 70  ? -9.275  1.861   -1.508  1.00 0.44 ? 701 VAL A CB   1 
ATOM 848  C CG1  . VAL A 1 70  ? -10.591 1.769   -2.284  1.00 0.78 ? 701 VAL A CG1  1 
ATOM 849  C CG2  . VAL A 1 70  ? -9.328  3.057   -0.557  1.00 0.96 ? 701 VAL A CG2  1 
ATOM 850  H H    . VAL A 1 70  ? -6.991  1.147   -0.784  1.00 0.35 ? 701 VAL A H    1 
ATOM 851  H HA   . VAL A 1 70  ? -9.719  0.577   0.159   1.00 0.36 ? 701 VAL A HA   1 
ATOM 852  H HB   . VAL A 1 70  ? -8.456  1.985   -2.202  1.00 0.74 ? 701 VAL A HB   1 
ATOM 853  H HG11 . VAL A 1 70  ? -11.399 1.566   -1.598  1.00 1.24 ? 701 VAL A HG11 1 
ATOM 854  H HG12 . VAL A 1 70  ? -10.525 0.972   -3.010  1.00 1.43 ? 701 VAL A HG12 1 
ATOM 855  H HG13 . VAL A 1 70  ? -10.774 2.704   -2.792  1.00 1.32 ? 701 VAL A HG13 1 
ATOM 856  H HG21 . VAL A 1 70  ? -9.577  2.717   0.437   1.00 1.50 ? 701 VAL A HG21 1 
ATOM 857  H HG22 . VAL A 1 70  ? -10.079 3.755   -0.897  1.00 1.38 ? 701 VAL A HG22 1 
ATOM 858  H HG23 . VAL A 1 70  ? -8.365  3.546   -0.539  1.00 1.63 ? 701 VAL A HG23 1 
ATOM 859  N N    . ILE A 1 71  ? -10.335 -1.416  -1.248  1.00 0.42 ? 702 ILE A N    1 
ATOM 860  C CA   . ILE A 1 71  ? -10.643 -2.631  -2.056  1.00 0.47 ? 702 ILE A CA   1 
ATOM 861  C C    . ILE A 1 71  ? -12.065 -2.544  -2.614  1.00 0.53 ? 702 ILE A C    1 
ATOM 862  O O    . ILE A 1 71  ? -12.287 -2.057  -3.705  1.00 0.61 ? 702 ILE A O    1 
ATOM 863  C CB   . ILE A 1 71  ? -10.520 -3.797  -1.074  1.00 0.48 ? 702 ILE A CB   1 
ATOM 864  C CG1  . ILE A 1 71  ? -9.041  -4.105  -0.835  1.00 0.47 ? 702 ILE A CG1  1 
ATOM 865  C CG2  . ILE A 1 71  ? -11.212 -5.034  -1.652  1.00 0.54 ? 702 ILE A CG2  1 
ATOM 866  C CD1  . ILE A 1 71  ? -8.366  -4.428  -2.170  1.00 0.53 ? 702 ILE A CD1  1 
ATOM 867  H H    . ILE A 1 71  ? -10.888 -1.193  -0.471  1.00 0.47 ? 702 ILE A H    1 
ATOM 868  H HA   . ILE A 1 71  ? -9.929  -2.745  -2.855  1.00 0.48 ? 702 ILE A HA   1 
ATOM 869  H HB   . ILE A 1 71  ? -10.990 -3.529  -0.138  1.00 0.48 ? 702 ILE A HB   1 
ATOM 870  H HG12 . ILE A 1 71  ? -8.563  -3.245  -0.388  1.00 0.47 ? 702 ILE A HG12 1 
ATOM 871  H HG13 . ILE A 1 71  ? -8.952  -4.953  -0.174  1.00 0.50 ? 702 ILE A HG13 1 
ATOM 872  H HG21 . ILE A 1 71  ? -12.130 -5.217  -1.113  1.00 1.09 ? 702 ILE A HG21 1 
ATOM 873  H HG22 . ILE A 1 71  ? -10.561 -5.889  -1.556  1.00 1.20 ? 702 ILE A HG22 1 
ATOM 874  H HG23 . ILE A 1 71  ? -11.436 -4.866  -2.696  1.00 1.07 ? 702 ILE A HG23 1 
ATOM 875  H HD11 . ILE A 1 71  ? -7.819  -5.356  -2.080  1.00 1.12 ? 702 ILE A HD11 1 
ATOM 876  H HD12 . ILE A 1 71  ? -7.684  -3.631  -2.430  1.00 1.06 ? 702 ILE A HD12 1 
ATOM 877  H HD13 . ILE A 1 71  ? -9.117  -4.525  -2.939  1.00 1.24 ? 702 ILE A HD13 1 
ATOM 878  N N    . SER A 1 72  ? -13.031 -3.014  -1.874  1.00 0.54 ? 703 SER A N    1 
ATOM 879  C CA   . SER A 1 72  ? -14.439 -2.961  -2.359  1.00 0.62 ? 703 SER A CA   1 
ATOM 880  C C    . SER A 1 72  ? -15.383 -3.512  -1.289  1.00 0.65 ? 703 SER A C    1 
ATOM 881  O O    . SER A 1 72  ? -14.984 -4.269  -0.426  1.00 0.64 ? 703 SER A O    1 
ATOM 882  C CB   . SER A 1 72  ? -14.463 -3.848  -3.603  1.00 0.66 ? 703 SER A CB   1 
ATOM 883  O OG   . SER A 1 72  ? -15.407 -3.329  -4.531  1.00 1.35 ? 703 SER A OG   1 
ATOM 884  H H    . SER A 1 72  ? -12.829 -3.403  -0.997  1.00 0.52 ? 703 SER A H    1 
ATOM 885  H HA   . SER A 1 72  ? -14.711 -1.951  -2.620  1.00 0.64 ? 703 SER A HA   1 
ATOM 886  H HB2  . SER A 1 72  ? -13.487 -3.859  -4.059  1.00 1.23 ? 703 SER A HB2  1 
ATOM 887  H HB3  . SER A 1 72  ? -14.737 -4.856  -3.320  1.00 1.21 ? 703 SER A HB3  1 
ATOM 888  H HG   . SER A 1 72  ? -15.378 -3.874  -5.320  1.00 1.72 ? 703 SER A HG   1 
ATOM 889  N N    . GLU A 1 73  ? -16.631 -3.138  -1.336  1.00 0.71 ? 704 GLU A N    1 
ATOM 890  C CA   . GLU A 1 73  ? -17.599 -3.642  -0.320  1.00 0.77 ? 704 GLU A CA   1 
ATOM 891  C C    . GLU A 1 73  ? -17.114 -3.299  1.089   1.00 0.77 ? 704 GLU A C    1 
ATOM 892  O O    . GLU A 1 73  ? -17.369 -2.225  1.596   1.00 0.82 ? 704 GLU A O    1 
ATOM 893  C CB   . GLU A 1 73  ? -17.638 -5.157  -0.532  1.00 0.78 ? 704 GLU A CB   1 
ATOM 894  C CG   . GLU A 1 73  ? -18.180 -5.462  -1.929  1.00 0.81 ? 704 GLU A CG   1 
ATOM 895  C CD   . GLU A 1 73  ? -19.305 -6.493  -1.827  1.00 0.88 ? 704 GLU A CD   1 
ATOM 896  O OE1  . GLU A 1 73  ? -19.021 -7.615  -1.439  1.00 1.30 ? 704 GLU A OE1  1 
ATOM 897  O OE2  . GLU A 1 73  ? -20.432 -6.145  -2.138  1.00 1.32 ? 704 GLU A OE2  1 
ATOM 898  H H    . GLU A 1 73  ? -16.934 -2.526  -2.039  1.00 0.74 ? 704 GLU A H    1 
ATOM 899  H HA   . GLU A 1 73  ? -18.575 -3.222  -0.491  1.00 0.82 ? 704 GLU A HA   1 
ATOM 900  H HB2  . GLU A 1 73  ? -16.639 -5.559  -0.437  1.00 0.75 ? 704 GLU A HB2  1 
ATOM 901  H HB3  . GLU A 1 73  ? -18.280 -5.608  0.209   1.00 0.84 ? 704 GLU A HB3  1 
ATOM 902  H HG2  . GLU A 1 73  ? -18.562 -4.553  -2.373  1.00 0.83 ? 704 GLU A HG2  1 
ATOM 903  H HG3  . GLU A 1 73  ? -17.386 -5.857  -2.545  1.00 0.79 ? 704 GLU A HG3  1 
ATOM 904  N N    . ASP A 1 74  ? -16.418 -4.197  1.730   1.00 0.76 ? 705 ASP A N    1 
ATOM 905  C CA   . ASP A 1 74  ? -15.925 -3.905  3.105   1.00 0.80 ? 705 ASP A CA   1 
ATOM 906  C C    . ASP A 1 74  ? -14.583 -4.601  3.347   1.00 0.75 ? 705 ASP A C    1 
ATOM 907  O O    . ASP A 1 74  ? -14.512 -5.622  4.002   1.00 0.97 ? 705 ASP A O    1 
ATOM 908  C CB   . ASP A 1 74  ? -16.997 -4.469  4.037   1.00 0.95 ? 705 ASP A CB   1 
ATOM 909  C CG   . ASP A 1 74  ? -17.921 -3.339  4.497   1.00 1.50 ? 705 ASP A CG   1 
ATOM 910  O OD1  . ASP A 1 74  ? -17.697 -2.213  4.084   1.00 2.18 ? 705 ASP A OD1  1 
ATOM 911  O OD2  . ASP A 1 74  ? -18.837 -3.619  5.252   1.00 2.08 ? 705 ASP A OD2  1 
ATOM 912  H H    . ASP A 1 74  ? -16.219 -5.059  1.310   1.00 0.75 ? 705 ASP A H    1 
ATOM 913  H HA   . ASP A 1 74  ? -15.833 -2.842  3.250   1.00 0.80 ? 705 ASP A HA   1 
ATOM 914  H HB2  . ASP A 1 74  ? -17.575 -5.216  3.512   1.00 1.19 ? 705 ASP A HB2  1 
ATOM 915  H HB3  . ASP A 1 74  ? -16.526 -4.918  4.900   1.00 1.33 ? 705 ASP A HB3  1 
ATOM 916  N N    . LYS A 1 75  ? -13.518 -4.059  2.822   1.00 0.59 ? 706 LYS A N    1 
ATOM 917  C CA   . LYS A 1 75  ? -12.185 -4.692  3.022   1.00 0.56 ? 706 LYS A CA   1 
ATOM 918  C C    . LYS A 1 75  ? -11.075 -3.646  2.885   1.00 0.47 ? 706 LYS A C    1 
ATOM 919  O O    . LYS A 1 75  ? -10.394 -3.577  1.881   1.00 0.53 ? 706 LYS A O    1 
ATOM 920  C CB   . LYS A 1 75  ? -12.077 -5.738  1.913   1.00 0.57 ? 706 LYS A CB   1 
ATOM 921  C CG   . LYS A 1 75  ? -11.336 -6.967  2.442   1.00 0.65 ? 706 LYS A CG   1 
ATOM 922  C CD   . LYS A 1 75  ? -10.885 -7.835  1.266   1.00 0.83 ? 706 LYS A CD   1 
ATOM 923  C CE   . LYS A 1 75  ? -11.570 -9.202  1.346   1.00 1.55 ? 706 LYS A CE   1 
ATOM 924  N NZ   . LYS A 1 75  ? -12.288 -9.348  0.049   1.00 2.17 ? 706 LYS A NZ   1 
ATOM 925  H H    . LYS A 1 75  ? -13.595 -3.238  2.297   1.00 0.61 ? 706 LYS A H    1 
ATOM 926  H HA   . LYS A 1 75  ? -12.138 -5.168  3.986   1.00 0.64 ? 706 LYS A HA   1 
ATOM 927  H HB2  . LYS A 1 75  ? -13.069 -6.023  1.592   1.00 0.60 ? 706 LYS A HB2  1 
ATOM 928  H HB3  . LYS A 1 75  ? -11.533 -5.322  1.079   1.00 0.53 ? 706 LYS A HB3  1 
ATOM 929  H HG2  . LYS A 1 75  ? -10.472 -6.651  3.009   1.00 0.93 ? 706 LYS A HG2  1 
ATOM 930  H HG3  . LYS A 1 75  ? -11.995 -7.540  3.077   1.00 0.74 ? 706 LYS A HG3  1 
ATOM 931  H HD2  . LYS A 1 75  ? -11.153 -7.351  0.338   1.00 0.95 ? 706 LYS A HD2  1 
ATOM 932  H HD3  . LYS A 1 75  ? -9.814  -7.969  1.306   1.00 1.23 ? 706 LYS A HD3  1 
ATOM 933  H HE2  . LYS A 1 75  ? -10.832 -9.984  1.462   1.00 1.84 ? 706 LYS A HE2  1 
ATOM 934  H HE3  . LYS A 1 75  ? -12.274 -9.223  2.163   1.00 2.30 ? 706 LYS A HE3  1 
ATOM 935  H HZ1  . LYS A 1 75  ? -11.764 -8.848  -0.696  1.00 2.55 ? 706 LYS A HZ1  1 
ATOM 936  H HZ2  . LYS A 1 75  ? -13.243 -8.944  0.135   1.00 2.61 ? 706 LYS A HZ2  1 
ATOM 937  H HZ3  . LYS A 1 75  ? -12.358 -10.356 -0.196  1.00 2.60 ? 706 LYS A HZ3  1 
ATOM 938  N N    . GLU A 1 76  ? -10.885 -2.833  3.887   1.00 0.41 ? 707 GLU A N    1 
ATOM 939  C CA   . GLU A 1 76  ? -9.819  -1.793  3.814   1.00 0.35 ? 707 GLU A CA   1 
ATOM 940  C C    . GLU A 1 76  ? -8.771  -2.035  4.904   1.00 0.33 ? 707 GLU A C    1 
ATOM 941  O O    . GLU A 1 76  ? -9.094  -2.379  6.024   1.00 0.42 ? 707 GLU A O    1 
ATOM 942  C CB   . GLU A 1 76  ? -10.543 -0.466  4.050   1.00 0.40 ? 707 GLU A CB   1 
ATOM 943  C CG   . GLU A 1 76  ? -11.512 -0.612  5.225   1.00 0.53 ? 707 GLU A CG   1 
ATOM 944  C CD   . GLU A 1 76  ? -11.990 0.771   5.668   1.00 1.43 ? 707 GLU A CD   1 
ATOM 945  O OE1  . GLU A 1 76  ? -11.555 1.745   5.073   1.00 2.15 ? 707 GLU A OE1  1 
ATOM 946  O OE2  . GLU A 1 76  ? -12.782 0.835   6.594   1.00 2.12 ? 707 GLU A OE2  1 
ATOM 947  H H    . GLU A 1 76  ? -11.445 -2.904  4.689   1.00 0.49 ? 707 GLU A H    1 
ATOM 948  H HA   . GLU A 1 76  ? -9.359  -1.794  2.840   1.00 0.33 ? 707 GLU A HA   1 
ATOM 949  H HB2  . GLU A 1 76  ? -9.818  0.301   4.274   1.00 0.40 ? 707 GLU A HB2  1 
ATOM 950  H HB3  . GLU A 1 76  ? -11.094 -0.195  3.162   1.00 0.49 ? 707 GLU A HB3  1 
ATOM 951  H HG2  . GLU A 1 76  ? -12.361 -1.207  4.919   1.00 0.98 ? 707 GLU A HG2  1 
ATOM 952  H HG3  . GLU A 1 76  ? -11.009 -1.098  6.049   1.00 0.85 ? 707 GLU A HG3  1 
ATOM 953  N N    . LEU A 1 77  ? -7.518  -1.854  4.587   1.00 0.32 ? 708 LEU A N    1 
ATOM 954  C CA   . LEU A 1 77  ? -6.451  -2.073  5.607   1.00 0.35 ? 708 LEU A CA   1 
ATOM 955  C C    . LEU A 1 77  ? -5.826  -0.735  6.013   1.00 0.33 ? 708 LEU A C    1 
ATOM 956  O O    . LEU A 1 77  ? -5.976  0.260   5.334   1.00 0.36 ? 708 LEU A O    1 
ATOM 957  C CB   . LEU A 1 77  ? -5.416  -2.963  4.917   1.00 0.38 ? 708 LEU A CB   1 
ATOM 958  C CG   . LEU A 1 77  ? -6.030  -4.335  4.637   1.00 0.85 ? 708 LEU A CG   1 
ATOM 959  C CD1  . LEU A 1 77  ? -5.234  -5.035  3.534   1.00 1.42 ? 708 LEU A CD1  1 
ATOM 960  C CD2  . LEU A 1 77  ? -5.987  -5.182  5.910   1.00 1.15 ? 708 LEU A CD2  1 
ATOM 961  H H    . LEU A 1 77  ? -7.278  -1.575  3.677   1.00 0.36 ? 708 LEU A H    1 
ATOM 962  H HA   . LEU A 1 77  ? -6.855  -2.578  6.471   1.00 0.39 ? 708 LEU A HA   1 
ATOM 963  H HB2  . LEU A 1 77  ? -5.113  -2.506  3.987   1.00 0.63 ? 708 LEU A HB2  1 
ATOM 964  H HB3  . LEU A 1 77  ? -4.556  -3.079  5.559   1.00 0.60 ? 708 LEU A HB3  1 
ATOM 965  H HG   . LEU A 1 77  ? -7.055  -4.213  4.318   1.00 1.38 ? 708 LEU A HG   1 
ATOM 966  H HD11 . LEU A 1 77  ? -5.554  -4.667  2.570   1.00 1.97 ? 708 LEU A HD11 1 
ATOM 967  H HD12 . LEU A 1 77  ? -5.404  -6.100  3.587   1.00 1.93 ? 708 LEU A HD12 1 
ATOM 968  H HD13 . LEU A 1 77  ? -4.182  -4.832  3.665   1.00 1.81 ? 708 LEU A HD13 1 
ATOM 969  H HD21 . LEU A 1 77  ? -6.098  -6.226  5.654   1.00 1.69 ? 708 LEU A HD21 1 
ATOM 970  H HD22 . LEU A 1 77  ? -6.791  -4.886  6.568   1.00 1.67 ? 708 LEU A HD22 1 
ATOM 971  H HD23 . LEU A 1 77  ? -5.041  -5.033  6.410   1.00 1.61 ? 708 LEU A HD23 1 
ATOM 972  N N    . VAL A 1 78  ? -5.127  -0.703  7.116   1.00 0.32 ? 709 VAL A N    1 
ATOM 973  C CA   . VAL A 1 78  ? -4.497  0.575   7.561   1.00 0.33 ? 709 VAL A CA   1 
ATOM 974  C C    . VAL A 1 78  ? -3.227  0.285   8.370   1.00 0.33 ? 709 VAL A C    1 
ATOM 975  O O    . VAL A 1 78  ? -3.020  -0.814  8.841   1.00 0.34 ? 709 VAL A O    1 
ATOM 976  C CB   . VAL A 1 78  ? -5.548  1.258   8.442   1.00 0.37 ? 709 VAL A CB   1 
ATOM 977  C CG1  . VAL A 1 78  ? -5.207  2.741   8.589   1.00 0.55 ? 709 VAL A CG1  1 
ATOM 978  C CG2  . VAL A 1 78  ? -6.931  1.120   7.799   1.00 0.53 ? 709 VAL A CG2  1 
ATOM 979  H H    . VAL A 1 78  ? -5.019  -1.516  7.652   1.00 0.33 ? 709 VAL A H    1 
ATOM 980  H HA   . VAL A 1 78  ? -4.268  1.198   6.711   1.00 0.34 ? 709 VAL A HA   1 
ATOM 981  H HB   . VAL A 1 78  ? -5.555  0.793   9.418   1.00 0.43 ? 709 VAL A HB   1 
ATOM 982  H HG11 . VAL A 1 78  ? -5.781  3.165   9.400   1.00 1.07 ? 709 VAL A HG11 1 
ATOM 983  H HG12 . VAL A 1 78  ? -5.447  3.258   7.671   1.00 1.14 ? 709 VAL A HG12 1 
ATOM 984  H HG13 . VAL A 1 78  ? -4.154  2.851   8.797   1.00 1.11 ? 709 VAL A HG13 1 
ATOM 985  H HG21 . VAL A 1 78  ? -6.901  1.515   6.794   1.00 1.16 ? 709 VAL A HG21 1 
ATOM 986  H HG22 . VAL A 1 78  ? -7.655  1.671   8.381   1.00 1.22 ? 709 VAL A HG22 1 
ATOM 987  H HG23 . VAL A 1 78  ? -7.212  0.078   7.767   1.00 1.06 ? 709 VAL A HG23 1 
ATOM 988  N N    . ILE A 1 79  ? -2.377  1.267   8.530   1.00 0.35 ? 710 ILE A N    1 
ATOM 989  C CA   . ILE A 1 79  ? -1.116  1.056   9.309   1.00 0.38 ? 710 ILE A CA   1 
ATOM 990  C C    . ILE A 1 79  ? -0.292  -0.069  8.677   1.00 0.38 ? 710 ILE A C    1 
ATOM 991  O O    . ILE A 1 79  ? -0.832  -0.970  8.065   1.00 0.40 ? 710 ILE A O    1 
ATOM 992  C CB   . ILE A 1 79  ? -1.577  0.677   10.723  1.00 0.42 ? 710 ILE A CB   1 
ATOM 993  C CG1  . ILE A 1 79  ? -2.079  1.931   11.446  1.00 0.71 ? 710 ILE A CG1  1 
ATOM 994  C CG2  . ILE A 1 79  ? -0.417  0.071   11.522  1.00 0.55 ? 710 ILE A CG2  1 
ATOM 995  C CD1  . ILE A 1 79  ? -3.492  2.271   10.968  1.00 0.92 ? 710 ILE A CD1  1 
ATOM 996  H H    . ILE A 1 79  ? -2.569  2.145   8.134   1.00 0.37 ? 710 ILE A H    1 
ATOM 997  H HA   . ILE A 1 79  ? -0.540  1.968   9.341   1.00 0.41 ? 710 ILE A HA   1 
ATOM 998  H HB   . ILE A 1 79  ? -2.374  -0.043  10.659  1.00 0.50 ? 710 ILE A HB   1 
ATOM 999  H HG12 . ILE A 1 79  ? -2.093  1.750   12.510  1.00 1.03 ? 710 ILE A HG12 1 
ATOM 1000 H HG13 . ILE A 1 79  ? -1.419  2.758   11.230  1.00 0.72 ? 710 ILE A HG13 1 
ATOM 1001 H HG21 . ILE A 1 79  ? 0.176   0.865   11.952  1.00 1.20 ? 710 ILE A HG21 1 
ATOM 1002 H HG22 . ILE A 1 79  ? 0.201   -0.528  10.872  1.00 1.14 ? 710 ILE A HG22 1 
ATOM 1003 H HG23 . ILE A 1 79  ? -0.813  -0.548  12.312  1.00 1.15 ? 710 ILE A HG23 1 
ATOM 1004 H HD11 . ILE A 1 79  ? -4.164  2.282   11.812  1.00 1.50 ? 710 ILE A HD11 1 
ATOM 1005 H HD12 . ILE A 1 79  ? -3.819  1.528   10.256  1.00 1.43 ? 710 ILE A HD12 1 
ATOM 1006 H HD13 . ILE A 1 79  ? -3.487  3.244   10.497  1.00 1.35 ? 710 ILE A HD13 1 
ATOM 1007 N N    . PRO A 1 80  ? 1.000   0.025   8.844   1.00 0.39 ? 711 PRO A N    1 
ATOM 1008 C CA   . PRO A 1 80  ? 1.923   -0.994  8.280   1.00 0.41 ? 711 PRO A CA   1 
ATOM 1009 C C    . PRO A 1 80  ? 1.685   -2.363  8.924   1.00 0.42 ? 711 PRO A C    1 
ATOM 1010 O O    . PRO A 1 80  ? 0.645   -2.626  9.494   1.00 0.42 ? 711 PRO A O    1 
ATOM 1011 C CB   . PRO A 1 80  ? 3.311   -0.478  8.653   1.00 0.43 ? 711 PRO A CB   1 
ATOM 1012 C CG   . PRO A 1 80  ? 3.078   0.477   9.776   1.00 0.46 ? 711 PRO A CG   1 
ATOM 1013 C CD   . PRO A 1 80  ? 1.724   1.081   9.559   1.00 0.43 ? 711 PRO A CD   1 
ATOM 1014 H HA   . PRO A 1 80  ? 1.824   -1.045  7.208   1.00 0.41 ? 711 PRO A HA   1 
ATOM 1015 H HB2  . PRO A 1 80  ? 3.940   -1.294  8.977   1.00 0.45 ? 711 PRO A HB2  1 
ATOM 1016 H HB3  . PRO A 1 80  ? 3.758   0.030   7.817   1.00 0.42 ? 711 PRO A HB3  1 
ATOM 1017 H HG2  . PRO A 1 80  ? 3.099   -0.054  10.719  1.00 0.49 ? 711 PRO A HG2  1 
ATOM 1018 H HG3  . PRO A 1 80  ? 3.826   1.250   9.767   1.00 0.50 ? 711 PRO A HG3  1 
ATOM 1019 H HD2  . PRO A 1 80  ? 1.255   1.303   10.504  1.00 0.47 ? 711 PRO A HD2  1 
ATOM 1020 H HD3  . PRO A 1 80  ? 1.795   1.965   8.950   1.00 0.43 ? 711 PRO A HD3  1 
ATOM 1021 N N    . ASP A 1 81  ? 2.659   -3.231  8.840   1.00 0.44 ? 712 ASP A N    1 
ATOM 1022 C CA   . ASP A 1 81  ? 2.529   -4.587  9.446   1.00 0.48 ? 712 ASP A CA   1 
ATOM 1023 C C    . ASP A 1 81  ? 1.474   -5.405  8.724   1.00 0.48 ? 712 ASP A C    1 
ATOM 1024 O O    . ASP A 1 81  ? 1.181   -6.524  9.097   1.00 0.55 ? 712 ASP A O    1 
ATOM 1025 C CB   . ASP A 1 81  ? 2.110   -4.349  10.893  1.00 0.52 ? 712 ASP A CB   1 
ATOM 1026 C CG   . ASP A 1 81  ? 3.236   -4.782  11.834  1.00 0.64 ? 712 ASP A CG   1 
ATOM 1027 O OD1  . ASP A 1 81  ? 4.326   -4.249  11.704  1.00 1.38 ? 712 ASP A OD1  1 
ATOM 1028 O OD2  . ASP A 1 81  ? 2.991   -5.639  12.666  1.00 1.17 ? 712 ASP A OD2  1 
ATOM 1029 H H    . ASP A 1 81  ? 3.486   -2.985  8.379   1.00 0.45 ? 712 ASP A H    1 
ATOM 1030 H HA   . ASP A 1 81  ? 3.474   -5.103  9.411   1.00 0.51 ? 712 ASP A HA   1 
ATOM 1031 H HB2  . ASP A 1 81  ? 1.900   -3.299  11.038  1.00 0.50 ? 712 ASP A HB2  1 
ATOM 1032 H HB3  . ASP A 1 81  ? 1.222   -4.926  11.106  1.00 0.54 ? 712 ASP A HB3  1 
ATOM 1033 N N    . SER A 1 82  ? 0.921   -4.884  7.676   1.00 0.46 ? 713 SER A N    1 
ATOM 1034 C CA   . SER A 1 82  ? -0.081  -5.670  6.933   1.00 0.51 ? 713 SER A CA   1 
ATOM 1035 C C    . SER A 1 82  ? 0.654   -6.811  6.238   1.00 0.57 ? 713 SER A C    1 
ATOM 1036 O O    . SER A 1 82  ? 1.404   -6.602  5.305   1.00 0.70 ? 713 SER A O    1 
ATOM 1037 C CB   . SER A 1 82  ? -0.692  -4.702  5.928   1.00 0.50 ? 713 SER A CB   1 
ATOM 1038 O OG   . SER A 1 82  ? -2.104  -4.676  6.098   1.00 0.61 ? 713 SER A OG   1 
ATOM 1039 H H    . SER A 1 82  ? 1.183   -3.997  7.368   1.00 0.44 ? 713 SER A H    1 
ATOM 1040 H HA   . SER A 1 82  ? -0.827  -6.049  7.608   1.00 0.57 ? 713 SER A HA   1 
ATOM 1041 H HB2  . SER A 1 82  ? -0.297  -3.714  6.094   1.00 0.46 ? 713 SER A HB2  1 
ATOM 1042 H HB3  . SER A 1 82  ? -0.445  -5.022  4.927   1.00 0.56 ? 713 SER A HB3  1 
ATOM 1043 H HG   . SER A 1 82  ? -2.376  -5.529  6.446   1.00 1.03 ? 713 SER A HG   1 
ATOM 1044 N N    . ALA A 1 83  ? 0.492   -8.005  6.724   1.00 0.66 ? 714 ALA A N    1 
ATOM 1045 C CA   . ALA A 1 83  ? 1.227   -9.156  6.136   1.00 0.70 ? 714 ALA A CA   1 
ATOM 1046 C C    . ALA A 1 83  ? 0.542   -9.698  4.877   1.00 0.77 ? 714 ALA A C    1 
ATOM 1047 O O    . ALA A 1 83  ? 0.157   -10.850 4.818   1.00 1.07 ? 714 ALA A O    1 
ATOM 1048 C CB   . ALA A 1 83  ? 1.228   -10.200 7.246   1.00 0.83 ? 714 ALA A CB   1 
ATOM 1049 H H    . ALA A 1 83  ? -0.083  -8.140  7.506   1.00 0.79 ? 714 ALA A H    1 
ATOM 1050 H HA   . ALA A 1 83  ? 2.243   -8.872  5.912   1.00 0.69 ? 714 ALA A HA   1 
ATOM 1051 H HB1  . ALA A 1 83  ? 1.987   -10.939 7.043   1.00 1.31 ? 714 ALA A HB1  1 
ATOM 1052 H HB2  . ALA A 1 83  ? 0.260   -10.675 7.291   1.00 1.26 ? 714 ALA A HB2  1 
ATOM 1053 H HB3  . ALA A 1 83  ? 1.437   -9.717  8.189   1.00 1.36 ? 714 ALA A HB3  1 
ATOM 1054 N N    . ASN A 1 84  ? 0.403   -8.885  3.864   1.00 0.80 ? 715 ASN A N    1 
ATOM 1055 C CA   . ASN A 1 84  ? -0.234  -9.361  2.604   1.00 0.87 ? 715 ASN A CA   1 
ATOM 1056 C C    . ASN A 1 84  ? -1.715  -9.624  2.840   1.00 0.86 ? 715 ASN A C    1 
ATOM 1057 O O    . ASN A 1 84  ? -2.370  -10.282 2.060   1.00 1.22 ? 715 ASN A O    1 
ATOM 1058 C CB   . ASN A 1 84  ? 0.493   -10.657 2.246   1.00 1.00 ? 715 ASN A CB   1 
ATOM 1059 C CG   . ASN A 1 84  ? 1.214   -10.493 0.908   1.00 1.62 ? 715 ASN A CG   1 
ATOM 1060 O OD1  . ASN A 1 84  ? 0.714   -9.847  0.009   1.00 2.31 ? 715 ASN A OD1  1 
ATOM 1061 N ND2  . ASN A 1 84  ? 2.379   -11.056 0.739   1.00 2.32 ? 715 ASN A ND2  1 
ATOM 1062 H H    . ASN A 1 84  ? 0.721   -7.967  3.928   1.00 0.99 ? 715 ASN A H    1 
ATOM 1063 H HA   . ASN A 1 84  ? -0.101  -8.633  1.818   1.00 0.90 ? 715 ASN A HA   1 
ATOM 1064 H HB2  . ASN A 1 84  ? 1.216   -10.888 3.013   1.00 1.21 ? 715 ASN A HB2  1 
ATOM 1065 H HB3  . ASN A 1 84  ? -0.222  -11.461 2.171   1.00 1.62 ? 715 ASN A HB3  1 
ATOM 1066 H HD21 . ASN A 1 84  ? 2.781   -11.577 1.465   1.00 2.49 ? 715 ASN A HD21 1 
ATOM 1067 H HD22 . ASN A 1 84  ? 2.851   -10.960 -0.113  1.00 3.04 ? 715 ASN A HD22 1 
ATOM 1068 N N    . VAL A 1 85  ? -2.241  -9.105  3.913   1.00 0.65 ? 716 VAL A N    1 
ATOM 1069 C CA   . VAL A 1 85  ? -3.683  -9.304  4.221   1.00 0.73 ? 716 VAL A CA   1 
ATOM 1070 C C    . VAL A 1 85  ? -4.516  -9.187  2.943   1.00 0.79 ? 716 VAL A C    1 
ATOM 1071 O O    . VAL A 1 85  ? -4.934  -8.115  2.553   1.00 1.39 ? 716 VAL A O    1 
ATOM 1072 C CB   . VAL A 1 85  ? -4.023  -8.179  5.197   1.00 0.78 ? 716 VAL A CB   1 
ATOM 1073 C CG1  . VAL A 1 85  ? -3.466  -8.517  6.581   1.00 0.90 ? 716 VAL A CG1  1 
ATOM 1074 C CG2  . VAL A 1 85  ? -3.405  -6.866  4.708   1.00 0.86 ? 716 VAL A CG2  1 
ATOM 1075 H H    . VAL A 1 85  ? -1.682  -8.575  4.520   1.00 0.66 ? 716 VAL A H    1 
ATOM 1076 H HA   . VAL A 1 85  ? -3.843  -10.265 4.688   1.00 0.80 ? 716 VAL A HA   1 
ATOM 1077 H HB   . VAL A 1 85  ? -5.088  -8.072  5.258   1.00 0.88 ? 716 VAL A HB   1 
ATOM 1078 H HG11 . VAL A 1 85  ? -4.258  -8.908  7.203   1.00 1.26 ? 716 VAL A HG11 1 
ATOM 1079 H HG12 . VAL A 1 85  ? -3.061  -7.625  7.034   1.00 1.40 ? 716 VAL A HG12 1 
ATOM 1080 H HG13 . VAL A 1 85  ? -2.686  -9.258  6.484   1.00 1.49 ? 716 VAL A HG13 1 
ATOM 1081 H HG21 . VAL A 1 85  ? -2.354  -6.848  4.954   1.00 1.39 ? 716 VAL A HG21 1 
ATOM 1082 H HG22 . VAL A 1 85  ? -3.900  -6.035  5.186   1.00 1.30 ? 716 VAL A HG22 1 
ATOM 1083 H HG23 . VAL A 1 85  ? -3.525  -6.790  3.637   1.00 1.36 ? 716 VAL A HG23 1 
ATOM 1084 N N    . PHE A 1 86  ? -4.749  -10.290 2.287   1.00 0.92 ? 717 PHE A N    1 
ATOM 1085 C CA   . PHE A 1 86  ? -5.542  -10.269 1.026   1.00 0.95 ? 717 PHE A CA   1 
ATOM 1086 C C    . PHE A 1 86  ? -5.480  -11.659 0.377   1.00 0.95 ? 717 PHE A C    1 
ATOM 1087 O O    . PHE A 1 86  ? -6.482  -12.329 0.226   1.00 1.02 ? 717 PHE A O    1 
ATOM 1088 C CB   . PHE A 1 86  ? -4.880  -9.173  0.159   1.00 0.96 ? 717 PHE A CB   1 
ATOM 1089 C CG   . PHE A 1 86  ? -4.344  -9.739  -1.142  1.00 0.96 ? 717 PHE A CG   1 
ATOM 1090 C CD1  . PHE A 1 86  ? -5.221  -10.295 -2.080  1.00 1.39 ? 717 PHE A CD1  1 
ATOM 1091 C CD2  . PHE A 1 86  ? -2.968  -9.711  -1.400  1.00 1.58 ? 717 PHE A CD2  1 
ATOM 1092 C CE1  . PHE A 1 86  ? -4.722  -10.822 -3.278  1.00 1.38 ? 717 PHE A CE1  1 
ATOM 1093 C CE2  . PHE A 1 86  ? -2.470  -10.236 -2.597  1.00 1.70 ? 717 PHE A CE2  1 
ATOM 1094 C CZ   . PHE A 1 86  ? -3.346  -10.791 -3.536  1.00 1.14 ? 717 PHE A CZ   1 
ATOM 1095 H H    . PHE A 1 86  ? -4.393  -11.139 2.622   1.00 1.42 ? 717 PHE A H    1 
ATOM 1096 H HA   . PHE A 1 86  ? -6.566  -10.003 1.237   1.00 1.03 ? 717 PHE A HA   1 
ATOM 1097 H HB2  . PHE A 1 86  ? -5.611  -8.412  -0.063  1.00 1.03 ? 717 PHE A HB2  1 
ATOM 1098 H HB3  . PHE A 1 86  ? -4.067  -8.727  0.712   1.00 0.98 ? 717 PHE A HB3  1 
ATOM 1099 H HD1  . PHE A 1 86  ? -6.282  -10.317 -1.881  1.00 2.11 ? 717 PHE A HD1  1 
ATOM 1100 H HD2  . PHE A 1 86  ? -2.291  -9.282  -0.677  1.00 2.28 ? 717 PHE A HD2  1 
ATOM 1101 H HE1  . PHE A 1 86  ? -5.399  -11.250 -4.003  1.00 2.04 ? 717 PHE A HE1  1 
ATOM 1102 H HE2  . PHE A 1 86  ? -1.409  -10.213 -2.797  1.00 2.48 ? 717 PHE A HE2  1 
ATOM 1103 H HZ   . PHE A 1 86  ? -2.962  -11.198 -4.459  1.00 1.25 ? 717 PHE A HZ   1 
ATOM 1104 N N    . TYR A 1 87  ? -4.306  -12.101 0.007   1.00 0.92 ? 718 TYR A N    1 
ATOM 1105 C CA   . TYR A 1 87  ? -4.177  -13.449 -0.615  1.00 0.97 ? 718 TYR A CA   1 
ATOM 1106 C C    . TYR A 1 87  ? -4.358  -14.521 0.458   1.00 1.00 ? 718 TYR A C    1 
ATOM 1107 O O    . TYR A 1 87  ? -4.555  -15.685 0.167   1.00 1.10 ? 718 TYR A O    1 
ATOM 1108 C CB   . TYR A 1 87  ? -2.757  -13.489 -1.182  1.00 1.03 ? 718 TYR A CB   1 
ATOM 1109 C CG   . TYR A 1 87  ? -2.780  -14.119 -2.554  1.00 1.14 ? 718 TYR A CG   1 
ATOM 1110 C CD1  . TYR A 1 87  ? -3.515  -15.291 -2.774  1.00 1.69 ? 718 TYR A CD1  1 
ATOM 1111 C CD2  . TYR A 1 87  ? -2.067  -13.533 -3.606  1.00 1.67 ? 718 TYR A CD2  1 
ATOM 1112 C CE1  . TYR A 1 87  ? -3.536  -15.875 -4.046  1.00 1.82 ? 718 TYR A CE1  1 
ATOM 1113 C CE2  . TYR A 1 87  ? -2.089  -14.117 -4.878  1.00 1.77 ? 718 TYR A CE2  1 
ATOM 1114 C CZ   . TYR A 1 87  ? -2.823  -15.289 -5.098  1.00 1.44 ? 718 TYR A CZ   1 
ATOM 1115 O OH   . TYR A 1 87  ? -2.844  -15.864 -6.352  1.00 1.63 ? 718 TYR A OH   1 
ATOM 1116 H H    . TYR A 1 87  ? -3.510  -11.550 0.150   1.00 0.90 ? 718 TYR A H    1 
ATOM 1117 H HA   . TYR A 1 87  ? -4.898  -13.575 -1.406  1.00 0.99 ? 718 TYR A HA   1 
ATOM 1118 H HB2  . TYR A 1 87  ? -2.370  -12.484 -1.254  1.00 1.05 ? 718 TYR A HB2  1 
ATOM 1119 H HB3  . TYR A 1 87  ? -2.125  -14.073 -0.530  1.00 1.05 ? 718 TYR A HB3  1 
ATOM 1120 H HD1  . TYR A 1 87  ? -4.065  -15.743 -1.963  1.00 2.37 ? 718 TYR A HD1  1 
ATOM 1121 H HD2  . TYR A 1 87  ? -1.500  -12.629 -3.436  1.00 2.37 ? 718 TYR A HD2  1 
ATOM 1122 H HE1  . TYR A 1 87  ? -4.103  -16.779 -4.216  1.00 2.56 ? 718 TYR A HE1  1 
ATOM 1123 H HE2  . TYR A 1 87  ? -1.538  -13.664 -5.690  1.00 2.47 ? 718 TYR A HE2  1 
ATOM 1124 H HH   . TYR A 1 87  ? -2.784  -16.816 -6.242  1.00 1.81 ? 718 TYR A HH   1 
ATOM 1125 N N    . ALA A 1 88  ? -4.296  -14.131 1.701   1.00 1.00 ? 719 ALA A N    1 
ATOM 1126 C CA   . ALA A 1 88  ? -4.465  -15.112 2.805   1.00 1.10 ? 719 ALA A CA   1 
ATOM 1127 C C    . ALA A 1 88  ? -5.640  -16.044 2.511   1.00 1.09 ? 719 ALA A C    1 
ATOM 1128 O O    . ALA A 1 88  ? -5.554  -17.243 2.691   1.00 1.26 ? 719 ALA A O    1 
ATOM 1129 C CB   . ALA A 1 88  ? -4.759  -14.261 4.041   1.00 1.08 ? 719 ALA A CB   1 
ATOM 1130 H H    . ALA A 1 88  ? -4.138  -13.186 1.908   1.00 1.00 ? 719 ALA A H    1 
ATOM 1131 H HA   . ALA A 1 88  ? -3.559  -15.678 2.954   1.00 1.28 ? 719 ALA A HA   1 
ATOM 1132 H HB1  . ALA A 1 88  ? -5.475  -13.493 3.786   1.00 1.31 ? 719 ALA A HB1  1 
ATOM 1133 H HB2  . ALA A 1 88  ? -3.846  -13.800 4.387   1.00 1.61 ? 719 ALA A HB2  1 
ATOM 1134 H HB3  . ALA A 1 88  ? -5.166  -14.887 4.820   1.00 1.53 ? 719 ALA A HB3  1 
ATOM 1135 N N    . MET A 1 89  ? -6.743  -15.503 2.070   1.00 1.01 ? 720 MET A N    1 
ATOM 1136 C CA   . MET A 1 89  ? -7.923  -16.369 1.781   1.00 1.11 ? 720 MET A CA   1 
ATOM 1137 C C    . MET A 1 89  ? -8.462  -16.123 0.366   1.00 1.17 ? 720 MET A C    1 
ATOM 1138 O O    . MET A 1 89  ? -9.230  -16.908 -0.152  1.00 1.43 ? 720 MET A O    1 
ATOM 1139 C CB   . MET A 1 89  ? -8.967  -15.970 2.824   1.00 1.22 ? 720 MET A CB   1 
ATOM 1140 C CG   . MET A 1 89  ? -8.323  -15.958 4.212   1.00 1.75 ? 720 MET A CG   1 
ATOM 1141 S SD   . MET A 1 89  ? -9.470  -15.222 5.402   1.00 2.28 ? 720 MET A SD   1 
ATOM 1142 C CE   . MET A 1 89  ? -9.404  -16.548 6.632   1.00 2.78 ? 720 MET A CE   1 
ATOM 1143 H H    . MET A 1 89  ? -6.797  -14.531 1.941   1.00 0.96 ? 720 MET A H    1 
ATOM 1144 H HA   . MET A 1 89  ? -7.664  -17.407 1.906   1.00 1.23 ? 720 MET A HA   1 
ATOM 1145 H HB2  . MET A 1 89  ? -9.346  -14.985 2.595   1.00 1.47 ? 720 MET A HB2  1 
ATOM 1146 H HB3  . MET A 1 89  ? -9.779  -16.681 2.812   1.00 1.64 ? 720 MET A HB3  1 
ATOM 1147 H HG2  . MET A 1 89  ? -8.094  -16.971 4.511   1.00 2.23 ? 720 MET A HG2  1 
ATOM 1148 H HG3  . MET A 1 89  ? -7.413  -15.378 4.182   1.00 2.07 ? 720 MET A HG3  1 
ATOM 1149 H HE1  . MET A 1 89  ? -10.393 -16.966 6.763   1.00 2.96 ? 720 MET A HE1  1 
ATOM 1150 H HE2  . MET A 1 89  ? -9.056  -16.152 7.572   1.00 3.35 ? 720 MET A HE2  1 
ATOM 1151 H HE3  . MET A 1 89  ? -8.724  -17.317 6.293   1.00 3.01 ? 720 MET A HE3  1 
ATOM 1152 N N    . ASN A 1 90  ? -8.081  -15.043 -0.264  1.00 1.05 ? 721 ASN A N    1 
ATOM 1153 C CA   . ASN A 1 90  ? -8.601  -14.775 -1.640  1.00 1.20 ? 721 ASN A CA   1 
ATOM 1154 C C    . ASN A 1 90  ? -7.983  -13.503 -2.233  1.00 1.04 ? 721 ASN A C    1 
ATOM 1155 O O    . ASN A 1 90  ? -6.877  -13.125 -1.910  1.00 0.98 ? 721 ASN A O    1 
ATOM 1156 C CB   . ASN A 1 90  ? -10.112 -14.600 -1.459  1.00 1.37 ? 721 ASN A CB   1 
ATOM 1157 C CG   . ASN A 1 90  ? -10.420 -13.204 -0.898  1.00 1.38 ? 721 ASN A CG   1 
ATOM 1158 O OD1  . ASN A 1 90  ? -11.503 -12.690 -1.091  1.00 1.89 ? 721 ASN A OD1  1 
ATOM 1159 N ND2  . ASN A 1 90  ? -9.512  -12.566 -0.207  1.00 1.09 ? 721 ASN A ND2  1 
ATOM 1160 H H    . ASN A 1 90  ? -7.465  -14.412 0.164   1.00 0.98 ? 721 ASN A H    1 
ATOM 1161 H HA   . ASN A 1 90  ? -8.408  -15.618 -2.284  1.00 1.46 ? 721 ASN A HA   1 
ATOM 1162 H HB2  . ASN A 1 90  ? -10.602 -14.717 -2.414  1.00 1.65 ? 721 ASN A HB2  1 
ATOM 1163 H HB3  . ASN A 1 90  ? -10.480 -15.349 -0.774  1.00 1.44 ? 721 ASN A HB3  1 
ATOM 1164 H HD21 . ASN A 1 90  ? -8.637  -12.974 -0.049  1.00 0.96 ? 721 ASN A HD21 1 
ATOM 1165 H HD22 . ASN A 1 90  ? -9.709  -11.676 0.154   1.00 1.25 ? 721 ASN A HD22 1 
ATOM 1166 N N    . SER A 1 91  ? -8.701  -12.846 -3.102  1.00 1.13 ? 722 SER A N    1 
ATOM 1167 C CA   . SER A 1 91  ? -8.177  -11.596 -3.729  1.00 0.99 ? 722 SER A CA   1 
ATOM 1168 C C    . SER A 1 91  ? -9.316  -10.585 -3.895  1.00 0.86 ? 722 SER A C    1 
ATOM 1169 O O    . SER A 1 91  ? -10.373 -10.735 -3.315  1.00 0.97 ? 722 SER A O    1 
ATOM 1170 C CB   . SER A 1 91  ? -7.641  -12.030 -5.093  1.00 1.14 ? 722 SER A CB   1 
ATOM 1171 O OG   . SER A 1 91  ? -8.648  -11.835 -6.077  1.00 1.42 ? 722 SER A OG   1 
ATOM 1172 H H    . SER A 1 91  ? -9.591  -13.176 -3.347  1.00 1.38 ? 722 SER A H    1 
ATOM 1173 H HA   . SER A 1 91  ? -7.381  -11.178 -3.133  1.00 0.97 ? 722 SER A HA   1 
ATOM 1174 H HB2  . SER A 1 91  ? -6.778  -11.438 -5.348  1.00 1.27 ? 722 SER A HB2  1 
ATOM 1175 H HB3  . SER A 1 91  ? -7.359  -13.074 -5.052  1.00 1.22 ? 722 SER A HB3  1 
ATOM 1176 H HG   . SER A 1 91  ? -8.627  -12.585 -6.675  1.00 1.63 ? 722 SER A HG   1 
ATOM 1177 N N    . GLN A 1 92  ? -9.116  -9.558  -4.678  1.00 0.75 ? 723 GLN A N    1 
ATOM 1178 C CA   . GLN A 1 92  ? -10.201 -8.551  -4.869  1.00 0.73 ? 723 GLN A CA   1 
ATOM 1179 C C    . GLN A 1 92  ? -9.735  -7.413  -5.787  1.00 0.76 ? 723 GLN A C    1 
ATOM 1180 O O    . GLN A 1 92  ? -8.967  -6.558  -5.393  1.00 1.59 ? 723 GLN A O    1 
ATOM 1181 C CB   . GLN A 1 92  ? -10.503 -8.015  -3.466  1.00 0.82 ? 723 GLN A CB   1 
ATOM 1182 C CG   . GLN A 1 92  ? -9.200  -7.598  -2.778  1.00 0.83 ? 723 GLN A CG   1 
ATOM 1183 C CD   . GLN A 1 92  ? -9.288  -7.909  -1.284  1.00 1.07 ? 723 GLN A CD   1 
ATOM 1184 O OE1  . GLN A 1 92  ? -9.155  -7.027  -0.459  1.00 1.79 ? 723 GLN A OE1  1 
ATOM 1185 N NE2  . GLN A 1 92  ? -9.509  -9.137  -0.898  1.00 1.50 ? 723 GLN A NE2  1 
ATOM 1186 H H    . GLN A 1 92  ? -8.258  -9.451  -5.141  1.00 0.76 ? 723 GLN A H    1 
ATOM 1187 H HA   . GLN A 1 92  ? -11.081 -9.021  -5.276  1.00 0.85 ? 723 GLN A HA   1 
ATOM 1188 H HB2  . GLN A 1 92  ? -11.158 -7.160  -3.544  1.00 0.92 ? 723 GLN A HB2  1 
ATOM 1189 H HB3  . GLN A 1 92  ? -10.984 -8.785  -2.883  1.00 0.94 ? 723 GLN A HB3  1 
ATOM 1190 H HG2  . GLN A 1 92  ? -8.373  -8.139  -3.211  1.00 0.93 ? 723 GLN A HG2  1 
ATOM 1191 H HG3  . GLN A 1 92  ? -9.046  -6.538  -2.914  1.00 1.01 ? 723 GLN A HG3  1 
ATOM 1192 H HE21 . GLN A 1 92  ? -9.615  -9.848  -1.564  1.00 2.04 ? 723 GLN A HE21 1 
ATOM 1193 H HE22 . GLN A 1 92  ? -9.567  -9.347  0.057   1.00 1.76 ? 723 GLN A HE22 1 
ATOM 1194 N N    . VAL A 1 93  ? -10.210 -7.399  -7.005  1.00 0.73 ? 724 VAL A N    1 
ATOM 1195 C CA   . VAL A 1 93  ? -9.821  -6.318  -7.964  1.00 0.65 ? 724 VAL A CA   1 
ATOM 1196 C C    . VAL A 1 93  ? -8.347  -5.939  -7.806  1.00 0.64 ? 724 VAL A C    1 
ATOM 1197 O O    . VAL A 1 93  ? -7.559  -6.670  -7.241  1.00 0.84 ? 724 VAL A O    1 
ATOM 1198 C CB   . VAL A 1 93  ? -10.720 -5.133  -7.611  1.00 0.64 ? 724 VAL A CB   1 
ATOM 1199 C CG1  . VAL A 1 93  ? -12.173 -5.605  -7.512  1.00 1.11 ? 724 VAL A CG1  1 
ATOM 1200 C CG2  . VAL A 1 93  ? -10.288 -4.541  -6.267  1.00 1.13 ? 724 VAL A CG2  1 
ATOM 1201 H H    . VAL A 1 93  ? -10.834 -8.097  -7.288  1.00 1.40 ? 724 VAL A H    1 
ATOM 1202 H HA   . VAL A 1 93  ? -10.014 -6.630  -8.977  1.00 0.75 ? 724 VAL A HA   1 
ATOM 1203 H HB   . VAL A 1 93  ? -10.640 -4.379  -8.381  1.00 1.12 ? 724 VAL A HB   1 
ATOM 1204 H HG11 . VAL A 1 93  ? -12.789 -4.799  -7.145  1.00 1.63 ? 724 VAL A HG11 1 
ATOM 1205 H HG12 . VAL A 1 93  ? -12.233 -6.442  -6.832  1.00 1.61 ? 724 VAL A HG12 1 
ATOM 1206 H HG13 . VAL A 1 93  ? -12.519 -5.908  -8.488  1.00 1.64 ? 724 VAL A HG13 1 
ATOM 1207 H HG21 . VAL A 1 93  ? -9.216  -4.415  -6.258  1.00 1.75 ? 724 VAL A HG21 1 
ATOM 1208 H HG22 . VAL A 1 93  ? -10.579 -5.209  -5.469  1.00 1.68 ? 724 VAL A HG22 1 
ATOM 1209 H HG23 . VAL A 1 93  ? -10.764 -3.583  -6.126  1.00 1.56 ? 724 VAL A HG23 1 
ATOM 1210 N N    . ASN A 1 94  ? -7.974  -4.796  -8.314  1.00 0.60 ? 725 ASN A N    1 
ATOM 1211 C CA   . ASN A 1 94  ? -6.555  -4.356  -8.212  1.00 0.66 ? 725 ASN A CA   1 
ATOM 1212 C C    . ASN A 1 94  ? -6.274  -3.798  -6.814  1.00 0.56 ? 725 ASN A C    1 
ATOM 1213 O O    . ASN A 1 94  ? -7.176  -3.591  -6.026  1.00 0.67 ? 725 ASN A O    1 
ATOM 1214 C CB   . ASN A 1 94  ? -6.408  -3.267  -9.276  1.00 0.80 ? 725 ASN A CB   1 
ATOM 1215 C CG   . ASN A 1 94  ? -7.041  -1.965  -8.779  1.00 0.77 ? 725 ASN A CG   1 
ATOM 1216 O OD1  . ASN A 1 94  ? -6.457  -1.258  -7.982  1.00 1.26 ? 725 ASN A OD1  1 
ATOM 1217 N ND2  . ASN A 1 94  ? -8.219  -1.618  -9.218  1.00 1.29 ? 725 ASN A ND2  1 
ATOM 1218 H H    . ASN A 1 94  ? -8.629  -4.227  -8.770  1.00 0.68 ? 725 ASN A H    1 
ATOM 1219 H HA   . ASN A 1 94  ? -5.891  -5.176  -8.430  1.00 0.75 ? 725 ASN A HA   1 
ATOM 1220 H HB2  . ASN A 1 94  ? -5.362  -3.106  -9.478  1.00 0.91 ? 725 ASN A HB2  1 
ATOM 1221 H HB3  . ASN A 1 94  ? -6.904  -3.581  -10.182 1.00 0.86 ? 725 ASN A HB3  1 
ATOM 1222 H HD21 . ASN A 1 94  ? -8.691  -2.189  -9.861  1.00 1.99 ? 725 ASN A HD21 1 
ATOM 1223 H HD22 . ASN A 1 94  ? -8.634  -0.786  -8.905  1.00 1.31 ? 725 ASN A HD22 1 
ATOM 1224 N N    . PHE A 1 95  ? -5.030  -3.562  -6.495  1.00 0.49 ? 726 PHE A N    1 
ATOM 1225 C CA   . PHE A 1 95  ? -4.698  -3.029  -5.142  1.00 0.44 ? 726 PHE A CA   1 
ATOM 1226 C C    . PHE A 1 95  ? -4.200  -1.584  -5.231  1.00 0.41 ? 726 PHE A C    1 
ATOM 1227 O O    . PHE A 1 95  ? -3.285  -1.272  -5.966  1.00 0.68 ? 726 PHE A O    1 
ATOM 1228 C CB   . PHE A 1 95  ? -3.590  -3.948  -4.620  1.00 0.59 ? 726 PHE A CB   1 
ATOM 1229 C CG   . PHE A 1 95  ? -4.201  -5.095  -3.848  1.00 1.01 ? 726 PHE A CG   1 
ATOM 1230 C CD1  . PHE A 1 95  ? -5.541  -5.448  -4.056  1.00 1.64 ? 726 PHE A CD1  1 
ATOM 1231 C CD2  . PHE A 1 95  ? -3.428  -5.807  -2.923  1.00 1.91 ? 726 PHE A CD2  1 
ATOM 1232 C CE1  . PHE A 1 95  ? -6.105  -6.508  -3.341  1.00 2.16 ? 726 PHE A CE1  1 
ATOM 1233 C CE2  . PHE A 1 95  ? -3.993  -6.868  -2.208  1.00 2.44 ? 726 PHE A CE2  1 
ATOM 1234 C CZ   . PHE A 1 95  ? -5.333  -7.219  -2.417  1.00 2.30 ? 726 PHE A CZ   1 
ATOM 1235 H H    . PHE A 1 95  ? -4.315  -3.741  -7.142  1.00 0.57 ? 726 PHE A H    1 
ATOM 1236 H HA   . PHE A 1 95  ? -5.557  -3.091  -4.495  1.00 0.43 ? 726 PHE A HA   1 
ATOM 1237 H HB2  . PHE A 1 95  ? -3.024  -4.336  -5.454  1.00 0.77 ? 726 PHE A HB2  1 
ATOM 1238 H HB3  . PHE A 1 95  ? -2.935  -3.387  -3.971  1.00 0.84 ? 726 PHE A HB3  1 
ATOM 1239 H HD1  . PHE A 1 95  ? -6.138  -4.901  -4.767  1.00 2.23 ? 726 PHE A HD1  1 
ATOM 1240 H HD2  . PHE A 1 95  ? -2.395  -5.537  -2.762  1.00 2.54 ? 726 PHE A HD2  1 
ATOM 1241 H HE1  . PHE A 1 95  ? -7.137  -6.778  -3.503  1.00 2.87 ? 726 PHE A HE1  1 
ATOM 1242 H HE2  . PHE A 1 95  ? -3.397  -7.416  -1.495  1.00 3.29 ? 726 PHE A HE2  1 
ATOM 1243 H HZ   . PHE A 1 95  ? -5.771  -8.036  -1.867  1.00 2.83 ? 726 PHE A HZ   1 
ATOM 1244 N N    . ASP A 1 96  ? -4.796  -0.703  -4.474  1.00 0.41 ? 727 ASP A N    1 
ATOM 1245 C CA   . ASP A 1 96  ? -4.361  0.723   -4.495  1.00 0.39 ? 727 ASP A CA   1 
ATOM 1246 C C    . ASP A 1 96  ? -4.266  1.251   -3.060  1.00 0.37 ? 727 ASP A C    1 
ATOM 1247 O O    . ASP A 1 96  ? -5.252  1.344   -2.358  1.00 0.55 ? 727 ASP A O    1 
ATOM 1248 C CB   . ASP A 1 96  ? -5.454  1.462   -5.269  1.00 0.50 ? 727 ASP A CB   1 
ATOM 1249 C CG   . ASP A 1 96  ? -6.771  1.383   -4.496  1.00 0.63 ? 727 ASP A CG   1 
ATOM 1250 O OD1  . ASP A 1 96  ? -7.389  0.332   -4.523  1.00 1.22 ? 727 ASP A OD1  1 
ATOM 1251 O OD2  . ASP A 1 96  ? -7.139  2.376   -3.890  1.00 1.33 ? 727 ASP A OD2  1 
ATOM 1252 H H    . ASP A 1 96  ? -5.526  -0.981  -3.885  1.00 0.63 ? 727 ASP A H    1 
ATOM 1253 H HA   . ASP A 1 96  ? -3.415  0.824   -5.000  1.00 0.41 ? 727 ASP A HA   1 
ATOM 1254 H HB2  . ASP A 1 96  ? -5.169  2.497   -5.394  1.00 0.56 ? 727 ASP A HB2  1 
ATOM 1255 H HB3  . ASP A 1 96  ? -5.580  1.004   -6.239  1.00 0.53 ? 727 ASP A HB3  1 
ATOM 1256 N N    . PHE A 1 97  ? -3.086  1.584   -2.615  1.00 0.38 ? 728 PHE A N    1 
ATOM 1257 C CA   . PHE A 1 97  ? -2.935  2.090   -1.220  1.00 0.38 ? 728 PHE A CA   1 
ATOM 1258 C C    . PHE A 1 97  ? -2.556  3.572   -1.213  1.00 0.37 ? 728 PHE A C    1 
ATOM 1259 O O    . PHE A 1 97  ? -1.573  3.978   -1.803  1.00 0.43 ? 728 PHE A O    1 
ATOM 1260 C CB   . PHE A 1 97  ? -1.809  1.252   -0.614  1.00 0.47 ? 728 PHE A CB   1 
ATOM 1261 C CG   . PHE A 1 97  ? -2.025  -0.206  -0.945  1.00 0.47 ? 728 PHE A CG   1 
ATOM 1262 C CD1  . PHE A 1 97  ? -3.320  -0.690  -1.163  1.00 1.37 ? 728 PHE A CD1  1 
ATOM 1263 C CD2  . PHE A 1 97  ? -0.929  -1.072  -1.033  1.00 1.16 ? 728 PHE A CD2  1 
ATOM 1264 C CE1  . PHE A 1 97  ? -3.519  -2.041  -1.469  1.00 1.41 ? 728 PHE A CE1  1 
ATOM 1265 C CE2  . PHE A 1 97  ? -1.127  -2.423  -1.339  1.00 1.15 ? 728 PHE A CE2  1 
ATOM 1266 C CZ   . PHE A 1 97  ? -2.423  -2.907  -1.558  1.00 0.54 ? 728 PHE A CZ   1 
ATOM 1267 H H    . PHE A 1 97  ? -2.300  1.493   -3.193  1.00 0.53 ? 728 PHE A H    1 
ATOM 1268 H HA   . PHE A 1 97  ? -3.845  1.933   -0.664  1.00 0.38 ? 728 PHE A HA   1 
ATOM 1269 H HB2  . PHE A 1 97  ? -0.862  1.577   -1.020  1.00 0.51 ? 728 PHE A HB2  1 
ATOM 1270 H HB3  . PHE A 1 97  ? -1.802  1.379   0.458   1.00 0.54 ? 728 PHE A HB3  1 
ATOM 1271 H HD1  . PHE A 1 97  ? -4.165  -0.021  -1.096  1.00 2.23 ? 728 PHE A HD1  1 
ATOM 1272 H HD2  . PHE A 1 97  ? 0.071   -0.697  -0.865  1.00 2.04 ? 728 PHE A HD2  1 
ATOM 1273 H HE1  . PHE A 1 97  ? -4.517  -2.415  -1.638  1.00 2.30 ? 728 PHE A HE1  1 
ATOM 1274 H HE2  . PHE A 1 97  ? -0.283  -3.091  -1.407  1.00 1.99 ? 728 PHE A HE2  1 
ATOM 1275 H HZ   . PHE A 1 97  ? -2.576  -3.948  -1.793  1.00 0.59 ? 728 PHE A HZ   1 
ATOM 1276 N N    . ILE A 1 98  ? -3.322  4.381   -0.535  1.00 0.40 ? 729 ILE A N    1 
ATOM 1277 C CA   . ILE A 1 98  ? -3.005  5.834   -0.469  1.00 0.43 ? 729 ILE A CA   1 
ATOM 1278 C C    . ILE A 1 98  ? -2.582  6.196   0.956   1.00 0.44 ? 729 ILE A C    1 
ATOM 1279 O O    . ILE A 1 98  ? -3.307  5.967   1.904   1.00 0.61 ? 729 ILE A O    1 
ATOM 1280 C CB   . ILE A 1 98  ? -4.303  6.545   -0.845  1.00 0.49 ? 729 ILE A CB   1 
ATOM 1281 C CG1  . ILE A 1 98  ? -4.680  6.188   -2.285  1.00 0.91 ? 729 ILE A CG1  1 
ATOM 1282 C CG2  . ILE A 1 98  ? -4.111  8.058   -0.729  1.00 0.91 ? 729 ILE A CG2  1 
ATOM 1283 C CD1  . ILE A 1 98  ? -3.668  6.814   -3.247  1.00 1.71 ? 729 ILE A CD1  1 
ATOM 1284 H H    . ILE A 1 98  ? -4.103  4.027   -0.058  1.00 0.47 ? 729 ILE A H    1 
ATOM 1285 H HA   . ILE A 1 98  ? -2.226  6.084   -1.171  1.00 0.45 ? 729 ILE A HA   1 
ATOM 1286 H HB   . ILE A 1 98  ? -5.090  6.230   -0.177  1.00 0.61 ? 729 ILE A HB   1 
ATOM 1287 H HG12 . ILE A 1 98  ? -4.673  5.114   -2.403  1.00 1.31 ? 729 ILE A HG12 1 
ATOM 1288 H HG13 . ILE A 1 98  ? -5.666  6.569   -2.503  1.00 1.41 ? 729 ILE A HG13 1 
ATOM 1289 H HG21 . ILE A 1 98  ? -3.271  8.362   -1.336  1.00 1.43 ? 729 ILE A HG21 1 
ATOM 1290 H HG22 . ILE A 1 98  ? -3.923  8.319   0.302   1.00 1.47 ? 729 ILE A HG22 1 
ATOM 1291 H HG23 . ILE A 1 98  ? -5.004  8.561   -1.070  1.00 1.43 ? 729 ILE A HG23 1 
ATOM 1292 H HD11 . ILE A 1 98  ? -2.702  6.355   -3.102  1.00 2.34 ? 729 ILE A HD11 1 
ATOM 1293 H HD12 . ILE A 1 98  ? -3.598  7.874   -3.055  1.00 2.21 ? 729 ILE A HD12 1 
ATOM 1294 H HD13 . ILE A 1 98  ? -3.993  6.654   -4.264  1.00 2.06 ? 729 ILE A HD13 1 
ATOM 1295 N N    . LEU A 1 99  ? -1.413  6.747   1.120   1.00 0.52 ? 730 LEU A N    1 
ATOM 1296 C CA   . LEU A 1 99  ? -0.947  7.105   2.492   1.00 0.57 ? 730 LEU A CA   1 
ATOM 1297 C C    . LEU A 1 99  ? -0.711  8.613   2.598   1.00 0.52 ? 730 LEU A C    1 
ATOM 1298 O O    . LEU A 1 99  ? -0.469  9.284   1.614   1.00 0.62 ? 730 LEU A O    1 
ATOM 1299 C CB   . LEU A 1 99  ? 0.370   6.341   2.687   1.00 0.65 ? 730 LEU A CB   1 
ATOM 1300 C CG   . LEU A 1 99  ? 0.284   4.964   2.018   1.00 0.85 ? 730 LEU A CG   1 
ATOM 1301 C CD1  . LEU A 1 99  ? 0.615   5.095   0.531   1.00 1.53 ? 730 LEU A CD1  1 
ATOM 1302 C CD2  . LEU A 1 99  ? 1.283   4.009   2.676   1.00 1.35 ? 730 LEU A CD2  1 
ATOM 1303 H H    . LEU A 1 99  ? -0.837  6.915   0.346   1.00 0.68 ? 730 LEU A H    1 
ATOM 1304 H HA   . LEU A 1 99  ? -1.667  6.785   3.228   1.00 0.66 ? 730 LEU A HA   1 
ATOM 1305 H HB2  . LEU A 1 99  ? 1.178   6.903   2.245   1.00 1.05 ? 730 LEU A HB2  1 
ATOM 1306 H HB3  . LEU A 1 99  ? 0.555   6.213   3.742   1.00 0.99 ? 730 LEU A HB3  1 
ATOM 1307 H HG   . LEU A 1 99  ? -0.717  4.575   2.127   1.00 1.51 ? 730 LEU A HG   1 
ATOM 1308 H HD11 . LEU A 1 99  ? -0.238  4.793   -0.057  1.00 2.09 ? 730 LEU A HD11 1 
ATOM 1309 H HD12 . LEU A 1 99  ? 1.459   4.464   0.293   1.00 2.02 ? 730 LEU A HD12 1 
ATOM 1310 H HD13 . LEU A 1 99  ? 0.861   6.123   0.307   1.00 2.05 ? 730 LEU A HD13 1 
ATOM 1311 H HD21 . LEU A 1 99  ? 1.851   4.541   3.422   1.00 1.85 ? 730 LEU A HD21 1 
ATOM 1312 H HD22 . LEU A 1 99  ? 1.952   3.617   1.926   1.00 1.87 ? 730 LEU A HD22 1 
ATOM 1313 H HD23 . LEU A 1 99  ? 0.748   3.194   3.143   1.00 1.87 ? 730 LEU A HD23 1 
ATOM 1314 N N    . ARG A 1 100 ? -0.783  9.152   3.785   1.00 0.49 ? 731 ARG A N    1 
ATOM 1315 C CA   . ARG A 1 100 ? -0.564  10.618  3.952   1.00 0.51 ? 731 ARG A CA   1 
ATOM 1316 C C    . ARG A 1 100 ? -0.046  10.929  5.359   1.00 0.58 ? 731 ARG A C    1 
ATOM 1317 O O    . ARG A 1 100 ? -0.288  10.197  6.300   1.00 0.61 ? 731 ARG A O    1 
ATOM 1318 C CB   . ARG A 1 100 ? -1.929  11.259  3.729   1.00 0.62 ? 731 ARG A CB   1 
ATOM 1319 C CG   . ARG A 1 100 ? -2.985  10.452  4.471   1.00 1.23 ? 731 ARG A CG   1 
ATOM 1320 C CD   . ARG A 1 100 ? -4.033  11.401  5.053   1.00 1.45 ? 731 ARG A CD   1 
ATOM 1321 N NE   . ARG A 1 100 ? -5.168  10.523  5.452   1.00 1.64 ? 731 ARG A NE   1 
ATOM 1322 C CZ   . ARG A 1 100 ? -6.397  10.899  5.221   1.00 1.92 ? 731 ARG A CZ   1 
ATOM 1323 N NH1  . ARG A 1 100 ? -6.962  11.788  5.990   1.00 2.39 ? 731 ARG A NH1  1 
ATOM 1324 N NH2  . ARG A 1 100 ? -7.059  10.386  4.219   1.00 2.42 ? 731 ARG A NH2  1 
ATOM 1325 H H    . ARG A 1 100 ? -0.981  8.594   4.566   1.00 0.54 ? 731 ARG A H    1 
ATOM 1326 H HA   . ARG A 1 100 ? 0.124   10.974  3.214   1.00 0.50 ? 731 ARG A HA   1 
ATOM 1327 H HB2  . ARG A 1 100 ? -1.917  12.272  4.103   1.00 1.01 ? 731 ARG A HB2  1 
ATOM 1328 H HB3  . ARG A 1 100 ? -2.158  11.265  2.674   1.00 1.00 ? 731 ARG A HB3  1 
ATOM 1329 H HG2  . ARG A 1 100 ? -3.454  9.764   3.785   1.00 1.77 ? 731 ARG A HG2  1 
ATOM 1330 H HG3  . ARG A 1 100 ? -2.513  9.902   5.271   1.00 1.70 ? 731 ARG A HG3  1 
ATOM 1331 H HD2  . ARG A 1 100 ? -3.631  11.917  5.914   1.00 1.75 ? 731 ARG A HD2  1 
ATOM 1332 H HD3  . ARG A 1 100 ? -4.355  12.107  4.304   1.00 1.84 ? 731 ARG A HD3  1 
ATOM 1333 H HE   . ARG A 1 100 ? -4.993  9.662   5.887   1.00 1.96 ? 731 ARG A HE   1 
ATOM 1334 H HH11 . ARG A 1 100 ? -6.455  12.182  6.756   1.00 2.67 ? 731 ARG A HH11 1 
ATOM 1335 H HH12 . ARG A 1 100 ? -7.903  12.076  5.813   1.00 2.84 ? 731 ARG A HH12 1 
ATOM 1336 H HH21 . ARG A 1 100 ? -6.625  9.705   3.630   1.00 2.77 ? 731 ARG A HH21 1 
ATOM 1337 H HH22 . ARG A 1 100 ? -8.000  10.674  4.042   1.00 2.80 ? 731 ARG A HH22 1 
ATOM 1338 N N    . LYS A 1 101 ? 0.667   12.011  5.506   1.00 0.69 ? 732 LYS A N    1 
ATOM 1339 C CA   . LYS A 1 101 ? 1.211   12.384  6.844   1.00 0.83 ? 732 LYS A CA   1 
ATOM 1340 C C    . LYS A 1 101 ? 0.101   12.378  7.900   1.00 0.96 ? 732 LYS A C    1 
ATOM 1341 O O    . LYS A 1 101 ? -1.070  12.291  7.587   1.00 1.06 ? 732 LYS A O    1 
ATOM 1342 C CB   . LYS A 1 101 ? 1.766   13.797  6.663   1.00 0.94 ? 732 LYS A CB   1 
ATOM 1343 C CG   . LYS A 1 101 ? 3.263   13.803  6.977   1.00 1.14 ? 732 LYS A CG   1 
ATOM 1344 C CD   . LYS A 1 101 ? 3.978   12.794  6.078   1.00 1.04 ? 732 LYS A CD   1 
ATOM 1345 C CE   . LYS A 1 101 ? 4.519   13.508  4.838   1.00 1.45 ? 732 LYS A CE   1 
ATOM 1346 N NZ   . LYS A 1 101 ? 5.330   14.640  5.369   1.00 2.36 ? 732 LYS A NZ   1 
ATOM 1347 H H    . LYS A 1 101 ? 0.850   12.583  4.731   1.00 0.72 ? 732 LYS A H    1 
ATOM 1348 H HA   . LYS A 1 101 ? 2.005   11.712  7.128   1.00 0.82 ? 732 LYS A HA   1 
ATOM 1349 H HB2  . LYS A 1 101 ? 1.609   14.116  5.642   1.00 0.90 ? 732 LYS A HB2  1 
ATOM 1350 H HB3  . LYS A 1 101 ? 1.256   14.472  7.334   1.00 1.14 ? 732 LYS A HB3  1 
ATOM 1351 H HG2  . LYS A 1 101 ? 3.663   14.792  6.800   1.00 1.66 ? 732 LYS A HG2  1 
ATOM 1352 H HG3  . LYS A 1 101 ? 3.414   13.533  8.011   1.00 1.81 ? 732 LYS A HG3  1 
ATOM 1353 H HD2  . LYS A 1 101 ? 4.796   12.345  6.622   1.00 1.33 ? 732 LYS A HD2  1 
ATOM 1354 H HD3  . LYS A 1 101 ? 3.282   12.026  5.774   1.00 1.50 ? 732 LYS A HD3  1 
ATOM 1355 H HE2  . LYS A 1 101 ? 5.140   12.837  4.260   1.00 1.98 ? 732 LYS A HE2  1 
ATOM 1356 H HE3  . LYS A 1 101 ? 3.709   13.886  4.236   1.00 1.61 ? 732 LYS A HE3  1 
ATOM 1357 H HZ1  . LYS A 1 101 ? 4.744   15.497  5.409   1.00 2.74 ? 732 LYS A HZ1  1 
ATOM 1358 H HZ2  . LYS A 1 101 ? 6.146   14.805  4.744   1.00 2.84 ? 732 LYS A HZ2  1 
ATOM 1359 H HZ3  . LYS A 1 101 ? 5.666   14.407  6.325   1.00 2.87 ? 732 LYS A HZ3  1 
ATOM 1360 N N    . LYS A 1 102 ? 0.466   12.473  9.149   1.00 1.07 ? 733 LYS A N    1 
ATOM 1361 C CA   . LYS A 1 102 ? -0.556  12.479  10.236  1.00 1.24 ? 733 LYS A CA   1 
ATOM 1362 C C    . LYS A 1 102 ? -0.029  13.259  11.440  1.00 1.46 ? 733 LYS A C    1 
ATOM 1363 O O    . LYS A 1 102 ? 0.784   14.153  11.304  1.00 1.97 ? 733 LYS A O    1 
ATOM 1364 C CB   . LYS A 1 102 ? -0.757  11.009  10.605  1.00 1.26 ? 733 LYS A CB   1 
ATOM 1365 C CG   . LYS A 1 102 ? -1.466  10.283  9.459   1.00 1.15 ? 733 LYS A CG   1 
ATOM 1366 C CD   . LYS A 1 102 ? -2.837  10.921  9.223   1.00 1.66 ? 733 LYS A CD   1 
ATOM 1367 C CE   . LYS A 1 102 ? -3.931  9.866   9.408   1.00 1.72 ? 733 LYS A CE   1 
ATOM 1368 N NZ   . LYS A 1 102 ? -5.211  10.620  9.320   1.00 2.09 ? 733 LYS A NZ   1 
ATOM 1369 H H    . LYS A 1 102 ? 1.417   12.544  9.375   1.00 1.11 ? 733 LYS A H    1 
ATOM 1370 H HA   . LYS A 1 102 ? -1.483  12.902  9.885   1.00 1.27 ? 733 LYS A HA   1 
ATOM 1371 H HB2  . LYS A 1 102 ? 0.205   10.553  10.787  1.00 1.29 ? 733 LYS A HB2  1 
ATOM 1372 H HB3  . LYS A 1 102 ? -1.359  10.942  11.497  1.00 1.47 ? 733 LYS A HB3  1 
ATOM 1373 H HG2  . LYS A 1 102 ? -0.873  10.361  8.561   1.00 1.42 ? 733 LYS A HG2  1 
ATOM 1374 H HG3  . LYS A 1 102 ? -1.595  9.243   9.717   1.00 1.17 ? 733 LYS A HG3  1 
ATOM 1375 H HD2  . LYS A 1 102 ? -2.988  11.724  9.930   1.00 2.19 ? 733 LYS A HD2  1 
ATOM 1376 H HD3  . LYS A 1 102 ? -2.884  11.311  8.217   1.00 2.30 ? 733 LYS A HD3  1 
ATOM 1377 H HE2  . LYS A 1 102 ? -3.872  9.124   8.623   1.00 1.99 ? 733 LYS A HE2  1 
ATOM 1378 H HE3  . LYS A 1 102 ? -3.842  9.398   10.376  1.00 2.25 ? 733 LYS A HE3  1 
ATOM 1379 H HZ1  . LYS A 1 102 ? -5.985  9.966   9.088   1.00 2.35 ? 733 LYS A HZ1  1 
ATOM 1380 H HZ2  . LYS A 1 102 ? -5.136  11.346  8.577   1.00 2.61 ? 733 LYS A HZ2  1 
ATOM 1381 H HZ3  . LYS A 1 102 ? -5.408  11.077  10.233  1.00 2.40 ? 733 LYS A HZ3  1 
ATOM 1382 N N    . ASN A 1 103 ? -0.485  12.932  12.618  1.00 1.78 ? 734 ASN A N    1 
ATOM 1383 C CA   . ASN A 1 103 ? -0.010  13.655  13.824  1.00 2.02 ? 734 ASN A CA   1 
ATOM 1384 C C    . ASN A 1 103 ? 1.505   13.869  13.755  1.00 2.54 ? 734 ASN A C    1 
ATOM 1385 O O    . ASN A 1 103 ? 2.229   12.973  14.157  1.00 3.10 ? 734 ASN A O    1 
ATOM 1386 C CB   . ASN A 1 103 ? -0.372  12.747  15.001  1.00 2.85 ? 734 ASN A CB   1 
ATOM 1387 C CG   . ASN A 1 103 ? 0.244   11.364  14.787  1.00 3.66 ? 734 ASN A CG   1 
ATOM 1388 O OD1  . ASN A 1 103 ? 0.679   11.041  13.699  1.00 3.96 ? 734 ASN A OD1  1 
ATOM 1389 N ND2  . ASN A 1 103 ? 0.300   10.527  15.786  1.00 4.46 ? 734 ASN A ND2  1 
ATOM 1390 O OXT  . ASN A 1 103 ? 1.913   14.926  13.302  1.00 2.99 ? 734 ASN A OXT  1 
ATOM 1391 H H    . ASN A 1 103 ? -1.140  12.213  12.707  1.00 2.22 ? 734 ASN A H    1 
ATOM 1392 H HA   . ASN A 1 103 ? -0.521  14.594  13.914  1.00 1.96 ? 734 ASN A HA   1 
ATOM 1393 H HB2  . ASN A 1 103 ? 0.010   13.175  15.916  1.00 2.99 ? 734 ASN A HB2  1 
ATOM 1394 H HB3  . ASN A 1 103 ? -1.446  12.655  15.066  1.00 3.17 ? 734 ASN A HB3  1 
ATOM 1395 H HD21 . ASN A 1 103 ? -0.051  10.786  16.663  1.00 4.60 ? 734 ASN A HD21 1 
ATOM 1396 H HD22 . ASN A 1 103 ? 0.693   9.638   15.659  1.00 5.13 ? 734 ASN A HD22 1 
# 
